data_7XYC
#
_entry.id   7XYC
#
_cell.length_a   1.00
_cell.length_b   1.00
_cell.length_c   1.00
_cell.angle_alpha   90.00
_cell.angle_beta   90.00
_cell.angle_gamma   90.00
#
_symmetry.space_group_name_H-M   'P 1'
#
_entity_poly.entity_id   1
_entity_poly.type   'polypeptide(L)'
_entity_poly.pdbx_seq_one_letter_code
;MALVKATFVKDVDGQPWRFSSVAKMKAFNYSCYLGSSVFLESWHEGAGLGSGLFKVSKGTTEVGDDGSVIVAADGTRLIR
VFDGPIFADMWGALPSSTYNSLPAIKSAYLYASSKLQQLFLGGGSYKVTGSSGIDIDPSLAGISALSRARVDTTEFTGDY
LFTITSSYSYTPAPYYNNLSVALEGLYVFGNKTEGRSGLLTGRRTTDGVKSYNGQTEIRNCTFDKFDYNIRMGHNSWRIV
FYKVNSLNALNANGILYVPSGLDDSGEILTFYHCQFFDGAGSNIRISCSSFAMTFVSCSFLNITFTIDAGSSVSVTALGC
NFENPGSQSTRRYIEITAGHTNIFNVVGGSIVTNANAGQTQALIHVSANNQINLSNLTIPYGAHYQQEADSGYHAFCSGQ
GYVSTSNCSLQLLNGAGCCPIHPSLSVFTNWNLSYANLNAWTVDKGSAPTSVAEYLSAQGPKGEGVLHVAPTTQGVNISQ
VATVSKQAGSMSMSVMVNIISASSNAGQISLAYLDAFDNNLGGVSANLGTTTGWKVIGKNTLRGRLPVGTAKVRLNIQTV
AGADVQYTNILCNII
;
_entity_poly.pdbx_strand_id   A,B,C
#
# COMPACT_ATOMS: atom_id res chain seq x y z
N GLY A 14 28.04 -3.40 -53.93
CA GLY A 14 29.17 -3.87 -53.14
C GLY A 14 28.78 -4.29 -51.74
N GLN A 15 28.62 -5.60 -51.54
CA GLN A 15 28.25 -6.12 -50.23
C GLN A 15 29.41 -5.95 -49.24
N PRO A 16 29.11 -5.70 -47.97
CA PRO A 16 30.17 -5.51 -46.99
C PRO A 16 30.95 -6.78 -46.72
N TRP A 17 32.21 -6.60 -46.34
CA TRP A 17 33.07 -7.73 -45.98
C TRP A 17 32.62 -8.34 -44.65
N ARG A 18 32.99 -9.59 -44.44
CA ARG A 18 32.58 -10.35 -43.26
C ARG A 18 33.80 -10.80 -42.46
N PHE A 19 33.73 -10.64 -41.15
CA PHE A 19 34.81 -11.02 -40.25
C PHE A 19 34.27 -12.00 -39.20
N SER A 20 34.98 -13.11 -39.02
CA SER A 20 34.59 -14.09 -38.01
C SER A 20 34.96 -13.64 -36.60
N SER A 21 36.14 -13.04 -36.44
CA SER A 21 36.63 -12.64 -35.12
C SER A 21 37.24 -11.25 -35.20
N VAL A 22 37.30 -10.58 -34.05
CA VAL A 22 37.84 -9.23 -34.00
C VAL A 22 39.33 -9.22 -34.26
N ALA A 23 40.03 -10.29 -33.86
CA ALA A 23 41.46 -10.38 -34.12
C ALA A 23 41.76 -10.39 -35.61
N LYS A 24 40.96 -11.13 -36.38
CA LYS A 24 41.12 -11.15 -37.83
C LYS A 24 40.86 -9.78 -38.42
N MET A 25 39.85 -9.06 -37.93
CA MET A 25 39.58 -7.71 -38.40
C MET A 25 40.74 -6.77 -38.11
N LYS A 26 41.32 -6.88 -36.91
CA LYS A 26 42.47 -6.05 -36.57
C LYS A 26 43.67 -6.38 -37.45
N ALA A 27 43.87 -7.67 -37.76
CA ALA A 27 45.03 -8.08 -38.55
C ALA A 27 44.93 -7.56 -39.99
N PHE A 28 43.74 -7.60 -40.58
CA PHE A 28 43.58 -7.26 -41.98
C PHE A 28 43.87 -5.77 -42.18
N ASN A 29 44.63 -5.45 -43.22
CA ASN A 29 45.03 -4.08 -43.51
C ASN A 29 44.09 -3.47 -44.54
N TYR A 30 43.73 -2.20 -44.31
CA TYR A 30 42.75 -1.51 -45.14
C TYR A 30 43.42 -0.57 -46.15
N SER A 31 44.68 -0.80 -46.48
CA SER A 31 45.36 0.06 -47.46
C SER A 31 44.73 -0.04 -48.83
N CYS A 32 44.45 -1.26 -49.28
CA CYS A 32 43.89 -1.49 -50.61
C CYS A 32 42.41 -1.85 -50.59
N TYR A 33 41.77 -1.80 -49.43
CA TYR A 33 40.37 -2.17 -49.30
C TYR A 33 39.49 -0.94 -49.53
N LEU A 34 38.68 -0.98 -50.57
CA LEU A 34 37.75 0.10 -50.90
C LEU A 34 36.34 -0.38 -50.57
N GLY A 35 35.94 -0.15 -49.33
CA GLY A 35 34.64 -0.57 -48.86
C GLY A 35 34.07 0.42 -47.87
N SER A 36 32.73 0.45 -47.79
CA SER A 36 32.07 1.41 -46.91
C SER A 36 31.84 0.83 -45.53
N SER A 37 31.56 -0.47 -45.43
CA SER A 37 31.19 -1.06 -44.15
C SER A 37 31.68 -2.50 -44.10
N VAL A 38 31.82 -3.01 -42.88
CA VAL A 38 32.17 -4.39 -42.61
C VAL A 38 31.25 -4.92 -41.51
N PHE A 39 31.11 -6.25 -41.48
CA PHE A 39 30.17 -6.92 -40.60
C PHE A 39 30.90 -8.02 -39.83
N LEU A 40 30.83 -7.97 -38.51
CA LEU A 40 31.44 -8.99 -37.65
C LEU A 40 30.33 -9.87 -37.07
N GLU A 41 30.52 -11.19 -37.17
CA GLU A 41 29.55 -12.13 -36.65
C GLU A 41 29.64 -12.26 -35.13
N SER A 42 30.85 -12.19 -34.58
CA SER A 42 31.05 -12.31 -33.15
C SER A 42 32.40 -11.70 -32.78
N TRP A 43 32.46 -11.08 -31.60
CA TRP A 43 33.72 -10.48 -31.16
C TRP A 43 34.75 -11.55 -30.81
N HIS A 44 34.30 -12.66 -30.25
CA HIS A 44 35.13 -13.82 -29.97
C HIS A 44 34.88 -14.90 -31.01
N GLU A 45 35.93 -15.63 -31.36
CA GLU A 45 35.80 -16.72 -32.33
C GLU A 45 34.97 -17.85 -31.73
N GLY A 46 33.90 -18.24 -32.43
CA GLY A 46 33.06 -19.33 -32.02
C GLY A 46 31.95 -18.98 -31.06
N ALA A 47 31.99 -17.79 -30.45
CA ALA A 47 30.95 -17.41 -29.50
C ALA A 47 29.62 -17.17 -30.21
N GLY A 48 29.65 -16.55 -31.39
CA GLY A 48 28.42 -16.25 -32.10
C GLY A 48 27.52 -15.27 -31.38
N LEU A 49 28.10 -14.23 -30.79
CA LEU A 49 27.34 -13.25 -30.03
C LEU A 49 27.87 -11.85 -30.34
N GLY A 50 26.98 -10.87 -30.22
CA GLY A 50 27.38 -9.48 -30.40
C GLY A 50 27.82 -9.11 -31.81
N SER A 51 27.08 -9.56 -32.82
CA SER A 51 27.37 -9.18 -34.19
C SER A 51 27.21 -7.67 -34.37
N GLY A 52 28.08 -7.08 -35.19
CA GLY A 52 28.10 -5.64 -35.30
C GLY A 52 28.51 -5.16 -36.68
N LEU A 53 28.16 -3.91 -36.96
CA LEU A 53 28.45 -3.29 -38.25
C LEU A 53 29.33 -2.07 -38.04
N PHE A 54 30.45 -2.02 -38.76
CA PHE A 54 31.42 -0.94 -38.67
C PHE A 54 31.52 -0.22 -40.01
N LYS A 55 31.88 1.06 -39.93
CA LYS A 55 32.24 1.85 -41.10
C LYS A 55 33.65 2.41 -40.89
N VAL A 56 34.45 2.37 -41.96
CA VAL A 56 35.86 2.75 -41.88
C VAL A 56 35.95 4.27 -41.93
N SER A 57 36.71 4.84 -40.99
CA SER A 57 36.96 6.28 -41.01
C SER A 57 38.12 6.63 -41.94
N LYS A 58 39.22 5.87 -41.86
CA LYS A 58 40.35 5.98 -42.77
C LYS A 58 40.96 7.40 -42.74
N GLY A 59 41.47 7.76 -41.57
CA GLY A 59 42.17 9.01 -41.44
C GLY A 59 41.95 9.78 -40.14
N THR A 60 40.80 9.57 -39.49
CA THR A 60 40.50 10.29 -38.27
C THR A 60 41.10 9.58 -37.06
N THR A 61 41.26 10.33 -35.97
CA THR A 61 41.85 9.82 -34.74
C THR A 61 40.87 10.06 -33.58
N GLU A 62 40.60 9.00 -32.82
CA GLU A 62 39.74 9.08 -31.65
C GLU A 62 40.36 8.31 -30.48
N VAL A 63 39.58 8.10 -29.42
CA VAL A 63 40.11 7.43 -28.23
C VAL A 63 40.53 6.00 -28.56
N GLY A 64 39.72 5.28 -29.31
CA GLY A 64 40.07 3.93 -29.71
C GLY A 64 39.60 2.86 -28.75
N ASP A 65 38.35 2.92 -28.33
CA ASP A 65 37.79 1.92 -27.44
C ASP A 65 37.57 0.61 -28.19
N ASP A 66 37.24 -0.45 -27.45
CA ASP A 66 37.06 -1.77 -28.05
C ASP A 66 35.72 -1.88 -28.76
N GLY A 67 34.62 -1.72 -28.01
CA GLY A 67 33.30 -1.87 -28.61
C GLY A 67 33.00 -0.80 -29.65
N SER A 68 33.32 0.46 -29.33
CA SER A 68 33.08 1.58 -30.21
C SER A 68 34.40 2.15 -30.70
N VAL A 69 34.36 2.70 -31.92
CA VAL A 69 35.50 3.28 -32.63
C VAL A 69 36.76 2.44 -32.39
N ILE A 70 36.69 1.17 -32.76
CA ILE A 70 37.83 0.27 -32.56
C ILE A 70 38.99 0.69 -33.44
N VAL A 71 40.20 0.33 -33.02
CA VAL A 71 41.42 0.70 -33.71
C VAL A 71 42.11 -0.56 -34.23
N ALA A 72 42.57 -0.50 -35.47
CA ALA A 72 43.27 -1.61 -36.10
C ALA A 72 44.78 -1.42 -36.00
N ALA A 73 45.51 -2.42 -36.48
CA ALA A 73 46.97 -2.35 -36.45
C ALA A 73 47.51 -1.29 -37.40
N ASP A 74 46.86 -1.12 -38.57
CA ASP A 74 47.33 -0.13 -39.53
C ASP A 74 47.21 1.28 -38.97
N GLY A 75 46.12 1.59 -38.29
CA GLY A 75 45.92 2.91 -37.73
C GLY A 75 44.51 3.44 -37.92
N THR A 76 43.85 2.99 -38.99
CA THR A 76 42.48 3.41 -39.24
C THR A 76 41.55 2.88 -38.16
N ARG A 77 40.52 3.66 -37.84
CA ARG A 77 39.58 3.35 -36.78
C ARG A 77 38.20 3.09 -37.37
N LEU A 78 37.56 2.02 -36.92
CA LEU A 78 36.26 1.57 -37.44
C LEU A 78 35.17 2.03 -36.48
N ILE A 79 34.33 2.96 -36.94
CA ILE A 79 33.25 3.48 -36.12
C ILE A 79 32.06 2.53 -36.20
N ARG A 80 31.59 2.07 -35.06
CA ARG A 80 30.44 1.18 -34.99
C ARG A 80 29.15 1.97 -35.25
N VAL A 81 28.18 1.32 -35.88
CA VAL A 81 26.84 1.89 -36.04
C VAL A 81 25.89 1.15 -35.13
N PHE A 82 25.04 1.91 -34.43
CA PHE A 82 24.14 1.36 -33.42
C PHE A 82 22.70 1.39 -33.91
N ASP A 83 22.03 0.25 -33.81
CA ASP A 83 20.61 0.14 -34.13
C ASP A 83 19.87 -0.36 -32.90
N GLY A 84 18.84 0.38 -32.49
CA GLY A 84 18.06 0.02 -31.33
C GLY A 84 18.86 0.09 -30.04
N PRO A 85 18.61 -0.84 -29.13
CA PRO A 85 19.28 -0.80 -27.82
C PRO A 85 20.76 -1.14 -27.91
N ILE A 86 21.50 -0.67 -26.91
CA ILE A 86 22.93 -0.94 -26.80
C ILE A 86 23.13 -2.14 -25.89
N PHE A 87 23.87 -3.13 -26.37
CA PHE A 87 24.10 -4.36 -25.63
C PHE A 87 25.50 -4.34 -25.02
N ALA A 88 25.59 -4.68 -23.73
CA ALA A 88 26.87 -4.67 -23.04
C ALA A 88 27.75 -5.85 -23.42
N ASP A 89 27.15 -6.99 -23.77
CA ASP A 89 27.93 -8.14 -24.22
C ASP A 89 28.62 -7.89 -25.55
N MET A 90 28.24 -6.82 -26.25
CA MET A 90 28.85 -6.50 -27.54
C MET A 90 30.33 -6.18 -27.40
N TRP A 91 30.71 -5.47 -26.34
CA TRP A 91 32.09 -5.05 -26.17
C TRP A 91 33.05 -6.24 -26.02
N GLY A 92 32.97 -6.94 -24.89
CA GLY A 92 33.81 -8.11 -24.69
C GLY A 92 33.17 -9.21 -23.86
N ALA A 93 31.93 -9.00 -23.43
CA ALA A 93 31.32 -9.89 -22.44
C ALA A 93 30.70 -11.10 -23.10
N LEU A 94 30.98 -12.28 -22.54
CA LEU A 94 30.36 -13.53 -22.95
C LEU A 94 30.05 -14.34 -21.70
N PRO A 95 29.02 -15.19 -21.74
CA PRO A 95 28.73 -16.03 -20.57
C PRO A 95 29.77 -17.13 -20.43
N SER A 96 30.40 -17.18 -19.26
CA SER A 96 31.44 -18.17 -18.98
C SER A 96 31.59 -18.29 -17.47
N SER A 97 32.52 -19.17 -17.06
CA SER A 97 32.78 -19.39 -15.65
C SER A 97 34.22 -19.06 -15.24
N THR A 98 35.12 -18.84 -16.20
CA THR A 98 36.50 -18.55 -15.87
C THR A 98 37.09 -17.43 -16.74
N TYR A 99 36.25 -16.63 -17.38
CA TYR A 99 36.69 -15.55 -18.24
C TYR A 99 36.25 -14.21 -17.65
N ASN A 100 37.22 -13.31 -17.44
CA ASN A 100 36.93 -12.02 -16.84
C ASN A 100 36.12 -11.15 -17.81
N SER A 101 35.15 -10.42 -17.26
CA SER A 101 34.31 -9.55 -18.07
C SER A 101 34.09 -8.17 -17.46
N LEU A 102 34.69 -7.87 -16.31
CA LEU A 102 34.50 -6.56 -15.70
C LEU A 102 35.01 -5.41 -16.55
N PRO A 103 36.20 -5.46 -17.16
CA PRO A 103 36.62 -4.32 -18.02
C PRO A 103 35.65 -4.04 -19.16
N ALA A 104 35.09 -5.08 -19.78
CA ALA A 104 34.15 -4.87 -20.87
C ALA A 104 32.89 -4.17 -20.39
N ILE A 105 32.36 -4.61 -19.25
CA ILE A 105 31.16 -3.97 -18.70
C ILE A 105 31.44 -2.53 -18.32
N LYS A 106 32.60 -2.28 -17.71
CA LYS A 106 32.96 -0.92 -17.31
C LYS A 106 33.09 0.00 -18.53
N SER A 107 33.75 -0.49 -19.59
CA SER A 107 33.90 0.31 -20.80
C SER A 107 32.54 0.56 -21.46
N ALA A 108 31.68 -0.46 -21.49
CA ALA A 108 30.36 -0.29 -22.09
C ALA A 108 29.54 0.74 -21.32
N TYR A 109 29.59 0.70 -19.98
CA TYR A 109 28.85 1.67 -19.20
C TYR A 109 29.42 3.07 -19.37
N LEU A 110 30.74 3.20 -19.41
CA LEU A 110 31.36 4.50 -19.60
C LEU A 110 31.00 5.09 -20.96
N TYR A 111 30.91 4.25 -21.99
CA TYR A 111 30.50 4.74 -23.31
C TYR A 111 29.02 5.09 -23.32
N ALA A 112 28.20 4.30 -22.60
CA ALA A 112 26.77 4.59 -22.54
C ALA A 112 26.47 5.86 -21.77
N SER A 113 27.39 6.28 -20.89
CA SER A 113 27.20 7.52 -20.16
C SER A 113 27.12 8.71 -21.11
N SER A 114 27.99 8.74 -22.12
CA SER A 114 27.86 9.72 -23.19
C SER A 114 26.63 9.39 -24.02
N LYS A 115 25.95 10.45 -24.49
CA LYS A 115 24.67 10.36 -25.19
C LYS A 115 23.76 9.34 -24.50
N LEU A 116 23.42 9.68 -23.26
CA LEU A 116 22.84 8.74 -22.31
C LEU A 116 21.72 7.90 -22.90
N GLN A 117 21.81 6.59 -22.67
CA GLN A 117 20.82 5.62 -23.10
C GLN A 117 20.76 4.52 -22.03
N GLN A 118 20.15 3.40 -22.41
CA GLN A 118 20.03 2.27 -21.50
C GLN A 118 20.94 1.13 -21.96
N LEU A 119 21.61 0.52 -20.99
CA LEU A 119 22.56 -0.57 -21.25
C LEU A 119 21.94 -1.89 -20.83
N PHE A 120 22.00 -2.88 -21.72
CA PHE A 120 21.38 -4.17 -21.51
C PHE A 120 22.44 -5.26 -21.50
N LEU A 121 22.30 -6.20 -20.56
CA LEU A 121 23.20 -7.35 -20.46
C LEU A 121 22.57 -8.56 -21.14
N GLY A 122 23.42 -9.41 -21.72
CA GLY A 122 22.96 -10.63 -22.33
C GLY A 122 22.69 -11.71 -21.31
N GLY A 123 22.22 -12.86 -21.81
CA GLY A 123 21.92 -13.98 -20.95
C GLY A 123 23.17 -14.77 -20.58
N GLY A 124 22.96 -15.76 -19.72
CA GLY A 124 24.03 -16.64 -19.30
C GLY A 124 24.72 -16.14 -18.03
N SER A 125 25.54 -17.01 -17.45
CA SER A 125 26.26 -16.70 -16.22
C SER A 125 27.57 -16.01 -16.57
N TYR A 126 27.79 -14.83 -16.00
CA TYR A 126 29.00 -14.05 -16.20
C TYR A 126 29.99 -14.28 -15.08
N LYS A 127 31.23 -13.86 -15.32
CA LYS A 127 32.29 -13.92 -14.33
C LYS A 127 33.05 -12.60 -14.34
N VAL A 128 33.23 -12.01 -13.16
CA VAL A 128 33.89 -10.71 -13.02
C VAL A 128 34.94 -10.82 -11.92
N THR A 129 36.09 -10.19 -12.14
CA THR A 129 37.16 -10.13 -11.16
C THR A 129 37.93 -8.83 -11.33
N GLY A 130 38.63 -8.43 -10.29
CA GLY A 130 39.42 -7.21 -10.32
C GLY A 130 39.54 -6.62 -8.93
N SER A 131 39.71 -5.29 -8.89
CA SER A 131 39.85 -4.59 -7.62
C SER A 131 39.05 -3.30 -7.58
N SER A 132 38.24 -3.01 -8.60
CA SER A 132 37.44 -1.79 -8.64
C SER A 132 35.98 -2.14 -8.85
N GLY A 133 35.10 -1.34 -8.25
CA GLY A 133 33.67 -1.52 -8.37
C GLY A 133 33.09 -0.74 -9.54
N ILE A 134 31.78 -0.86 -9.69
CA ILE A 134 31.06 -0.20 -10.78
C ILE A 134 30.29 0.99 -10.22
N ASP A 135 30.55 2.17 -10.78
CA ASP A 135 29.90 3.42 -10.37
C ASP A 135 28.67 3.62 -11.24
N ILE A 136 27.51 3.24 -10.72
CA ILE A 136 26.25 3.35 -11.44
C ILE A 136 25.69 4.74 -11.21
N ASP A 137 25.48 5.49 -12.30
CA ASP A 137 24.87 6.80 -12.22
C ASP A 137 23.44 6.70 -12.68
N PRO A 138 22.45 6.85 -11.79
CA PRO A 138 21.05 6.71 -12.23
C PRO A 138 20.63 7.72 -13.28
N SER A 139 21.18 8.92 -13.25
CA SER A 139 20.79 9.95 -14.22
C SER A 139 21.43 9.76 -15.58
N LEU A 140 22.35 8.79 -15.73
CA LEU A 140 23.05 8.59 -16.99
C LEU A 140 22.67 7.27 -17.66
N ALA A 141 22.84 6.15 -16.97
CA ALA A 141 22.59 4.85 -17.56
C ALA A 141 22.29 3.85 -16.45
N GLY A 142 22.27 2.57 -16.80
CA GLY A 142 21.99 1.52 -15.84
C GLY A 142 22.51 0.19 -16.33
N ILE A 143 22.33 -0.83 -15.50
CA ILE A 143 22.80 -2.18 -15.80
C ILE A 143 21.58 -3.10 -15.90
N SER A 144 20.46 -2.56 -16.39
CA SER A 144 19.24 -3.33 -16.53
C SER A 144 19.46 -4.51 -17.47
N ALA A 145 19.10 -5.71 -17.01
CA ALA A 145 19.26 -6.94 -17.79
C ALA A 145 17.93 -7.67 -17.79
N LEU A 146 17.34 -7.83 -18.98
CA LEU A 146 16.03 -8.47 -19.09
C LEU A 146 16.11 -9.98 -18.92
N SER A 147 17.10 -10.61 -19.53
CA SER A 147 17.14 -12.07 -19.64
C SER A 147 17.98 -12.69 -18.52
N ARG A 148 17.61 -12.35 -17.28
CA ARG A 148 18.09 -13.03 -16.07
C ARG A 148 19.62 -13.18 -16.06
N ALA A 149 20.29 -12.03 -16.07
CA ALA A 149 21.75 -12.04 -16.08
C ALA A 149 22.31 -12.46 -14.73
N ARG A 150 23.36 -13.26 -14.77
CA ARG A 150 24.03 -13.73 -13.57
C ARG A 150 25.53 -13.44 -13.68
N VAL A 151 26.09 -12.83 -12.63
CA VAL A 151 27.51 -12.54 -12.57
C VAL A 151 28.09 -13.23 -11.33
N ASP A 152 29.38 -13.55 -11.40
CA ASP A 152 30.07 -14.25 -10.33
C ASP A 152 31.16 -13.34 -9.76
N THR A 153 31.18 -13.20 -8.43
CA THR A 153 32.12 -12.31 -7.75
C THR A 153 32.94 -13.04 -6.70
N THR A 154 33.09 -14.36 -6.82
CA THR A 154 33.88 -15.11 -5.84
C THR A 154 35.35 -14.71 -5.92
N GLU A 155 35.92 -14.69 -7.13
CA GLU A 155 37.31 -14.28 -7.29
C GLU A 155 37.50 -12.78 -7.16
N PHE A 156 36.44 -11.99 -7.37
CA PHE A 156 36.56 -10.54 -7.30
C PHE A 156 36.79 -10.11 -5.86
N THR A 157 37.71 -9.15 -5.67
CA THR A 157 37.99 -8.57 -4.36
C THR A 157 37.83 -7.07 -4.45
N GLY A 158 37.24 -6.47 -3.43
CA GLY A 158 37.04 -5.04 -3.41
C GLY A 158 36.06 -4.65 -2.33
N ASP A 159 35.98 -3.34 -2.10
CA ASP A 159 35.08 -2.82 -1.07
C ASP A 159 33.63 -2.95 -1.49
N TYR A 160 33.30 -2.56 -2.72
CA TYR A 160 31.92 -2.57 -3.18
C TYR A 160 31.91 -2.90 -4.67
N LEU A 161 31.07 -3.88 -5.05
CA LEU A 161 30.90 -4.18 -6.46
C LEU A 161 30.08 -3.12 -7.18
N PHE A 162 29.00 -2.67 -6.55
CA PHE A 162 28.10 -1.68 -7.14
C PHE A 162 27.94 -0.52 -6.16
N THR A 163 28.21 0.69 -6.64
CA THR A 163 27.93 1.90 -5.86
C THR A 163 27.10 2.85 -6.70
N ILE A 164 25.96 3.28 -6.16
CA ILE A 164 24.97 4.06 -6.90
C ILE A 164 25.00 5.49 -6.36
N THR A 165 25.35 6.44 -7.23
CA THR A 165 25.37 7.85 -6.86
C THR A 165 25.23 8.67 -8.14
N SER A 166 24.86 9.93 -7.96
CA SER A 166 24.69 10.87 -9.07
C SER A 166 25.64 12.05 -8.88
N SER A 167 26.38 12.40 -9.92
CA SER A 167 27.30 13.52 -9.86
C SER A 167 26.58 14.86 -9.92
N TYR A 168 25.43 14.92 -10.61
CA TYR A 168 24.71 16.17 -10.76
C TYR A 168 24.17 16.64 -9.42
N SER A 169 24.26 17.96 -9.18
CA SER A 169 23.85 18.50 -7.89
C SER A 169 22.34 18.70 -7.80
N TYR A 170 21.81 19.65 -8.58
CA TYR A 170 20.36 19.86 -8.60
C TYR A 170 19.77 20.16 -9.96
N THR A 171 20.56 20.54 -10.96
CA THR A 171 19.95 21.06 -12.18
C THR A 171 19.32 19.95 -13.03
N PRO A 172 20.09 18.95 -13.51
CA PRO A 172 19.49 17.98 -14.43
C PRO A 172 19.02 16.69 -13.77
N ALA A 173 19.36 16.48 -12.49
CA ALA A 173 19.04 15.22 -11.84
C ALA A 173 17.54 15.01 -11.64
N PRO A 174 16.79 15.93 -11.01
CA PRO A 174 15.34 15.68 -10.86
C PRO A 174 14.61 15.66 -12.18
N TYR A 175 15.15 16.31 -13.20
CA TYR A 175 14.47 16.38 -14.50
C TYR A 175 14.38 15.00 -15.14
N TYR A 176 15.49 14.26 -15.15
CA TYR A 176 15.59 12.95 -15.78
C TYR A 176 16.38 12.00 -14.89
N ASN A 177 15.67 11.34 -13.98
CA ASN A 177 16.28 10.35 -13.09
C ASN A 177 15.48 9.06 -13.08
N ASN A 178 14.16 9.18 -13.20
CA ASN A 178 13.25 8.05 -13.07
C ASN A 178 12.79 7.50 -14.41
N LEU A 179 13.42 7.93 -15.51
CA LEU A 179 12.97 7.51 -16.84
C LEU A 179 13.16 6.02 -17.05
N SER A 180 14.11 5.40 -16.35
CA SER A 180 14.35 3.97 -16.47
C SER A 180 15.01 3.45 -15.20
N VAL A 181 15.02 2.13 -15.05
CA VAL A 181 15.58 1.52 -13.86
C VAL A 181 17.11 1.59 -13.89
N ALA A 182 17.71 1.53 -12.71
CA ALA A 182 19.17 1.62 -12.60
C ALA A 182 19.83 0.25 -12.67
N LEU A 183 19.16 -0.79 -12.17
CA LEU A 183 19.71 -2.13 -12.17
C LEU A 183 18.57 -3.13 -12.16
N GLU A 184 18.54 -4.00 -13.16
CA GLU A 184 17.47 -4.97 -13.32
C GLU A 184 18.04 -6.31 -13.76
N GLY A 185 17.54 -7.40 -13.18
CA GLY A 185 17.89 -8.73 -13.62
C GLY A 185 19.33 -9.15 -13.41
N LEU A 186 19.89 -8.86 -12.24
CA LEU A 186 21.25 -9.24 -11.90
C LEU A 186 21.25 -10.16 -10.68
N TYR A 187 21.80 -11.36 -10.85
CA TYR A 187 22.04 -12.28 -9.74
C TYR A 187 23.53 -12.34 -9.49
N VAL A 188 23.97 -11.92 -8.31
CA VAL A 188 25.39 -11.89 -7.97
C VAL A 188 25.70 -13.06 -7.06
N PHE A 189 26.82 -13.73 -7.32
CA PHE A 189 27.32 -14.75 -6.41
C PHE A 189 28.23 -14.09 -5.39
N GLY A 190 28.97 -14.89 -4.62
CA GLY A 190 29.88 -14.35 -3.64
C GLY A 190 30.34 -15.35 -2.60
N ASN A 191 31.35 -14.98 -1.83
CA ASN A 191 31.88 -15.80 -0.75
C ASN A 191 31.92 -15.02 0.55
N LYS A 192 31.92 -15.74 1.66
CA LYS A 192 31.87 -15.15 3.00
C LYS A 192 33.29 -14.80 3.43
N THR A 193 33.71 -13.57 3.11
CA THR A 193 35.00 -13.04 3.54
C THR A 193 34.81 -11.64 4.08
N GLU A 194 35.71 -11.25 4.99
CA GLU A 194 35.65 -9.91 5.58
C GLU A 194 36.03 -8.85 4.55
N GLY A 195 35.36 -7.70 4.63
CA GLY A 195 35.68 -6.55 3.83
C GLY A 195 35.08 -6.50 2.44
N ARG A 196 34.36 -7.54 2.03
CA ARG A 196 33.76 -7.61 0.71
C ARG A 196 32.24 -7.59 0.87
N SER A 197 31.59 -6.62 0.22
CA SER A 197 30.16 -6.42 0.35
C SER A 197 29.57 -6.27 -1.04
N GLY A 198 28.30 -5.88 -1.10
CA GLY A 198 27.59 -5.80 -2.37
C GLY A 198 27.28 -4.40 -2.85
N LEU A 199 26.02 -3.99 -2.73
CA LEU A 199 25.52 -2.75 -3.32
C LEU A 199 25.46 -1.66 -2.25
N LEU A 200 26.06 -0.51 -2.54
CA LEU A 200 25.97 0.67 -1.70
C LEU A 200 25.19 1.75 -2.43
N THR A 201 24.29 2.40 -1.72
CA THR A 201 23.51 3.51 -2.26
C THR A 201 24.07 4.83 -1.75
N GLY A 202 24.41 5.73 -2.68
CA GLY A 202 24.96 7.01 -2.31
C GLY A 202 26.47 7.07 -2.44
N ARG A 203 27.12 7.78 -1.53
CA ARG A 203 28.57 7.93 -1.54
C ARG A 203 29.15 7.44 -0.21
N ARG A 204 30.28 6.73 -0.29
CA ARG A 204 30.91 6.19 0.90
C ARG A 204 31.59 7.26 1.73
N THR A 205 31.92 8.40 1.14
CA THR A 205 32.61 9.49 1.82
C THR A 205 31.72 10.72 1.87
N THR A 206 31.86 11.48 2.96
CA THR A 206 31.00 12.66 3.15
C THR A 206 31.42 13.84 2.28
N ASP A 207 32.71 13.98 1.99
CA ASP A 207 33.16 15.11 1.19
C ASP A 207 32.80 14.92 -0.28
N GLY A 208 32.68 16.04 -0.97
CA GLY A 208 32.31 16.06 -2.38
C GLY A 208 31.06 16.88 -2.61
N VAL A 209 30.40 16.60 -3.73
CA VAL A 209 29.18 17.30 -4.10
C VAL A 209 27.99 16.57 -3.52
N LYS A 210 27.01 17.32 -3.02
CA LYS A 210 25.81 16.72 -2.46
C LYS A 210 24.98 16.09 -3.56
N SER A 211 24.98 14.77 -3.63
CA SER A 211 24.30 14.05 -4.70
C SER A 211 22.79 14.14 -4.56
N TYR A 212 22.11 14.06 -5.70
CA TYR A 212 20.65 14.04 -5.78
C TYR A 212 20.27 12.81 -6.61
N ASN A 213 20.08 11.69 -5.94
CA ASN A 213 19.67 10.43 -6.58
C ASN A 213 18.30 10.06 -6.05
N GLY A 214 17.26 10.60 -6.69
CA GLY A 214 15.91 10.34 -6.29
C GLY A 214 15.14 9.51 -7.30
N GLN A 215 14.14 8.76 -6.83
CA GLN A 215 13.32 7.90 -7.67
C GLN A 215 14.15 6.84 -8.41
N THR A 216 15.27 6.43 -7.82
CA THR A 216 16.13 5.42 -8.44
C THR A 216 15.55 4.04 -8.18
N GLU A 217 15.36 3.27 -9.26
CA GLU A 217 14.76 1.95 -9.16
C GLU A 217 15.83 0.87 -9.09
N ILE A 218 15.57 -0.15 -8.29
CA ILE A 218 16.37 -1.38 -8.24
C ILE A 218 15.38 -2.53 -8.17
N ARG A 219 15.22 -3.27 -9.26
CA ARG A 219 14.17 -4.25 -9.38
C ARG A 219 14.74 -5.58 -9.89
N ASN A 220 14.15 -6.67 -9.39
CA ASN A 220 14.43 -8.02 -9.87
C ASN A 220 15.93 -8.35 -9.84
N CYS A 221 16.55 -8.11 -8.69
CA CYS A 221 17.96 -8.40 -8.50
C CYS A 221 18.17 -9.17 -7.21
N THR A 222 19.23 -9.97 -7.16
CA THR A 222 19.49 -10.86 -6.04
C THR A 222 20.95 -10.78 -5.62
N PHE A 223 21.16 -10.59 -4.32
CA PHE A 223 22.47 -10.53 -3.69
C PHE A 223 22.54 -11.60 -2.61
N ASP A 224 23.70 -12.24 -2.48
CA ASP A 224 23.88 -13.24 -1.43
C ASP A 224 25.36 -13.43 -1.12
N LYS A 225 25.61 -14.02 0.05
CA LYS A 225 26.96 -14.42 0.46
C LYS A 225 27.92 -13.23 0.49
N PHE A 226 27.46 -12.14 1.08
CA PHE A 226 28.25 -10.92 1.24
C PHE A 226 28.31 -10.54 2.72
N ASP A 227 29.35 -9.76 3.06
CA ASP A 227 29.45 -9.23 4.42
C ASP A 227 28.35 -8.21 4.68
N TYR A 228 28.09 -7.34 3.70
CA TYR A 228 26.98 -6.38 3.76
C TYR A 228 26.24 -6.46 2.43
N ASN A 229 25.07 -7.10 2.45
CA ASN A 229 24.32 -7.29 1.21
C ASN A 229 23.92 -5.96 0.59
N ILE A 230 23.27 -5.09 1.37
CA ILE A 230 22.86 -3.78 0.93
C ILE A 230 23.26 -2.78 2.00
N ARG A 231 23.98 -1.73 1.61
CA ARG A 231 24.40 -0.69 2.54
C ARG A 231 23.97 0.67 2.01
N MET A 232 23.50 1.52 2.92
CA MET A 232 23.05 2.86 2.56
C MET A 232 24.15 3.87 2.90
N GLY A 233 24.49 4.72 1.94
CA GLY A 233 25.53 5.70 2.16
C GLY A 233 25.01 7.12 2.24
N HIS A 234 25.92 8.09 2.22
CA HIS A 234 25.53 9.49 2.31
C HIS A 234 24.78 9.92 1.07
N ASN A 235 23.80 10.80 1.26
CA ASN A 235 23.00 11.37 0.17
C ASN A 235 22.28 10.30 -0.64
N SER A 236 21.57 9.42 0.06
CA SER A 236 20.70 8.42 -0.54
C SER A 236 19.36 8.52 0.21
N TRP A 237 18.49 9.41 -0.24
CA TRP A 237 17.31 9.77 0.53
C TRP A 237 16.04 9.04 0.10
N ARG A 238 15.93 8.66 -1.18
CA ARG A 238 14.81 7.85 -1.63
C ARG A 238 15.28 6.85 -2.68
N ILE A 239 14.88 5.60 -2.52
CA ILE A 239 15.22 4.51 -3.43
C ILE A 239 14.03 3.56 -3.48
N VAL A 240 13.72 3.04 -4.67
CA VAL A 240 12.60 2.11 -4.84
C VAL A 240 13.17 0.73 -5.10
N PHE A 241 13.09 -0.13 -4.09
CA PHE A 241 13.49 -1.54 -4.20
C PHE A 241 12.24 -2.34 -4.54
N TYR A 242 12.17 -2.83 -5.78
CA TYR A 242 11.01 -3.59 -6.26
C TYR A 242 11.39 -5.07 -6.28
N LYS A 243 10.93 -5.81 -5.29
CA LYS A 243 11.12 -7.27 -5.21
C LYS A 243 12.60 -7.63 -5.27
N VAL A 244 13.32 -7.23 -4.23
CA VAL A 244 14.71 -7.61 -4.03
C VAL A 244 14.80 -8.47 -2.78
N ASN A 245 15.61 -9.52 -2.83
CA ASN A 245 15.83 -10.38 -1.68
C ASN A 245 17.31 -10.65 -1.50
N SER A 246 17.78 -10.53 -0.27
CA SER A 246 19.16 -10.81 0.08
C SER A 246 19.20 -11.84 1.20
N LEU A 247 20.13 -12.78 1.10
CA LEU A 247 20.17 -13.90 2.03
C LEU A 247 21.61 -14.34 2.26
N ASN A 248 21.81 -15.05 3.36
CA ASN A 248 23.09 -15.66 3.71
C ASN A 248 24.20 -14.62 3.82
N ALA A 249 24.00 -13.69 4.74
CA ALA A 249 25.04 -12.71 5.04
C ALA A 249 26.11 -13.33 5.94
N LEU A 250 27.25 -12.66 6.04
CA LEU A 250 28.37 -13.20 6.81
C LEU A 250 28.14 -13.01 8.30
N ASN A 251 28.07 -11.77 8.76
CA ASN A 251 27.94 -11.44 10.17
C ASN A 251 26.54 -10.90 10.45
N ALA A 252 26.30 -10.59 11.72
CA ALA A 252 25.03 -9.99 12.10
C ALA A 252 24.92 -8.59 11.52
N ASN A 253 23.67 -8.16 11.29
CA ASN A 253 23.35 -6.84 10.76
C ASN A 253 23.93 -6.61 9.38
N GLY A 254 24.11 -7.67 8.58
CA GLY A 254 24.74 -7.55 7.29
C GLY A 254 23.80 -7.58 6.10
N ILE A 255 22.50 -7.69 6.37
CA ILE A 255 21.53 -7.81 5.27
C ILE A 255 21.16 -6.43 4.73
N LEU A 256 20.89 -5.47 5.62
CA LEU A 256 20.54 -4.12 5.20
C LEU A 256 21.08 -3.17 6.27
N TYR A 257 22.15 -2.46 5.95
CA TYR A 257 22.87 -1.66 6.93
C TYR A 257 22.77 -0.17 6.63
N VAL A 258 22.63 0.61 7.70
CA VAL A 258 22.67 2.06 7.62
C VAL A 258 23.59 2.57 8.73
N PRO A 259 24.70 3.22 8.41
CA PRO A 259 25.55 3.78 9.47
C PRO A 259 24.88 4.96 10.15
N SER A 260 25.32 5.22 11.39
CA SER A 260 24.77 6.30 12.19
C SER A 260 25.32 7.67 11.78
N GLY A 261 26.35 7.70 10.95
CA GLY A 261 26.96 8.96 10.56
C GLY A 261 26.39 9.56 9.29
N LEU A 262 25.24 9.05 8.84
CA LEU A 262 24.62 9.56 7.62
C LEU A 262 24.14 10.99 7.81
N ASP A 263 24.17 11.75 6.72
CA ASP A 263 23.70 13.13 6.70
C ASP A 263 22.64 13.30 5.62
N ASP A 264 21.71 14.21 5.89
CA ASP A 264 20.63 14.65 4.99
C ASP A 264 20.10 13.53 4.09
N SER A 265 19.81 12.37 4.68
CA SER A 265 19.36 11.20 3.95
C SER A 265 18.22 10.55 4.70
N GLY A 266 17.42 9.78 3.96
CA GLY A 266 16.34 9.02 4.57
C GLY A 266 14.97 9.64 4.46
N GLU A 267 14.60 10.08 3.26
CA GLU A 267 13.27 10.67 3.01
C GLU A 267 12.41 9.63 2.30
N ILE A 268 11.60 8.92 3.09
CA ILE A 268 10.55 8.01 2.64
C ILE A 268 11.08 6.96 1.66
N LEU A 269 12.07 6.18 2.11
CA LEU A 269 12.48 5.01 1.35
C LEU A 269 11.33 4.01 1.28
N THR A 270 11.31 3.21 0.22
CA THR A 270 10.22 2.26 0.01
C THR A 270 10.76 0.89 -0.36
N PHE A 271 9.97 -0.13 -0.01
CA PHE A 271 10.21 -1.51 -0.43
C PHE A 271 8.89 -2.09 -0.92
N TYR A 272 8.91 -2.67 -2.12
CA TYR A 272 7.72 -3.21 -2.77
C TYR A 272 7.90 -4.71 -2.92
N HIS A 273 7.19 -5.47 -2.08
CA HIS A 273 7.27 -6.93 -2.08
C HIS A 273 8.71 -7.41 -1.93
N CYS A 274 9.45 -6.75 -1.04
CA CYS A 274 10.83 -7.11 -0.74
C CYS A 274 10.87 -8.41 0.06
N GLN A 275 12.08 -8.85 0.39
CA GLN A 275 12.24 -10.08 1.17
C GLN A 275 13.62 -10.11 1.82
N PHE A 276 13.68 -10.63 3.04
CA PHE A 276 14.93 -10.93 3.74
C PHE A 276 14.74 -12.24 4.46
N PHE A 277 15.48 -13.28 4.04
CA PHE A 277 15.27 -14.61 4.59
C PHE A 277 16.58 -15.36 4.61
N ASP A 278 16.54 -16.58 5.17
CA ASP A 278 17.70 -17.48 5.24
C ASP A 278 18.89 -16.78 5.88
N GLY A 279 18.65 -16.06 6.97
CA GLY A 279 19.71 -15.35 7.66
C GLY A 279 20.42 -16.20 8.68
N ALA A 280 21.60 -16.72 8.30
CA ALA A 280 22.41 -17.54 9.21
C ALA A 280 23.18 -16.61 10.13
N GLY A 281 22.57 -16.24 11.24
CA GLY A 281 23.21 -15.31 12.18
C GLY A 281 23.41 -13.93 11.60
N SER A 282 22.42 -13.41 10.88
CA SER A 282 22.49 -12.08 10.30
C SER A 282 21.22 -11.30 10.63
N ASN A 283 21.38 -9.99 10.79
CA ASN A 283 20.29 -9.14 11.24
C ASN A 283 20.05 -7.99 10.26
N ILE A 284 19.08 -7.13 10.57
CA ILE A 284 18.86 -5.87 9.87
C ILE A 284 18.76 -4.77 10.91
N ARG A 285 19.62 -3.76 10.79
CA ARG A 285 19.73 -2.70 11.78
C ARG A 285 19.42 -1.36 11.13
N ILE A 286 18.65 -0.53 11.83
CA ILE A 286 18.35 0.82 11.39
C ILE A 286 18.81 1.78 12.49
N SER A 287 19.78 2.63 12.17
CA SER A 287 20.36 3.58 13.12
C SER A 287 20.62 4.89 12.37
N CYS A 288 19.65 5.80 12.40
CA CYS A 288 19.79 7.09 11.76
C CYS A 288 18.74 8.04 12.34
N SER A 289 18.98 9.33 12.16
CA SER A 289 18.08 10.38 12.63
C SER A 289 17.23 10.89 11.48
N SER A 290 15.92 10.99 11.72
CA SER A 290 14.95 11.43 10.71
C SER A 290 15.02 10.55 9.47
N PHE A 291 14.70 9.27 9.67
CA PHE A 291 14.81 8.25 8.64
C PHE A 291 13.44 7.61 8.47
N ALA A 292 12.90 7.69 7.26
CA ALA A 292 11.56 7.18 6.96
C ALA A 292 11.66 6.00 6.01
N MET A 293 10.98 4.90 6.35
CA MET A 293 10.99 3.70 5.54
C MET A 293 9.60 3.08 5.51
N THR A 294 9.22 2.57 4.35
CA THR A 294 7.92 1.94 4.14
C THR A 294 8.13 0.56 3.53
N PHE A 295 7.37 -0.42 4.02
CA PHE A 295 7.31 -1.76 3.45
C PHE A 295 5.89 -2.00 2.96
N VAL A 296 5.76 -2.50 1.73
CA VAL A 296 4.45 -2.78 1.14
C VAL A 296 4.44 -4.24 0.70
N SER A 297 3.62 -5.06 1.37
CA SER A 297 3.35 -6.43 0.95
C SER A 297 4.62 -7.26 0.83
N CYS A 298 5.53 -7.09 1.78
CA CYS A 298 6.77 -7.86 1.83
C CYS A 298 6.81 -8.70 3.09
N SER A 299 7.47 -9.85 3.00
CA SER A 299 7.63 -10.76 4.13
C SER A 299 9.11 -11.07 4.30
N PHE A 300 9.64 -10.84 5.50
CA PHE A 300 11.00 -11.24 5.85
C PHE A 300 10.94 -12.18 7.04
N LEU A 301 11.67 -13.29 6.95
CA LEU A 301 11.56 -14.39 7.90
C LEU A 301 12.93 -14.79 8.39
N ASN A 302 12.97 -15.33 9.62
CA ASN A 302 14.20 -15.71 10.30
C ASN A 302 15.15 -14.52 10.49
N ILE A 303 14.59 -13.31 10.51
CA ILE A 303 15.37 -12.08 10.60
C ILE A 303 14.89 -11.29 11.81
N THR A 304 15.82 -10.79 12.60
CA THR A 304 15.53 -9.99 13.79
C THR A 304 15.66 -8.53 13.40
N PHE A 305 14.52 -7.86 13.22
CA PHE A 305 14.51 -6.45 12.81
C PHE A 305 14.80 -5.59 14.03
N THR A 306 16.03 -5.11 14.13
CA THR A 306 16.47 -4.33 15.28
C THR A 306 16.60 -2.86 14.91
N ILE A 307 16.20 -1.99 15.83
CA ILE A 307 16.25 -0.54 15.63
C ILE A 307 16.87 0.09 16.87
N ASP A 308 17.97 0.83 16.67
CA ASP A 308 18.60 1.61 17.74
C ASP A 308 19.10 2.91 17.11
N ALA A 309 18.27 3.94 17.16
CA ALA A 309 18.57 5.22 16.53
C ALA A 309 18.56 6.34 17.57
N GLY A 310 19.42 7.33 17.35
CA GLY A 310 19.49 8.45 18.28
C GLY A 310 18.22 9.29 18.28
N SER A 311 17.63 9.48 17.10
CA SER A 311 16.44 10.32 16.98
C SER A 311 15.29 9.57 16.34
N SER A 312 14.22 10.28 16.00
CA SER A 312 13.00 9.68 15.46
C SER A 312 13.24 8.98 14.14
N VAL A 313 13.01 7.67 14.10
CA VAL A 313 13.01 6.88 12.88
C VAL A 313 11.63 6.25 12.73
N SER A 314 11.03 6.42 11.55
CA SER A 314 9.67 5.96 11.31
C SER A 314 9.69 4.88 10.23
N VAL A 315 9.35 3.66 10.62
CA VAL A 315 9.24 2.54 9.69
C VAL A 315 7.81 2.01 9.75
N THR A 316 7.15 1.95 8.60
CA THR A 316 5.80 1.44 8.49
C THR A 316 5.79 0.17 7.65
N ALA A 317 4.84 -0.72 7.93
CA ALA A 317 4.73 -2.00 7.24
C ALA A 317 3.26 -2.28 6.96
N LEU A 318 2.88 -2.25 5.68
CA LEU A 318 1.53 -2.58 5.25
C LEU A 318 1.53 -3.98 4.66
N GLY A 319 0.80 -4.89 5.29
CA GLY A 319 0.76 -6.27 4.81
C GLY A 319 2.08 -7.00 4.92
N CYS A 320 2.78 -6.84 6.03
CA CYS A 320 4.06 -7.49 6.24
C CYS A 320 3.88 -8.77 7.05
N ASN A 321 4.48 -9.85 6.58
CA ASN A 321 4.34 -11.17 7.18
C ASN A 321 5.61 -11.52 7.94
N PHE A 322 5.45 -11.88 9.21
CA PHE A 322 6.54 -12.34 10.06
C PHE A 322 6.32 -13.80 10.38
N GLU A 323 7.35 -14.62 10.16
CA GLU A 323 7.21 -16.06 10.33
C GLU A 323 8.60 -16.70 10.41
N ASN A 324 8.61 -18.00 10.66
CA ASN A 324 9.83 -18.80 10.67
C ASN A 324 9.46 -20.23 10.26
N PRO A 325 9.67 -20.60 9.00
CA PRO A 325 9.23 -21.92 8.53
C PRO A 325 9.90 -23.07 9.27
N GLY A 326 11.23 -23.10 9.24
CA GLY A 326 11.96 -24.11 10.00
C GLY A 326 13.14 -23.53 10.73
N SER A 327 13.09 -23.59 12.07
CA SER A 327 14.17 -23.10 12.91
C SER A 327 13.88 -23.50 14.35
N GLN A 328 14.93 -23.89 15.08
CA GLN A 328 14.83 -24.15 16.50
C GLN A 328 15.37 -23.01 17.35
N SER A 329 15.73 -21.89 16.73
CA SER A 329 16.24 -20.75 17.47
C SER A 329 15.11 -20.03 18.20
N THR A 330 15.49 -19.18 19.15
CA THR A 330 14.54 -18.42 19.96
C THR A 330 14.69 -16.92 19.71
N ARG A 331 15.03 -16.54 18.48
CA ARG A 331 15.22 -15.13 18.16
C ARG A 331 13.89 -14.38 18.15
N ARG A 332 13.96 -13.09 18.44
CA ARG A 332 12.79 -12.22 18.51
C ARG A 332 12.63 -11.44 17.22
N TYR A 333 11.38 -11.19 16.85
CA TYR A 333 11.09 -10.66 15.51
C TYR A 333 11.57 -9.22 15.35
N ILE A 334 11.00 -8.30 16.12
CA ILE A 334 11.36 -6.88 16.02
C ILE A 334 11.67 -6.35 17.42
N GLU A 335 12.76 -5.59 17.51
CA GLU A 335 13.18 -5.00 18.78
C GLU A 335 13.63 -3.57 18.55
N ILE A 336 13.41 -2.75 19.57
CA ILE A 336 13.97 -1.40 19.62
C ILE A 336 14.92 -1.36 20.81
N THR A 337 16.22 -1.34 20.54
CA THR A 337 17.21 -1.44 21.61
C THR A 337 17.26 -0.15 22.43
N ALA A 338 17.62 0.97 21.80
CA ALA A 338 17.76 2.23 22.50
C ALA A 338 17.43 3.37 21.55
N GLY A 339 16.62 4.31 22.02
CA GLY A 339 16.27 5.47 21.20
C GLY A 339 15.52 6.50 22.02
N HIS A 340 15.45 7.71 21.46
CA HIS A 340 14.72 8.78 22.13
C HIS A 340 13.21 8.59 21.93
N THR A 341 12.74 8.70 20.69
CA THR A 341 11.34 8.44 20.38
C THR A 341 11.16 8.06 18.91
N ASN A 342 10.93 6.78 18.66
CA ASN A 342 10.71 6.29 17.30
C ASN A 342 9.52 5.35 17.29
N ILE A 343 8.98 5.11 16.08
CA ILE A 343 7.72 4.42 15.91
C ILE A 343 7.91 3.23 14.96
N PHE A 344 7.11 2.20 15.19
CA PHE A 344 7.05 1.02 14.32
C PHE A 344 5.58 0.74 14.02
N ASN A 345 5.27 0.49 12.75
CA ASN A 345 3.90 0.37 12.29
C ASN A 345 3.74 -0.94 11.53
N VAL A 346 2.80 -1.77 11.98
CA VAL A 346 2.40 -2.99 11.28
C VAL A 346 0.91 -2.89 11.00
N VAL A 347 0.53 -3.01 9.72
CA VAL A 347 -0.85 -2.86 9.30
C VAL A 347 -1.20 -4.03 8.39
N GLY A 348 -2.16 -4.85 8.82
CA GLY A 348 -2.73 -5.88 7.97
C GLY A 348 -1.75 -6.94 7.50
N GLY A 349 -0.85 -7.38 8.37
CA GLY A 349 0.07 -8.43 8.02
C GLY A 349 0.09 -9.56 9.02
N SER A 350 -0.33 -10.76 8.59
CA SER A 350 -0.48 -11.88 9.51
C SER A 350 0.85 -12.27 10.12
N ILE A 351 0.83 -12.55 11.42
CA ILE A 351 2.00 -13.03 12.16
C ILE A 351 1.71 -14.46 12.59
N VAL A 352 2.61 -15.38 12.24
CA VAL A 352 2.44 -16.79 12.56
C VAL A 352 3.75 -17.32 13.13
N THR A 353 3.64 -18.10 14.21
CA THR A 353 4.79 -18.73 14.85
C THR A 353 4.60 -20.24 14.78
N ASN A 354 5.64 -20.94 14.31
CA ASN A 354 5.57 -22.38 14.16
C ASN A 354 5.98 -23.08 15.45
N ALA A 355 6.12 -24.40 15.38
CA ALA A 355 6.49 -25.18 16.57
C ALA A 355 7.94 -24.93 16.94
N ASN A 356 8.21 -24.99 18.24
CA ASN A 356 9.56 -24.78 18.75
C ASN A 356 9.70 -25.51 20.08
N ALA A 357 10.95 -25.78 20.47
CA ALA A 357 11.25 -26.42 21.75
C ALA A 357 11.43 -25.35 22.82
N GLY A 358 10.39 -24.55 23.00
CA GLY A 358 10.41 -23.45 23.94
C GLY A 358 10.94 -22.18 23.31
N GLN A 359 10.52 -21.05 23.90
CA GLN A 359 10.93 -19.72 23.45
C GLN A 359 11.80 -19.01 24.47
N THR A 360 11.30 -18.86 25.70
CA THR A 360 12.03 -18.18 26.78
C THR A 360 12.51 -16.80 26.35
N GLN A 361 11.69 -16.12 25.56
CA GLN A 361 12.04 -14.80 25.04
C GLN A 361 10.75 -14.08 24.64
N ALA A 362 10.85 -12.77 24.50
CA ALA A 362 9.75 -11.94 24.05
C ALA A 362 9.91 -11.68 22.55
N LEU A 363 8.86 -11.98 21.78
CA LEU A 363 8.96 -11.93 20.32
C LEU A 363 9.22 -10.51 19.82
N ILE A 364 8.57 -9.52 20.43
CA ILE A 364 8.74 -8.12 20.04
C ILE A 364 9.08 -7.31 21.27
N HIS A 365 10.02 -6.38 21.14
CA HIS A 365 10.60 -5.69 22.29
C HIS A 365 10.61 -4.18 22.08
N VAL A 366 10.14 -3.46 23.10
CA VAL A 366 10.16 -2.00 23.14
C VAL A 366 10.91 -1.56 24.38
N SER A 367 11.76 -0.54 24.25
CA SER A 367 12.57 -0.04 25.34
C SER A 367 12.42 1.47 25.48
N ALA A 368 12.64 1.95 26.70
CA ALA A 368 12.65 3.37 27.04
C ALA A 368 11.31 3.99 26.67
N ASN A 369 11.25 4.99 25.80
CA ASN A 369 10.02 5.68 25.44
C ASN A 369 9.51 5.30 24.05
N ASN A 370 9.99 4.19 23.50
CA ASN A 370 9.66 3.85 22.13
C ASN A 370 8.30 3.16 22.05
N GLN A 371 7.71 3.18 20.86
CA GLN A 371 6.35 2.72 20.67
C GLN A 371 6.21 1.92 19.37
N ILE A 372 5.42 0.86 19.43
CA ILE A 372 5.00 0.09 18.26
C ILE A 372 3.48 0.14 18.19
N ASN A 373 2.95 0.48 17.02
CA ASN A 373 1.51 0.51 16.80
C ASN A 373 1.12 -0.63 15.86
N LEU A 374 0.12 -1.41 16.27
CA LEU A 374 -0.41 -2.51 15.48
C LEU A 374 -1.88 -2.25 15.18
N SER A 375 -2.30 -2.60 13.96
CA SER A 375 -3.69 -2.40 13.56
C SER A 375 -4.05 -3.45 12.51
N ASN A 376 -5.30 -3.87 12.54
CA ASN A 376 -5.81 -4.91 11.64
C ASN A 376 -4.92 -6.16 11.71
N LEU A 377 -4.68 -6.61 12.94
CA LEU A 377 -3.73 -7.67 13.22
C LEU A 377 -4.42 -8.81 13.96
N THR A 378 -3.85 -10.00 13.84
CA THR A 378 -4.26 -11.16 14.62
C THR A 378 -3.07 -11.63 15.45
N ILE A 379 -3.33 -11.97 16.71
CA ILE A 379 -2.28 -12.35 17.66
C ILE A 379 -2.34 -13.86 17.84
N PRO A 380 -1.37 -14.62 17.35
CA PRO A 380 -1.38 -16.06 17.54
C PRO A 380 -0.89 -16.46 18.92
N TYR A 381 -1.21 -17.71 19.29
CA TYR A 381 -0.77 -18.27 20.55
C TYR A 381 -0.36 -19.72 20.36
N GLY A 382 0.59 -20.17 21.18
CA GLY A 382 1.04 -21.54 21.15
C GLY A 382 1.34 -22.04 22.55
N ALA A 383 1.48 -23.36 22.66
CA ALA A 383 1.72 -24.00 23.94
C ALA A 383 3.22 -24.07 24.30
N HIS A 384 4.08 -23.42 23.53
CA HIS A 384 5.52 -23.50 23.74
C HIS A 384 6.17 -22.11 23.84
N TYR A 385 5.43 -21.14 24.37
CA TYR A 385 6.00 -19.80 24.53
C TYR A 385 6.84 -19.68 25.79
N GLN A 386 6.21 -19.86 26.96
CA GLN A 386 6.88 -19.70 28.25
C GLN A 386 7.56 -18.33 28.36
N GLN A 387 6.84 -17.29 27.93
CA GLN A 387 7.41 -15.93 27.94
C GLN A 387 7.73 -15.45 29.35
N GLU A 388 7.06 -16.01 30.36
CA GLU A 388 7.23 -15.54 31.73
C GLU A 388 8.60 -15.89 32.31
N ALA A 389 9.36 -16.77 31.65
CA ALA A 389 10.64 -17.20 32.21
C ALA A 389 11.67 -16.08 32.22
N ASP A 390 11.67 -15.22 31.21
CA ASP A 390 12.73 -14.23 31.04
C ASP A 390 12.33 -12.83 31.51
N SER A 391 11.10 -12.39 31.25
CA SER A 391 10.70 -11.02 31.50
C SER A 391 9.48 -10.93 32.42
N GLY A 392 9.49 -11.70 33.51
CA GLY A 392 8.45 -11.58 34.51
C GLY A 392 7.08 -12.02 34.04
N TYR A 393 6.20 -11.06 33.79
CA TYR A 393 4.83 -11.36 33.41
C TYR A 393 4.78 -12.15 32.10
N HIS A 394 3.79 -13.04 32.01
CA HIS A 394 3.55 -13.81 30.80
C HIS A 394 2.74 -12.96 29.83
N ALA A 395 3.40 -12.47 28.78
CA ALA A 395 2.75 -11.60 27.81
C ALA A 395 3.46 -11.75 26.47
N PHE A 396 2.94 -11.06 25.47
CA PHE A 396 3.48 -11.10 24.12
C PHE A 396 4.55 -10.03 23.87
N CYS A 397 4.84 -9.20 24.88
CA CYS A 397 5.81 -8.12 24.72
C CYS A 397 6.65 -8.05 25.99
N SER A 398 7.54 -7.05 26.03
CA SER A 398 8.40 -6.82 27.19
C SER A 398 9.00 -5.43 27.08
N GLY A 399 9.66 -5.00 28.15
CA GLY A 399 10.34 -3.73 28.18
C GLY A 399 9.48 -2.61 28.73
N GLN A 400 10.11 -1.45 28.92
CA GLN A 400 9.43 -0.28 29.48
C GLN A 400 8.68 0.53 28.42
N GLY A 401 8.76 0.15 27.15
CA GLY A 401 8.10 0.90 26.11
C GLY A 401 6.59 0.78 26.17
N TYR A 402 5.93 1.57 25.34
CA TYR A 402 4.48 1.65 25.28
C TYR A 402 3.98 1.11 23.95
N VAL A 403 2.99 0.22 24.01
CA VAL A 403 2.41 -0.40 22.82
C VAL A 403 0.94 -0.01 22.75
N SER A 404 0.52 0.49 21.58
CA SER A 404 -0.86 0.85 21.33
C SER A 404 -1.37 0.06 20.12
N THR A 405 -2.53 -0.59 20.30
CA THR A 405 -3.10 -1.41 19.24
C THR A 405 -4.59 -1.09 19.11
N SER A 406 -5.09 -1.22 17.89
CA SER A 406 -6.50 -0.97 17.59
C SER A 406 -6.97 -1.95 16.53
N ASN A 407 -8.18 -2.48 16.70
CA ASN A 407 -8.85 -3.40 15.78
C ASN A 407 -8.12 -4.73 15.66
N CYS A 408 -7.24 -5.07 16.60
CA CYS A 408 -6.54 -6.35 16.54
C CYS A 408 -7.51 -7.50 16.76
N SER A 409 -7.25 -8.63 16.08
CA SER A 409 -8.16 -9.77 16.18
C SER A 409 -7.99 -10.51 17.49
N LEU A 410 -6.78 -10.99 17.77
CA LEU A 410 -6.50 -11.77 18.98
C LEU A 410 -7.42 -12.98 18.99
N GLN A 411 -7.19 -13.91 18.06
CA GLN A 411 -8.04 -15.08 17.91
C GLN A 411 -8.28 -15.78 19.24
N LEU A 412 -9.51 -16.26 19.44
CA LEU A 412 -9.91 -16.96 20.64
C LEU A 412 -9.86 -18.46 20.39
N LEU A 413 -9.84 -19.23 21.47
CA LEU A 413 -9.83 -20.71 21.45
C LEU A 413 -8.42 -21.20 21.12
N ASN A 414 -8.28 -21.92 20.02
CA ASN A 414 -6.99 -22.35 19.49
C ASN A 414 -6.22 -23.18 20.52
N GLY A 415 -6.84 -24.27 20.97
CA GLY A 415 -6.19 -25.17 21.89
C GLY A 415 -5.92 -24.59 23.25
N ALA A 416 -4.65 -24.29 23.54
CA ALA A 416 -4.27 -23.81 24.86
C ALA A 416 -4.97 -22.50 25.21
N GLY A 417 -5.03 -21.57 24.26
CA GLY A 417 -5.70 -20.31 24.51
C GLY A 417 -5.04 -19.10 23.87
N CYS A 418 -4.94 -18.02 24.63
CA CYS A 418 -4.35 -16.78 24.14
C CYS A 418 -3.66 -16.06 25.30
N CYS A 419 -2.79 -15.12 24.94
CA CYS A 419 -1.99 -14.38 25.90
C CYS A 419 -2.14 -12.88 25.69
N PRO A 420 -1.97 -12.09 26.75
CA PRO A 420 -2.01 -10.63 26.59
C PRO A 420 -0.84 -10.13 25.76
N ILE A 421 -1.05 -9.01 25.08
CA ILE A 421 -0.02 -8.46 24.20
C ILE A 421 1.02 -7.68 25.00
N HIS A 422 0.60 -6.65 25.71
CA HIS A 422 1.53 -5.79 26.43
C HIS A 422 0.86 -5.29 27.71
N PRO A 423 1.61 -5.19 28.81
CA PRO A 423 1.01 -4.75 30.08
C PRO A 423 0.59 -3.29 30.13
N SER A 424 1.04 -2.45 29.18
CA SER A 424 0.69 -1.04 29.21
C SER A 424 -0.79 -0.81 28.92
N LEU A 425 -1.49 -1.80 28.38
CA LEU A 425 -2.91 -1.72 28.11
C LEU A 425 -3.75 -2.25 29.26
N SER A 426 -3.13 -2.56 30.39
CA SER A 426 -3.87 -3.08 31.54
C SER A 426 -4.89 -2.07 32.03
N VAL A 427 -6.12 -2.56 32.26
CA VAL A 427 -7.18 -1.68 32.71
C VAL A 427 -7.06 -1.39 34.20
N PHE A 428 -6.46 -2.30 34.96
CA PHE A 428 -6.25 -2.08 36.38
C PHE A 428 -5.04 -1.19 36.60
N THR A 429 -5.20 -0.21 37.49
CA THR A 429 -4.14 0.77 37.70
C THR A 429 -2.97 0.21 38.50
N ASN A 430 -3.20 -0.84 39.29
CA ASN A 430 -2.18 -1.40 40.16
C ASN A 430 -2.12 -2.92 39.91
N TRP A 431 -1.29 -3.34 38.96
CA TRP A 431 -1.13 -4.75 38.65
C TRP A 431 0.18 -5.32 39.18
N ASN A 432 1.30 -4.62 38.98
CA ASN A 432 2.60 -5.07 39.43
C ASN A 432 2.94 -4.63 40.86
N LEU A 433 1.96 -4.13 41.61
CA LEU A 433 2.16 -3.68 42.98
C LEU A 433 3.24 -2.60 43.07
N SER A 434 3.18 -1.65 42.13
CA SER A 434 4.13 -0.55 42.12
C SER A 434 3.76 0.57 43.08
N TYR A 435 2.51 0.58 43.58
CA TYR A 435 2.07 1.62 44.50
C TYR A 435 2.68 1.47 45.89
N ALA A 436 3.35 0.34 46.17
CA ALA A 436 4.01 0.10 47.45
C ALA A 436 3.02 0.08 48.61
N ASN A 437 1.76 -0.26 48.35
CA ASN A 437 0.75 -0.37 49.38
C ASN A 437 -0.43 -1.16 48.82
N LEU A 438 -1.52 -1.20 49.59
CA LEU A 438 -2.72 -1.95 49.23
C LEU A 438 -3.74 -1.09 48.49
N ASN A 439 -3.31 -0.05 47.80
CA ASN A 439 -4.23 0.84 47.10
C ASN A 439 -4.85 0.13 45.91
N ALA A 440 -6.07 0.56 45.56
CA ALA A 440 -6.81 0.11 44.37
C ALA A 440 -7.26 -1.35 44.47
N TRP A 441 -6.91 -2.02 45.57
CA TRP A 441 -7.34 -3.39 45.82
C TRP A 441 -8.24 -3.41 47.04
N THR A 442 -9.44 -3.96 46.90
CA THR A 442 -10.39 -4.05 48.00
C THR A 442 -10.26 -5.42 48.65
N VAL A 443 -9.93 -5.45 49.93
CA VAL A 443 -9.74 -6.69 50.68
C VAL A 443 -10.90 -6.88 51.63
N ASP A 444 -11.43 -8.10 51.68
CA ASP A 444 -12.54 -8.45 52.56
C ASP A 444 -12.21 -9.75 53.27
N LYS A 445 -12.06 -9.68 54.59
CA LYS A 445 -11.79 -10.84 55.43
C LYS A 445 -13.07 -11.15 56.19
N GLY A 446 -13.84 -12.12 55.69
CA GLY A 446 -15.11 -12.45 56.32
C GLY A 446 -14.92 -13.06 57.69
N SER A 447 -15.87 -12.75 58.58
CA SER A 447 -15.96 -13.33 59.93
C SER A 447 -14.68 -12.99 60.70
N ALA A 448 -13.82 -13.95 61.01
CA ALA A 448 -12.73 -13.70 61.95
C ALA A 448 -11.64 -12.83 61.34
N PRO A 449 -11.17 -11.82 62.07
CA PRO A 449 -9.99 -11.07 61.63
C PRO A 449 -8.70 -11.88 61.75
N THR A 450 -7.56 -11.20 61.58
CA THR A 450 -6.19 -11.69 61.78
C THR A 450 -5.70 -12.46 60.55
N SER A 451 -6.54 -12.65 59.53
CA SER A 451 -6.04 -13.20 58.27
C SER A 451 -5.04 -12.24 57.64
N VAL A 452 -3.90 -12.77 57.21
CA VAL A 452 -2.77 -11.98 56.76
C VAL A 452 -2.87 -11.76 55.27
N ALA A 453 -2.91 -10.49 54.85
CA ALA A 453 -2.94 -10.11 53.44
C ALA A 453 -2.08 -8.88 53.18
N GLU A 454 -0.97 -8.75 53.91
CA GLU A 454 -0.11 -7.59 53.78
C GLU A 454 0.79 -7.73 52.56
N TYR A 455 1.51 -6.64 52.24
CA TYR A 455 2.35 -6.57 51.06
C TYR A 455 3.81 -6.40 51.48
N LEU A 456 4.67 -7.22 50.91
CA LEU A 456 6.11 -7.12 51.11
C LEU A 456 6.80 -6.92 49.77
N SER A 457 7.87 -6.12 49.77
CA SER A 457 8.58 -5.76 48.55
C SER A 457 9.94 -6.45 48.48
N ALA A 458 10.64 -6.20 47.38
CA ALA A 458 11.98 -6.72 47.11
C ALA A 458 12.03 -8.24 47.04
N GLN A 459 10.89 -8.89 46.82
CA GLN A 459 10.83 -10.33 46.65
C GLN A 459 9.87 -10.65 45.51
N GLY A 460 10.36 -11.37 44.51
CA GLY A 460 9.55 -11.75 43.37
C GLY A 460 10.36 -12.42 42.28
N PRO A 461 9.70 -12.75 41.17
CA PRO A 461 10.42 -13.39 40.05
C PRO A 461 11.52 -12.52 39.48
N LYS A 462 11.27 -11.21 39.43
CA LYS A 462 12.24 -10.26 38.89
C LYS A 462 12.50 -9.08 39.81
N GLY A 463 11.93 -9.08 41.02
CA GLY A 463 12.12 -7.98 41.95
C GLY A 463 10.87 -7.19 42.29
N GLU A 464 9.77 -7.36 41.56
CA GLU A 464 8.54 -6.66 41.88
C GLU A 464 7.91 -7.24 43.13
N GLY A 465 7.09 -6.42 43.80
CA GLY A 465 6.44 -6.85 45.02
C GLY A 465 5.40 -7.93 44.77
N VAL A 466 5.14 -8.72 45.81
CA VAL A 466 4.18 -9.81 45.76
C VAL A 466 3.14 -9.58 46.85
N LEU A 467 1.87 -9.79 46.51
CA LEU A 467 0.77 -9.63 47.46
C LEU A 467 0.29 -11.01 47.91
N HIS A 468 0.90 -11.48 48.99
CA HIS A 468 0.58 -12.80 49.52
C HIS A 468 -0.58 -12.71 50.50
N VAL A 469 -1.39 -13.76 50.54
CA VAL A 469 -2.50 -13.86 51.48
C VAL A 469 -2.33 -15.14 52.29
N ALA A 470 -2.54 -15.03 53.60
CA ALA A 470 -2.43 -16.16 54.53
C ALA A 470 -3.69 -16.23 55.38
N PRO A 471 -4.80 -16.70 54.82
CA PRO A 471 -6.06 -16.74 55.57
C PRO A 471 -6.18 -17.98 56.45
N THR A 472 -6.75 -17.77 57.63
CA THR A 472 -6.97 -18.84 58.60
C THR A 472 -8.45 -18.99 58.87
N THR A 473 -8.92 -20.25 58.90
CA THR A 473 -10.27 -20.67 59.29
C THR A 473 -11.37 -19.92 58.54
N GLN A 474 -11.01 -19.21 57.47
CA GLN A 474 -11.96 -18.46 56.66
C GLN A 474 -11.24 -17.93 55.42
N GLY A 475 -11.99 -17.74 54.35
CA GLY A 475 -11.45 -17.21 53.12
C GLY A 475 -11.40 -15.69 53.10
N VAL A 476 -10.51 -15.17 52.25
CA VAL A 476 -10.37 -13.73 52.04
C VAL A 476 -10.61 -13.44 50.56
N ASN A 477 -11.31 -12.35 50.29
CA ASN A 477 -11.67 -11.97 48.92
C ASN A 477 -10.98 -10.67 48.54
N ILE A 478 -10.34 -10.67 47.39
CA ILE A 478 -9.67 -9.48 46.85
C ILE A 478 -10.39 -9.08 45.57
N SER A 479 -10.98 -7.89 45.56
CA SER A 479 -11.84 -7.45 44.47
C SER A 479 -11.39 -6.10 43.94
N GLN A 480 -11.56 -5.93 42.63
CA GLN A 480 -11.30 -4.66 41.97
C GLN A 480 -12.27 -4.49 40.81
N VAL A 481 -12.53 -3.23 40.44
CA VAL A 481 -13.49 -2.90 39.39
C VAL A 481 -12.80 -1.97 38.40
N ALA A 482 -12.92 -2.29 37.11
CA ALA A 482 -12.35 -1.48 36.04
C ALA A 482 -13.42 -1.21 34.99
N THR A 483 -13.16 -0.23 34.12
CA THR A 483 -14.08 0.18 33.08
C THR A 483 -13.57 -0.27 31.72
N VAL A 484 -14.48 -0.75 30.87
CA VAL A 484 -14.12 -1.25 29.55
C VAL A 484 -14.21 -0.11 28.54
N SER A 485 -13.48 -0.24 27.44
CA SER A 485 -13.50 0.74 26.37
C SER A 485 -13.62 0.02 25.02
N LYS A 486 -14.13 0.76 24.04
CA LYS A 486 -14.29 0.28 22.67
C LYS A 486 -15.25 -0.92 22.60
N GLN A 487 -16.22 -0.95 23.51
CA GLN A 487 -17.32 -1.92 23.50
C GLN A 487 -16.73 -3.33 23.58
N ALA A 488 -17.05 -4.24 22.66
CA ALA A 488 -16.64 -5.62 22.78
C ALA A 488 -15.13 -5.77 22.57
N GLY A 489 -14.54 -6.69 23.31
CA GLY A 489 -13.13 -6.97 23.18
C GLY A 489 -12.79 -8.37 23.64
N SER A 490 -11.51 -8.57 23.96
CA SER A 490 -11.01 -9.85 24.46
C SER A 490 -10.39 -9.65 25.83
N MET A 491 -10.30 -10.72 26.60
CA MET A 491 -9.84 -10.61 27.98
C MET A 491 -8.33 -10.84 28.10
N SER A 492 -7.87 -12.03 27.68
CA SER A 492 -6.44 -12.37 27.66
C SER A 492 -5.81 -12.23 29.05
N MET A 493 -6.31 -13.05 29.96
CA MET A 493 -5.83 -13.04 31.33
C MET A 493 -4.43 -13.67 31.44
N SER A 494 -3.66 -13.20 32.41
CA SER A 494 -2.36 -13.78 32.73
C SER A 494 -1.89 -13.31 34.11
N VAL A 495 -1.66 -14.25 35.03
CA VAL A 495 -1.23 -13.95 36.39
C VAL A 495 -0.16 -14.94 36.80
N MET A 496 0.93 -14.44 37.39
CA MET A 496 1.93 -15.29 38.02
C MET A 496 1.46 -15.68 39.41
N VAL A 497 1.48 -16.97 39.72
CA VAL A 497 1.00 -17.48 40.99
C VAL A 497 2.07 -18.37 41.61
N ASN A 498 2.37 -18.15 42.89
CA ASN A 498 3.27 -19.00 43.65
C ASN A 498 2.56 -19.52 44.87
N ILE A 499 2.68 -20.83 45.10
CA ILE A 499 2.02 -21.52 46.21
C ILE A 499 3.11 -22.11 47.09
N ILE A 500 3.38 -21.47 48.23
CA ILE A 500 4.39 -21.97 49.15
C ILE A 500 3.91 -23.26 49.83
N SER A 501 2.63 -23.31 50.22
CA SER A 501 2.05 -24.48 50.85
C SER A 501 0.71 -24.78 50.20
N ALA A 502 0.48 -26.06 49.88
CA ALA A 502 -0.74 -26.47 49.20
C ALA A 502 -1.31 -27.69 49.90
N SER A 503 -2.57 -27.60 50.33
CA SER A 503 -3.28 -28.73 50.92
C SER A 503 -4.52 -29.15 50.15
N SER A 504 -5.12 -28.25 49.36
CA SER A 504 -6.30 -28.56 48.58
C SER A 504 -6.36 -27.62 47.39
N ASN A 505 -7.49 -27.65 46.68
CA ASN A 505 -7.69 -26.80 45.51
C ASN A 505 -8.02 -25.38 45.98
N ALA A 506 -6.98 -24.60 46.24
CA ALA A 506 -7.14 -23.22 46.69
C ALA A 506 -7.16 -22.29 45.48
N GLY A 507 -8.25 -22.41 44.71
CA GLY A 507 -8.38 -21.65 43.48
C GLY A 507 -9.52 -20.66 43.46
N GLN A 508 -10.39 -20.76 42.45
CA GLN A 508 -11.57 -19.92 42.28
C GLN A 508 -11.17 -18.43 42.18
N ILE A 509 -10.43 -18.14 41.10
CA ILE A 509 -10.17 -16.78 40.66
C ILE A 509 -11.14 -16.45 39.54
N SER A 510 -11.94 -15.41 39.72
CA SER A 510 -13.08 -15.14 38.86
C SER A 510 -13.02 -13.75 38.25
N LEU A 511 -13.61 -13.63 37.06
CA LEU A 511 -13.75 -12.37 36.36
C LEU A 511 -15.19 -12.27 35.87
N ALA A 512 -15.84 -11.14 36.15
CA ALA A 512 -17.26 -10.97 35.87
C ALA A 512 -17.50 -9.71 35.05
N TYR A 513 -18.52 -9.76 34.20
CA TYR A 513 -18.91 -8.62 33.39
C TYR A 513 -20.18 -7.98 33.96
N LEU A 514 -20.19 -6.65 34.00
CA LEU A 514 -21.34 -5.90 34.50
C LEU A 514 -21.65 -4.78 33.53
N ASP A 515 -22.93 -4.39 33.49
CA ASP A 515 -23.36 -3.27 32.67
C ASP A 515 -23.24 -1.97 33.45
N ALA A 516 -23.76 -0.88 32.87
CA ALA A 516 -23.72 0.43 33.52
C ALA A 516 -24.59 0.50 34.77
N PHE A 517 -25.51 -0.46 34.96
CA PHE A 517 -26.41 -0.45 36.10
C PHE A 517 -26.17 -1.62 37.05
N ASP A 518 -24.98 -2.24 36.98
CA ASP A 518 -24.57 -3.31 37.88
C ASP A 518 -25.52 -4.51 37.81
N ASN A 519 -25.63 -5.06 36.60
CA ASN A 519 -26.38 -6.28 36.36
C ASN A 519 -25.43 -7.33 35.77
N ASN A 520 -25.47 -8.53 36.32
CA ASN A 520 -24.56 -9.59 35.89
C ASN A 520 -24.85 -9.99 34.44
N LEU A 521 -23.78 -10.18 33.67
CA LEU A 521 -23.88 -10.61 32.29
C LEU A 521 -23.07 -11.86 31.98
N GLY A 522 -22.28 -12.36 32.92
CA GLY A 522 -21.46 -13.53 32.69
C GLY A 522 -20.09 -13.43 33.32
N GLY A 523 -19.30 -14.49 33.23
CA GLY A 523 -17.96 -14.47 33.81
C GLY A 523 -17.21 -15.74 33.48
N VAL A 524 -15.93 -15.72 33.83
CA VAL A 524 -15.03 -16.85 33.64
C VAL A 524 -14.23 -17.06 34.91
N SER A 525 -14.03 -18.34 35.27
CA SER A 525 -13.33 -18.71 36.49
C SER A 525 -12.21 -19.67 36.20
N ALA A 526 -11.17 -19.62 37.01
CA ALA A 526 -10.03 -20.52 36.93
C ALA A 526 -9.67 -21.03 38.31
N ASN A 527 -9.02 -22.19 38.35
CA ASN A 527 -8.62 -22.84 39.59
C ASN A 527 -7.11 -22.85 39.71
N LEU A 528 -6.61 -22.38 40.85
CA LEU A 528 -5.17 -22.47 41.13
C LEU A 528 -4.77 -23.92 41.33
N GLY A 529 -3.60 -24.28 40.78
CA GLY A 529 -3.12 -25.64 40.83
C GLY A 529 -2.58 -26.02 42.19
N THR A 530 -1.69 -27.01 42.17
CA THR A 530 -1.09 -27.55 43.39
C THR A 530 0.43 -27.46 43.38
N THR A 531 1.05 -27.35 42.22
CA THR A 531 2.51 -27.32 42.13
C THR A 531 3.08 -26.11 42.87
N THR A 532 4.25 -26.30 43.46
CA THR A 532 4.86 -25.26 44.29
C THR A 532 5.41 -24.11 43.46
N GLY A 533 5.98 -24.42 42.30
CA GLY A 533 6.69 -23.41 41.52
C GLY A 533 5.81 -22.29 41.01
N TRP A 534 6.47 -21.28 40.45
CA TRP A 534 5.79 -20.08 39.95
C TRP A 534 5.07 -20.38 38.64
N LYS A 535 3.79 -20.75 38.73
CA LYS A 535 3.03 -21.09 37.54
C LYS A 535 2.33 -19.84 36.98
N VAL A 536 1.77 -20.02 35.79
CA VAL A 536 0.98 -18.99 35.12
C VAL A 536 -0.46 -19.46 35.04
N ILE A 537 -1.39 -18.55 35.34
CA ILE A 537 -2.82 -18.82 35.23
C ILE A 537 -3.43 -17.80 34.28
N GLY A 538 -4.13 -18.28 33.26
CA GLY A 538 -4.71 -17.42 32.27
C GLY A 538 -4.50 -17.92 30.85
N LYS A 539 -3.86 -19.09 30.73
CA LYS A 539 -3.72 -19.72 29.42
C LYS A 539 -5.08 -20.07 28.84
N ASN A 540 -5.97 -20.63 29.66
CA ASN A 540 -7.31 -20.99 29.24
C ASN A 540 -8.29 -20.61 30.35
N THR A 541 -9.56 -20.94 30.12
CA THR A 541 -10.68 -20.79 31.07
C THR A 541 -10.75 -19.39 31.69
N LEU A 542 -10.09 -18.41 31.05
CA LEU A 542 -10.21 -17.02 31.46
C LEU A 542 -10.31 -16.08 30.25
N ARG A 543 -10.40 -16.61 29.04
CA ARG A 543 -10.52 -15.83 27.83
C ARG A 543 -11.97 -15.79 27.38
N GLY A 544 -12.27 -14.86 26.49
CA GLY A 544 -13.61 -14.74 25.96
C GLY A 544 -13.81 -13.41 25.29
N ARG A 545 -14.99 -13.26 24.71
CA ARG A 545 -15.40 -12.02 24.05
C ARG A 545 -16.51 -11.37 24.87
N LEU A 546 -16.36 -10.07 25.14
CA LEU A 546 -17.28 -9.40 26.02
C LEU A 546 -18.67 -9.31 25.40
N PRO A 547 -19.74 -9.54 26.17
CA PRO A 547 -21.09 -9.39 25.63
C PRO A 547 -21.36 -7.95 25.24
N VAL A 548 -22.24 -7.77 24.26
CA VAL A 548 -22.56 -6.44 23.77
C VAL A 548 -23.29 -5.67 24.87
N GLY A 549 -22.78 -4.48 25.19
CA GLY A 549 -23.37 -3.62 26.19
C GLY A 549 -22.70 -3.65 27.54
N THR A 550 -21.61 -4.39 27.71
CA THR A 550 -20.90 -4.42 28.99
C THR A 550 -20.24 -3.08 29.25
N ALA A 551 -20.11 -2.74 30.53
CA ALA A 551 -19.57 -1.44 30.92
C ALA A 551 -18.40 -1.58 31.88
N LYS A 552 -18.44 -2.57 32.77
CA LYS A 552 -17.43 -2.73 33.80
C LYS A 552 -17.01 -4.19 33.91
N VAL A 553 -15.78 -4.38 34.39
CA VAL A 553 -15.18 -5.70 34.59
C VAL A 553 -14.76 -5.79 36.06
N ARG A 554 -15.19 -6.85 36.73
CA ARG A 554 -14.91 -7.07 38.14
C ARG A 554 -13.96 -8.26 38.29
N LEU A 555 -12.86 -8.05 39.00
CA LEU A 555 -11.89 -9.09 39.29
C LEU A 555 -12.04 -9.53 40.75
N ASN A 556 -12.18 -10.83 40.97
CA ASN A 556 -12.28 -11.41 42.30
C ASN A 556 -11.24 -12.51 42.45
N ILE A 557 -10.56 -12.51 43.59
CA ILE A 557 -9.57 -13.51 43.94
C ILE A 557 -9.95 -14.09 45.29
N GLN A 558 -10.05 -15.42 45.35
CA GLN A 558 -10.49 -16.12 46.55
C GLN A 558 -9.48 -17.18 46.93
N THR A 559 -9.32 -17.38 48.24
CA THR A 559 -8.43 -18.40 48.77
C THR A 559 -9.14 -19.15 49.88
N VAL A 560 -9.14 -20.49 49.81
CA VAL A 560 -9.76 -21.29 50.86
C VAL A 560 -8.86 -21.26 52.11
N ALA A 561 -9.49 -21.48 53.26
CA ALA A 561 -8.75 -21.49 54.51
C ALA A 561 -7.69 -22.59 54.50
N GLY A 562 -6.56 -22.30 55.13
CA GLY A 562 -5.45 -23.23 55.11
C GLY A 562 -4.29 -22.76 54.25
N ALA A 563 -4.17 -23.32 53.05
CA ALA A 563 -3.04 -23.03 52.17
C ALA A 563 -2.97 -21.54 51.87
N ASP A 564 -1.74 -21.02 51.84
CA ASP A 564 -1.46 -19.62 51.57
C ASP A 564 -0.71 -19.49 50.26
N VAL A 565 -1.06 -18.49 49.45
CA VAL A 565 -0.55 -18.31 48.11
C VAL A 565 -0.07 -16.88 47.94
N GLN A 566 0.41 -16.56 46.74
CA GLN A 566 0.78 -15.19 46.41
C GLN A 566 0.66 -15.00 44.90
N TYR A 567 0.25 -13.78 44.51
CA TYR A 567 -0.01 -13.45 43.12
C TYR A 567 0.86 -12.27 42.70
N THR A 568 1.11 -12.18 41.39
CA THR A 568 1.88 -11.09 40.84
C THR A 568 1.47 -10.91 39.38
N ASN A 569 1.63 -9.68 38.87
CA ASN A 569 1.23 -9.31 37.52
C ASN A 569 -0.23 -9.67 37.25
N ILE A 570 -1.10 -9.25 38.18
CA ILE A 570 -2.53 -9.49 38.02
C ILE A 570 -3.08 -8.41 37.09
N LEU A 571 -3.07 -8.69 35.79
CA LEU A 571 -3.41 -7.68 34.78
C LEU A 571 -4.39 -8.25 33.78
N CYS A 572 -5.38 -7.45 33.42
CA CYS A 572 -6.22 -7.69 32.25
C CYS A 572 -5.61 -6.99 31.05
N ASN A 573 -6.04 -7.39 29.86
CA ASN A 573 -5.57 -6.76 28.62
C ASN A 573 -6.69 -6.83 27.59
N ILE A 574 -7.48 -5.77 27.51
CA ILE A 574 -8.61 -5.72 26.59
C ILE A 574 -8.12 -5.44 25.19
N ILE A 575 -8.69 -6.15 24.21
CA ILE A 575 -8.39 -6.03 22.77
C ILE A 575 -6.89 -5.87 22.51
N GLY B 14 32.85 -14.50 -49.16
CA GLY B 14 31.74 -15.40 -49.44
C GLY B 14 30.50 -15.10 -48.64
N GLN B 15 29.56 -14.40 -49.26
CA GLN B 15 28.32 -14.04 -48.58
C GLN B 15 27.46 -15.29 -48.34
N PRO B 16 26.73 -15.35 -47.24
CA PRO B 16 25.91 -16.52 -46.95
C PRO B 16 24.75 -16.66 -47.92
N TRP B 17 24.34 -17.92 -48.11
CA TRP B 17 23.19 -18.22 -48.97
C TRP B 17 21.89 -17.76 -48.29
N ARG B 18 20.87 -17.55 -49.11
CA ARG B 18 19.58 -17.04 -48.64
C ARG B 18 18.47 -18.03 -48.95
N PHE B 19 17.59 -18.25 -47.98
CA PHE B 19 16.47 -19.17 -48.11
C PHE B 19 15.17 -18.43 -47.81
N SER B 20 14.19 -18.58 -48.70
CA SER B 20 12.89 -17.94 -48.49
C SER B 20 12.05 -18.70 -47.47
N SER B 21 12.09 -20.03 -47.51
CA SER B 21 11.26 -20.85 -46.63
C SER B 21 12.09 -22.00 -46.07
N VAL B 22 11.63 -22.54 -44.94
CA VAL B 22 12.36 -23.63 -44.29
C VAL B 22 12.26 -24.91 -45.11
N ALA B 23 11.15 -25.10 -45.83
CA ALA B 23 11.02 -26.27 -46.68
C ALA B 23 12.07 -26.29 -47.78
N LYS B 24 12.33 -25.12 -48.39
CA LYS B 24 13.37 -25.03 -49.40
C LYS B 24 14.74 -25.33 -48.81
N MET B 25 15.01 -24.85 -47.60
CA MET B 25 16.28 -25.14 -46.94
C MET B 25 16.44 -26.64 -46.68
N LYS B 26 15.36 -27.29 -46.22
CA LYS B 26 15.41 -28.73 -46.00
C LYS B 26 15.63 -29.49 -47.29
N ALA B 27 15.00 -29.04 -48.39
CA ALA B 27 15.12 -29.74 -49.66
C ALA B 27 16.53 -29.66 -50.22
N PHE B 28 17.19 -28.50 -50.10
CA PHE B 28 18.48 -28.29 -50.72
C PHE B 28 19.52 -29.19 -50.04
N ASN B 29 20.35 -29.83 -50.85
CA ASN B 29 21.36 -30.75 -50.36
C ASN B 29 22.70 -30.05 -50.22
N TYR B 30 23.40 -30.33 -49.12
CA TYR B 30 24.66 -29.67 -48.79
C TYR B 30 25.88 -30.52 -49.14
N SER B 31 25.74 -31.46 -50.06
CA SER B 31 26.88 -32.30 -50.44
C SER B 31 27.97 -31.47 -51.11
N CYS B 32 27.59 -30.61 -52.04
CA CYS B 32 28.54 -29.80 -52.80
C CYS B 32 28.58 -28.35 -52.36
N TYR B 33 27.86 -27.98 -51.30
CA TYR B 33 27.80 -26.60 -50.84
C TYR B 33 28.92 -26.36 -49.83
N LEU B 34 29.84 -25.46 -50.16
CA LEU B 34 30.94 -25.09 -49.29
C LEU B 34 30.66 -23.69 -48.76
N GLY B 35 29.96 -23.63 -47.63
CA GLY B 35 29.59 -22.37 -47.03
C GLY B 35 29.58 -22.48 -45.52
N SER B 36 29.80 -21.33 -44.86
CA SER B 36 29.88 -21.33 -43.41
C SER B 36 28.52 -21.09 -42.77
N SER B 37 27.68 -20.26 -43.40
CA SER B 37 26.41 -19.88 -42.79
C SER B 37 25.36 -19.67 -43.88
N VAL B 38 24.10 -19.76 -43.46
CA VAL B 38 22.96 -19.48 -44.31
C VAL B 38 21.97 -18.59 -43.54
N PHE B 39 21.13 -17.88 -44.29
CA PHE B 39 20.22 -16.89 -43.73
C PHE B 39 18.81 -17.17 -44.24
N LEU B 40 17.86 -17.33 -43.33
CA LEU B 40 16.47 -17.53 -43.68
C LEU B 40 15.68 -16.27 -43.37
N GLU B 41 14.89 -15.82 -44.35
CA GLU B 41 14.08 -14.62 -44.17
C GLU B 41 12.85 -14.88 -43.32
N SER B 42 12.25 -16.07 -43.46
CA SER B 42 11.06 -16.42 -42.70
C SER B 42 10.92 -17.93 -42.67
N TRP B 43 10.41 -18.46 -41.55
CA TRP B 43 10.23 -19.90 -41.44
C TRP B 43 9.09 -20.38 -42.34
N HIS B 44 8.05 -19.57 -42.47
CA HIS B 44 6.94 -19.83 -43.38
C HIS B 44 7.08 -18.94 -44.62
N GLU B 45 6.68 -19.47 -45.77
CA GLU B 45 6.74 -18.71 -47.01
C GLU B 45 5.72 -17.58 -46.98
N GLY B 46 6.22 -16.35 -47.20
CA GLY B 46 5.37 -15.18 -47.26
C GLY B 46 5.09 -14.52 -45.92
N ALA B 47 5.38 -15.19 -44.81
CA ALA B 47 5.12 -14.61 -43.50
C ALA B 47 6.04 -13.43 -43.22
N GLY B 48 7.31 -13.55 -43.60
CA GLY B 48 8.28 -12.49 -43.33
C GLY B 48 8.53 -12.25 -41.86
N LEU B 49 8.63 -13.33 -41.09
CA LEU B 49 8.84 -13.24 -39.64
C LEU B 49 9.85 -14.28 -39.20
N GLY B 50 10.56 -13.96 -38.12
CA GLY B 50 11.50 -14.91 -37.54
C GLY B 50 12.70 -15.24 -38.41
N SER B 51 13.32 -14.22 -39.02
CA SER B 51 14.53 -14.44 -39.79
C SER B 51 15.65 -14.95 -38.88
N GLY B 52 16.47 -15.85 -39.43
CA GLY B 52 17.47 -16.50 -38.61
C GLY B 52 18.72 -16.86 -39.37
N LEU B 53 19.79 -17.08 -38.62
CA LEU B 53 21.11 -17.40 -39.18
C LEU B 53 21.56 -18.76 -38.67
N PHE B 54 21.91 -19.65 -39.59
CA PHE B 54 22.34 -21.01 -39.29
C PHE B 54 23.78 -21.21 -39.73
N LYS B 55 24.47 -22.11 -39.05
CA LYS B 55 25.77 -22.60 -39.46
C LYS B 55 25.71 -24.12 -39.59
N VAL B 56 26.32 -24.64 -40.66
CA VAL B 56 26.24 -26.05 -40.99
C VAL B 56 27.22 -26.82 -40.11
N SER B 57 26.73 -27.89 -39.48
CA SER B 57 27.62 -28.76 -38.71
C SER B 57 28.31 -29.79 -39.59
N LYS B 58 27.56 -30.42 -40.49
CA LYS B 58 28.09 -31.33 -41.51
C LYS B 58 28.85 -32.49 -40.88
N GLY B 59 28.11 -33.29 -40.11
CA GLY B 59 28.67 -34.50 -39.55
C GLY B 59 28.23 -34.86 -38.14
N THR B 60 27.82 -33.86 -37.35
CA THR B 60 27.43 -34.11 -35.98
C THR B 60 25.96 -34.50 -35.91
N THR B 61 25.59 -35.15 -34.81
CA THR B 61 24.23 -35.64 -34.60
C THR B 61 23.70 -35.08 -33.28
N GLU B 62 22.51 -34.49 -33.33
CA GLU B 62 21.85 -33.95 -32.15
C GLU B 62 20.38 -34.34 -32.14
N VAL B 63 19.59 -33.73 -31.26
CA VAL B 63 18.18 -34.08 -31.14
C VAL B 63 17.43 -33.75 -32.43
N GLY B 64 17.69 -32.58 -33.01
CA GLY B 64 17.07 -32.22 -34.27
C GLY B 64 15.76 -31.48 -34.12
N ASP B 65 15.73 -30.47 -33.25
CA ASP B 65 14.52 -29.68 -33.07
C ASP B 65 14.30 -28.77 -34.27
N ASP B 66 13.14 -28.12 -34.31
CA ASP B 66 12.79 -27.28 -35.44
C ASP B 66 13.50 -25.92 -35.38
N GLY B 67 13.26 -25.16 -34.32
CA GLY B 67 13.86 -23.84 -34.22
C GLY B 67 15.37 -23.89 -34.08
N SER B 68 15.87 -24.79 -33.23
CA SER B 68 17.29 -24.94 -32.99
C SER B 68 17.77 -26.28 -33.53
N VAL B 69 19.04 -26.31 -33.95
CA VAL B 69 19.72 -27.45 -34.55
C VAL B 69 18.77 -28.22 -35.47
N ILE B 70 18.24 -27.52 -36.48
CA ILE B 70 17.31 -28.14 -37.41
C ILE B 70 18.01 -29.21 -38.22
N VAL B 71 17.23 -30.18 -38.71
CA VAL B 71 17.75 -31.32 -39.46
C VAL B 71 17.21 -31.26 -40.89
N ALA B 72 18.09 -31.50 -41.85
CA ALA B 72 17.72 -31.51 -43.26
C ALA B 72 17.49 -32.94 -43.73
N ALA B 73 17.06 -33.05 -45.00
CA ALA B 73 16.80 -34.37 -45.57
C ALA B 73 18.09 -35.16 -45.76
N ASP B 74 19.20 -34.49 -46.11
CA ASP B 74 20.45 -35.19 -46.33
C ASP B 74 20.96 -35.83 -45.03
N GLY B 75 20.84 -35.11 -43.92
CA GLY B 75 21.31 -35.63 -42.64
C GLY B 75 22.05 -34.59 -41.81
N THR B 76 22.70 -33.64 -42.49
CA THR B 76 23.41 -32.58 -41.79
C THR B 76 22.44 -31.70 -41.02
N ARG B 77 22.90 -31.20 -39.87
CA ARG B 77 22.08 -30.40 -38.97
C ARG B 77 22.63 -28.98 -38.91
N LEU B 78 21.72 -28.00 -39.00
CA LEU B 78 22.09 -26.59 -39.05
C LEU B 78 21.87 -25.99 -37.67
N ILE B 79 22.96 -25.60 -37.01
CA ILE B 79 22.89 -25.02 -35.68
C ILE B 79 22.57 -23.52 -35.80
N ARG B 80 21.51 -23.08 -35.15
CA ARG B 80 21.13 -21.68 -35.15
C ARG B 80 22.05 -20.88 -34.26
N VAL B 81 22.30 -19.62 -34.65
CA VAL B 81 23.04 -18.69 -33.81
C VAL B 81 22.07 -17.66 -33.26
N PHE B 82 22.20 -17.36 -31.97
CA PHE B 82 21.26 -16.49 -31.27
C PHE B 82 21.92 -15.16 -30.93
N ASP B 83 21.26 -14.07 -31.28
CA ASP B 83 21.70 -12.73 -30.94
C ASP B 83 20.60 -12.05 -30.14
N GLY B 84 20.95 -11.54 -28.96
CA GLY B 84 20.00 -10.88 -28.10
C GLY B 84 18.93 -11.82 -27.57
N PRO B 85 17.71 -11.33 -27.46
CA PRO B 85 16.64 -12.13 -26.88
C PRO B 85 16.21 -13.26 -27.80
N ILE B 86 15.60 -14.28 -27.19
CA ILE B 86 15.08 -15.44 -27.91
C ILE B 86 13.60 -15.22 -28.17
N PHE B 87 13.18 -15.34 -29.42
CA PHE B 87 11.80 -15.11 -29.82
C PHE B 87 11.10 -16.44 -30.03
N ALA B 88 9.89 -16.58 -29.45
CA ALA B 88 9.14 -17.81 -29.56
C ALA B 88 8.50 -17.99 -30.93
N ASP B 89 8.16 -16.89 -31.61
CA ASP B 89 7.61 -16.99 -32.96
C ASP B 89 8.64 -17.48 -33.97
N MET B 90 9.91 -17.54 -33.58
CA MET B 90 10.96 -18.00 -34.47
C MET B 90 10.79 -19.47 -34.84
N TRP B 91 10.37 -20.30 -33.88
CA TRP B 91 10.24 -21.73 -34.11
C TRP B 91 9.20 -22.05 -35.18
N GLY B 92 7.92 -21.85 -34.86
CA GLY B 92 6.86 -22.09 -35.83
C GLY B 92 5.67 -21.15 -35.71
N ALA B 93 5.71 -20.23 -34.75
CA ALA B 93 4.53 -19.45 -34.41
C ALA B 93 4.37 -18.25 -35.32
N LEU B 94 3.16 -18.05 -35.82
CA LEU B 94 2.79 -16.88 -36.59
C LEU B 94 1.39 -16.45 -36.16
N PRO B 95 1.09 -15.15 -36.26
CA PRO B 95 -0.27 -14.70 -35.91
C PRO B 95 -1.28 -15.13 -36.96
N SER B 96 -2.30 -15.86 -36.52
CA SER B 96 -3.34 -16.36 -37.42
C SER B 96 -4.59 -16.67 -36.59
N SER B 97 -5.62 -17.16 -37.28
CA SER B 97 -6.87 -17.51 -36.64
C SER B 97 -7.24 -18.98 -36.79
N THR B 98 -6.55 -19.72 -37.67
CA THR B 98 -6.88 -21.13 -37.88
C THR B 98 -5.63 -22.01 -37.99
N TYR B 99 -4.48 -21.52 -37.54
CA TYR B 99 -3.22 -22.28 -37.60
C TYR B 99 -2.75 -22.59 -36.20
N ASN B 100 -2.52 -23.87 -35.93
CA ASN B 100 -2.09 -24.29 -34.60
C ASN B 100 -0.66 -23.83 -34.33
N SER B 101 -0.42 -23.40 -33.09
CA SER B 101 0.90 -22.93 -32.69
C SER B 101 1.36 -23.46 -31.34
N LEU B 102 0.57 -24.29 -30.67
CA LEU B 102 0.98 -24.82 -29.38
C LEU B 102 2.26 -25.65 -29.43
N PRO B 103 2.46 -26.58 -30.37
CA PRO B 103 3.73 -27.31 -30.41
C PRO B 103 4.95 -26.42 -30.53
N ALA B 104 4.87 -25.36 -31.34
CA ALA B 104 6.00 -24.45 -31.50
C ALA B 104 6.32 -23.74 -30.19
N ILE B 105 5.30 -23.26 -29.49
CA ILE B 105 5.51 -22.57 -28.22
C ILE B 105 6.10 -23.54 -27.19
N LYS B 106 5.58 -24.77 -27.15
CA LYS B 106 6.07 -25.76 -26.20
C LYS B 106 7.53 -26.09 -26.47
N SER B 107 7.89 -26.30 -27.74
CA SER B 107 9.28 -26.58 -28.09
C SER B 107 10.19 -25.40 -27.77
N ALA B 108 9.73 -24.18 -28.04
CA ALA B 108 10.54 -23.01 -27.74
C ALA B 108 10.78 -22.88 -26.24
N TYR B 109 9.74 -23.11 -25.43
CA TYR B 109 9.91 -23.02 -23.99
C TYR B 109 10.83 -24.13 -23.47
N LEU B 110 10.67 -25.34 -24.00
CA LEU B 110 11.53 -26.45 -23.58
C LEU B 110 12.99 -26.17 -23.93
N TYR B 111 13.25 -25.56 -25.08
CA TYR B 111 14.62 -25.21 -25.43
C TYR B 111 15.13 -24.06 -24.58
N ALA B 112 14.26 -23.10 -24.24
CA ALA B 112 14.67 -21.98 -23.40
C ALA B 112 14.94 -22.43 -21.97
N SER B 113 14.38 -23.55 -21.56
CA SER B 113 14.66 -24.07 -20.22
C SER B 113 16.14 -24.38 -20.05
N SER B 114 16.75 -25.01 -21.06
CA SER B 114 18.19 -25.16 -21.08
C SER B 114 18.85 -23.80 -21.28
N LYS B 115 19.99 -23.62 -20.62
CA LYS B 115 20.72 -22.34 -20.56
C LYS B 115 19.73 -21.18 -20.36
N LEU B 116 19.07 -21.24 -19.20
CA LEU B 116 17.88 -20.45 -18.92
C LEU B 116 18.00 -18.99 -19.34
N GLN B 117 16.98 -18.52 -20.04
CA GLN B 117 16.87 -17.14 -20.50
C GLN B 117 15.39 -16.76 -20.47
N GLN B 118 15.07 -15.66 -21.15
CA GLN B 118 13.70 -15.18 -21.21
C GLN B 118 13.15 -15.40 -22.63
N LEU B 119 11.90 -15.87 -22.68
CA LEU B 119 11.23 -16.17 -23.95
C LEU B 119 10.19 -15.10 -24.23
N PHE B 120 10.23 -14.56 -25.45
CA PHE B 120 9.35 -13.46 -25.85
C PHE B 120 8.45 -13.90 -27.00
N LEU B 121 7.19 -13.50 -26.92
CA LEU B 121 6.21 -13.79 -27.97
C LEU B 121 6.08 -12.59 -28.89
N GLY B 122 5.81 -12.86 -30.16
CA GLY B 122 5.58 -11.80 -31.12
C GLY B 122 4.17 -11.23 -31.03
N GLY B 123 3.91 -10.23 -31.86
CA GLY B 123 2.61 -9.60 -31.88
C GLY B 123 1.60 -10.39 -32.68
N GLY B 124 0.36 -9.90 -32.66
CA GLY B 124 -0.72 -10.51 -33.41
C GLY B 124 -1.48 -11.53 -32.58
N SER B 125 -2.63 -11.95 -33.12
CA SER B 125 -3.48 -12.92 -32.44
C SER B 125 -3.03 -14.33 -32.81
N TYR B 126 -2.76 -15.14 -31.80
CA TYR B 126 -2.33 -16.52 -31.97
C TYR B 126 -3.51 -17.47 -31.83
N LYS B 127 -3.31 -18.71 -32.27
CA LYS B 127 -4.29 -19.77 -32.13
C LYS B 127 -3.59 -21.03 -31.65
N VAL B 128 -4.13 -21.65 -30.60
CA VAL B 128 -3.54 -22.84 -29.99
C VAL B 128 -4.63 -23.88 -29.81
N THR B 129 -4.29 -25.14 -30.06
CA THR B 129 -5.19 -26.26 -29.86
C THR B 129 -4.38 -27.50 -29.50
N GLY B 130 -5.04 -28.46 -28.88
CA GLY B 130 -4.40 -29.69 -28.49
C GLY B 130 -5.08 -30.30 -27.28
N SER B 131 -4.31 -31.05 -26.49
CA SER B 131 -4.83 -31.69 -25.29
C SER B 131 -3.89 -31.57 -24.11
N SER B 132 -2.79 -30.84 -24.22
CA SER B 132 -1.83 -30.68 -23.14
C SER B 132 -1.61 -29.20 -22.85
N GLY B 133 -1.39 -28.89 -21.58
CA GLY B 133 -1.14 -27.54 -21.14
C GLY B 133 0.33 -27.20 -21.14
N ILE B 134 0.63 -25.96 -20.74
CA ILE B 134 2.01 -25.46 -20.71
C ILE B 134 2.48 -25.41 -19.27
N ASP B 135 3.60 -26.08 -19.00
CA ASP B 135 4.21 -26.15 -17.67
C ASP B 135 5.22 -25.01 -17.56
N ILE B 136 4.81 -23.90 -16.96
CA ILE B 136 5.67 -22.74 -16.80
C ILE B 136 6.49 -22.92 -15.54
N ASP B 137 7.82 -22.90 -15.67
CA ASP B 137 8.71 -22.98 -14.53
C ASP B 137 9.26 -21.59 -14.26
N PRO B 138 8.88 -20.92 -13.17
CA PRO B 138 9.38 -19.56 -12.92
C PRO B 138 10.89 -19.48 -12.78
N SER B 139 11.53 -20.52 -12.25
CA SER B 139 12.98 -20.49 -12.05
C SER B 139 13.75 -20.75 -13.33
N LEU B 140 13.08 -21.09 -14.43
CA LEU B 140 13.76 -21.42 -15.68
C LEU B 140 13.50 -20.39 -16.77
N ALA B 141 12.23 -20.14 -17.11
CA ALA B 141 11.90 -19.23 -18.20
C ALA B 141 10.49 -18.69 -17.97
N GLY B 142 9.94 -18.04 -19.00
CA GLY B 142 8.62 -17.47 -18.91
C GLY B 142 8.03 -17.25 -20.29
N ILE B 143 6.80 -16.75 -20.31
CA ILE B 143 6.08 -16.50 -21.56
C ILE B 143 5.81 -15.01 -21.66
N SER B 144 6.73 -14.20 -21.14
CA SER B 144 6.58 -12.75 -21.18
C SER B 144 6.50 -12.26 -22.62
N ALA B 145 5.45 -11.48 -22.92
CA ALA B 145 5.23 -10.94 -24.26
C ALA B 145 5.02 -9.44 -24.14
N LEU B 146 5.92 -8.66 -24.74
CA LEU B 146 5.85 -7.21 -24.63
C LEU B 146 4.75 -6.63 -25.51
N SER B 147 4.61 -7.11 -26.74
CA SER B 147 3.76 -6.46 -27.74
C SER B 147 2.37 -7.10 -27.77
N ARG B 148 1.72 -7.13 -26.60
CA ARG B 148 0.30 -7.44 -26.46
C ARG B 148 -0.10 -8.71 -27.22
N ALA B 149 0.51 -9.81 -26.80
CA ALA B 149 0.24 -11.08 -27.46
C ALA B 149 -1.15 -11.60 -27.09
N ARG B 150 -1.84 -12.16 -28.08
CA ARG B 150 -3.15 -12.73 -27.89
C ARG B 150 -3.17 -14.15 -28.44
N VAL B 151 -3.68 -15.09 -27.63
CA VAL B 151 -3.81 -16.48 -28.03
C VAL B 151 -5.29 -16.87 -27.93
N ASP B 152 -5.69 -17.84 -28.74
CA ASP B 152 -7.07 -18.31 -28.79
C ASP B 152 -7.12 -19.76 -28.34
N THR B 153 -8.03 -20.06 -27.40
CA THR B 153 -8.16 -21.39 -26.82
C THR B 153 -9.57 -21.95 -26.96
N THR B 154 -10.35 -21.46 -27.93
CA THR B 154 -11.70 -21.97 -28.12
C THR B 154 -11.68 -23.44 -28.57
N GLU B 155 -10.86 -23.75 -29.57
CA GLU B 155 -10.75 -25.13 -30.04
C GLU B 155 -9.93 -26.00 -29.09
N PHE B 156 -9.07 -25.39 -28.27
CA PHE B 156 -8.22 -26.17 -27.37
C PHE B 156 -9.07 -26.79 -26.27
N THR B 157 -8.79 -28.06 -25.96
CA THR B 157 -9.45 -28.77 -24.87
C THR B 157 -8.39 -29.30 -23.92
N GLY B 158 -8.66 -29.21 -22.62
CA GLY B 158 -7.73 -29.69 -21.63
C GLY B 158 -8.11 -29.18 -20.26
N ASP B 159 -7.43 -29.74 -19.25
CA ASP B 159 -7.71 -29.35 -17.87
C ASP B 159 -7.20 -27.94 -17.59
N TYR B 160 -5.96 -27.64 -17.99
CA TYR B 160 -5.36 -26.35 -17.69
C TYR B 160 -4.45 -25.95 -18.85
N LEU B 161 -4.62 -24.71 -19.33
CA LEU B 161 -3.73 -24.21 -20.36
C LEU B 161 -2.37 -23.86 -19.79
N PHE B 162 -2.34 -23.20 -18.63
CA PHE B 162 -1.10 -22.77 -17.99
C PHE B 162 -1.07 -23.31 -16.57
N THR B 163 0.02 -24.02 -16.23
CA THR B 163 0.25 -24.44 -14.86
C THR B 163 1.64 -24.01 -14.44
N ILE B 164 1.72 -23.29 -13.32
CA ILE B 164 2.97 -22.66 -12.87
C ILE B 164 3.46 -23.42 -11.64
N THR B 165 4.65 -24.00 -11.76
CA THR B 165 5.27 -24.72 -10.65
C THR B 165 6.76 -24.78 -10.89
N SER B 166 7.51 -25.04 -9.82
CA SER B 166 8.96 -25.15 -9.88
C SER B 166 9.39 -26.54 -9.43
N SER B 167 10.25 -27.17 -10.21
CA SER B 167 10.74 -28.51 -9.87
C SER B 167 11.78 -28.46 -8.76
N TYR B 168 12.55 -27.39 -8.66
CA TYR B 168 13.60 -27.29 -7.65
C TYR B 168 12.99 -27.25 -6.26
N SER B 169 13.63 -27.94 -5.32
CA SER B 169 13.08 -28.05 -3.97
C SER B 169 13.43 -26.83 -3.12
N TYR B 170 14.72 -26.67 -2.80
CA TYR B 170 15.14 -25.49 -2.04
C TYR B 170 16.47 -24.89 -2.47
N THR B 171 17.31 -25.59 -3.22
CA THR B 171 18.67 -25.10 -3.41
C THR B 171 18.72 -23.91 -4.37
N PRO B 172 18.30 -24.05 -5.65
CA PRO B 172 18.48 -22.94 -6.58
C PRO B 172 17.27 -22.05 -6.76
N ALA B 173 16.11 -22.46 -6.22
CA ALA B 173 14.88 -21.72 -6.45
C ALA B 173 14.89 -20.34 -5.79
N PRO B 174 15.15 -20.19 -4.48
CA PRO B 174 15.14 -18.84 -3.90
C PRO B 174 16.26 -17.97 -4.45
N TYR B 175 17.33 -18.58 -4.94
CA TYR B 175 18.48 -17.81 -5.43
C TYR B 175 18.11 -17.00 -6.66
N TYR B 176 17.43 -17.64 -7.62
CA TYR B 176 17.06 -17.02 -8.89
C TYR B 176 15.63 -17.44 -9.26
N ASN B 177 14.66 -16.67 -8.77
CA ASN B 177 13.26 -16.90 -9.09
C ASN B 177 12.58 -15.61 -9.55
N ASN B 178 12.99 -14.48 -8.97
CA ASN B 178 12.35 -13.19 -9.20
C ASN B 178 13.10 -12.33 -10.20
N LEU B 179 14.08 -12.90 -10.91
CA LEU B 179 14.89 -12.10 -11.83
C LEU B 179 14.07 -11.56 -12.99
N SER B 180 12.96 -12.22 -13.34
CA SER B 180 12.11 -11.77 -14.42
C SER B 180 10.70 -12.32 -14.22
N VAL B 181 9.75 -11.76 -14.96
CA VAL B 181 8.35 -12.16 -14.82
C VAL B 181 8.13 -13.53 -15.47
N ALA B 182 7.09 -14.22 -15.01
CA ALA B 182 6.79 -15.56 -15.52
C ALA B 182 5.84 -15.50 -16.71
N LEU B 183 4.95 -14.52 -16.75
CA LEU B 183 3.98 -14.41 -17.83
C LEU B 183 3.56 -12.95 -17.95
N GLU B 184 3.78 -12.37 -19.12
CA GLU B 184 3.47 -10.97 -19.36
C GLU B 184 2.85 -10.80 -20.74
N GLY B 185 1.82 -9.96 -20.83
CA GLY B 185 1.23 -9.59 -22.10
C GLY B 185 0.53 -10.71 -22.85
N LEU B 186 -0.27 -11.51 -22.17
CA LEU B 186 -1.03 -12.59 -22.79
C LEU B 186 -2.52 -12.36 -22.58
N TYR B 187 -3.27 -12.28 -23.68
CA TYR B 187 -4.71 -12.24 -23.65
C TYR B 187 -5.23 -13.57 -24.19
N VAL B 188 -5.92 -14.33 -23.35
CA VAL B 188 -6.43 -15.64 -23.73
C VAL B 188 -7.93 -15.53 -24.02
N PHE B 189 -8.37 -16.17 -25.10
CA PHE B 189 -9.79 -16.29 -25.38
C PHE B 189 -10.32 -17.55 -24.71
N GLY B 190 -11.54 -17.95 -25.03
CA GLY B 190 -12.10 -19.16 -24.46
C GLY B 190 -13.61 -19.28 -24.63
N ASN B 191 -14.14 -20.46 -24.34
CA ASN B 191 -15.58 -20.72 -24.40
C ASN B 191 -16.05 -21.32 -23.08
N LYS B 192 -17.35 -21.17 -22.83
CA LYS B 192 -17.96 -21.60 -21.56
C LYS B 192 -18.33 -23.07 -21.69
N THR B 193 -17.40 -23.94 -21.32
CA THR B 193 -17.63 -25.38 -21.28
C THR B 193 -17.11 -25.94 -19.97
N GLU B 194 -17.70 -27.04 -19.53
CA GLU B 194 -17.29 -27.69 -18.29
C GLU B 194 -15.91 -28.34 -18.45
N GLY B 195 -15.13 -28.28 -17.39
CA GLY B 195 -13.86 -28.97 -17.32
C GLY B 195 -12.68 -28.24 -17.92
N ARG B 196 -12.89 -27.08 -18.52
CA ARG B 196 -11.82 -26.31 -19.14
C ARG B 196 -11.64 -25.00 -18.36
N SER B 197 -10.41 -24.77 -17.89
CA SER B 197 -10.11 -23.62 -17.05
C SER B 197 -8.85 -22.95 -17.59
N GLY B 198 -8.32 -22.00 -16.83
CA GLY B 198 -7.19 -21.22 -17.28
C GLY B 198 -5.88 -21.50 -16.58
N LEU B 199 -5.47 -20.59 -15.69
CA LEU B 199 -4.15 -20.64 -15.08
C LEU B 199 -4.24 -21.23 -13.68
N LEU B 200 -3.41 -22.23 -13.41
CA LEU B 200 -3.27 -22.84 -12.09
C LEU B 200 -1.89 -22.51 -11.54
N THR B 201 -1.83 -22.13 -10.27
CA THR B 201 -0.58 -21.86 -9.59
C THR B 201 -0.23 -23.04 -8.68
N GLY B 202 0.96 -23.59 -8.87
CA GLY B 202 1.40 -24.72 -8.06
C GLY B 202 1.25 -26.04 -8.78
N ARG B 203 0.89 -27.09 -8.03
CA ARG B 203 0.71 -28.42 -8.58
C ARG B 203 -0.70 -28.91 -8.29
N ARG B 204 -1.30 -29.58 -9.27
CA ARG B 204 -2.66 -30.08 -9.12
C ARG B 204 -2.73 -31.29 -8.21
N THR B 205 -1.63 -32.00 -8.03
CA THR B 205 -1.58 -33.20 -7.21
C THR B 205 -0.67 -32.99 -6.02
N THR B 206 -1.02 -33.63 -4.90
CA THR B 206 -0.27 -33.44 -3.67
C THR B 206 1.05 -34.20 -3.67
N ASP B 207 1.12 -35.35 -4.34
CA ASP B 207 2.35 -36.13 -4.34
C ASP B 207 3.40 -35.50 -5.25
N GLY B 208 4.65 -35.78 -4.94
CA GLY B 208 5.78 -35.24 -5.67
C GLY B 208 6.72 -34.47 -4.76
N VAL B 209 7.51 -33.60 -5.36
CA VAL B 209 8.46 -32.79 -4.62
C VAL B 209 7.79 -31.50 -4.18
N LYS B 210 8.08 -31.06 -2.96
CA LYS B 210 7.51 -29.82 -2.45
C LYS B 210 8.10 -28.64 -3.19
N SER B 211 7.30 -28.03 -4.06
CA SER B 211 7.78 -26.95 -4.90
C SER B 211 8.02 -25.68 -4.10
N TYR B 212 8.96 -24.86 -4.58
CA TYR B 212 9.28 -23.56 -4.00
C TYR B 212 9.20 -22.54 -5.13
N ASN B 213 8.02 -21.97 -5.32
CA ASN B 213 7.78 -20.94 -6.34
C ASN B 213 7.41 -19.65 -5.63
N GLY B 214 8.43 -18.89 -5.25
CA GLY B 214 8.22 -17.64 -4.56
C GLY B 214 8.61 -16.43 -5.40
N GLN B 215 7.97 -15.29 -5.12
CA GLN B 215 8.20 -14.04 -5.84
C GLN B 215 7.93 -14.17 -7.34
N THR B 216 7.02 -15.06 -7.72
CA THR B 216 6.68 -15.27 -9.12
C THR B 216 5.71 -14.19 -9.57
N GLU B 217 6.07 -13.49 -10.66
CA GLU B 217 5.27 -12.39 -11.16
C GLU B 217 4.33 -12.85 -12.27
N ILE B 218 3.13 -12.29 -12.27
CA ILE B 218 2.16 -12.44 -13.36
C ILE B 218 1.56 -11.06 -13.60
N ARG B 219 1.94 -10.42 -14.70
CA ARG B 219 1.61 -9.02 -14.93
C ARG B 219 1.04 -8.84 -16.34
N ASN B 220 0.08 -7.92 -16.44
CA ASN B 220 -0.47 -7.48 -17.72
C ASN B 220 -0.98 -8.64 -18.56
N CYS B 221 -1.81 -9.47 -17.95
CA CYS B 221 -2.40 -10.62 -18.63
C CYS B 221 -3.91 -10.65 -18.37
N THR B 222 -4.65 -11.23 -19.31
CA THR B 222 -6.10 -11.24 -19.26
C THR B 222 -6.64 -12.63 -19.58
N PHE B 223 -7.54 -13.10 -18.71
CA PHE B 223 -8.22 -14.37 -18.85
C PHE B 223 -9.72 -14.13 -18.86
N ASP B 224 -10.45 -14.88 -19.68
CA ASP B 224 -11.90 -14.75 -19.70
C ASP B 224 -12.53 -16.01 -20.28
N LYS B 225 -13.84 -16.15 -20.01
CA LYS B 225 -14.66 -17.22 -20.59
C LYS B 225 -14.11 -18.60 -20.25
N PHE B 226 -13.77 -18.79 -18.98
CA PHE B 226 -13.27 -20.05 -18.46
C PHE B 226 -14.15 -20.52 -17.29
N ASP B 227 -14.10 -21.82 -17.04
CA ASP B 227 -14.80 -22.37 -15.88
C ASP B 227 -14.14 -21.91 -14.59
N TYR B 228 -12.80 -21.93 -14.56
CA TYR B 228 -12.04 -21.40 -13.43
C TYR B 228 -10.94 -20.50 -14.01
N ASN B 229 -11.14 -19.18 -13.89
CA ASN B 229 -10.19 -18.24 -14.48
C ASN B 229 -8.80 -18.39 -13.87
N ILE B 230 -8.73 -18.34 -12.54
CA ILE B 230 -7.47 -18.51 -11.81
C ILE B 230 -7.72 -19.49 -10.68
N ARG B 231 -6.90 -20.53 -10.58
CA ARG B 231 -7.01 -21.51 -9.52
C ARG B 231 -5.67 -21.66 -8.82
N MET B 232 -5.72 -21.78 -7.49
CA MET B 232 -4.51 -21.94 -6.69
C MET B 232 -4.35 -23.41 -6.33
N GLY B 233 -3.15 -23.94 -6.56
CA GLY B 233 -2.89 -25.33 -6.26
C GLY B 233 -1.95 -25.53 -5.09
N HIS B 234 -1.48 -26.76 -4.90
CA HIS B 234 -0.60 -27.07 -3.79
C HIS B 234 0.76 -26.41 -3.99
N ASN B 235 1.36 -25.96 -2.88
CA ASN B 235 2.70 -25.36 -2.87
C ASN B 235 2.75 -24.12 -3.75
N SER B 236 1.80 -23.21 -3.54
CA SER B 236 1.79 -21.89 -4.17
C SER B 236 1.54 -20.88 -3.04
N TRP B 237 2.62 -20.45 -2.38
CA TRP B 237 2.49 -19.69 -1.14
C TRP B 237 2.60 -18.18 -1.32
N ARG B 238 3.33 -17.71 -2.33
CA ARG B 238 3.37 -16.28 -2.64
C ARG B 238 3.44 -16.09 -4.14
N ILE B 239 2.59 -15.19 -4.65
CA ILE B 239 2.52 -14.85 -6.07
C ILE B 239 2.18 -13.38 -6.17
N VAL B 240 2.80 -12.67 -7.13
CA VAL B 240 2.56 -11.25 -7.33
C VAL B 240 1.76 -11.08 -8.61
N PHE B 241 0.47 -10.78 -8.47
CA PHE B 241 -0.41 -10.48 -9.59
C PHE B 241 -0.43 -8.97 -9.77
N TYR B 242 0.19 -8.49 -10.84
CA TYR B 242 0.30 -7.05 -11.12
C TYR B 242 -0.69 -6.71 -12.22
N LYS B 243 -1.82 -6.12 -11.84
CA LYS B 243 -2.84 -5.65 -12.79
C LYS B 243 -3.31 -6.77 -13.71
N VAL B 244 -3.97 -7.76 -13.11
CA VAL B 244 -4.63 -8.84 -13.82
C VAL B 244 -6.12 -8.72 -13.59
N ASN B 245 -6.91 -8.95 -14.64
CA ASN B 245 -8.37 -8.93 -14.54
C ASN B 245 -8.95 -10.14 -15.25
N SER B 246 -9.89 -10.80 -14.59
CA SER B 246 -10.59 -11.94 -15.14
C SER B 246 -12.09 -11.68 -15.09
N LEU B 247 -12.79 -12.06 -16.14
CA LEU B 247 -14.20 -11.73 -16.27
C LEU B 247 -14.93 -12.85 -17.03
N ASN B 248 -16.25 -12.88 -16.86
CA ASN B 248 -17.14 -13.78 -17.57
C ASN B 248 -16.77 -15.24 -17.33
N ALA B 249 -16.83 -15.64 -16.07
CA ALA B 249 -16.63 -17.04 -15.73
C ALA B 249 -17.91 -17.84 -16.01
N LEU B 250 -17.77 -19.16 -16.02
CA LEU B 250 -18.90 -20.01 -16.36
C LEU B 250 -19.86 -20.13 -15.18
N ASN B 251 -19.40 -20.72 -14.08
CA ASN B 251 -20.23 -20.97 -12.91
C ASN B 251 -19.84 -20.03 -11.77
N ALA B 252 -20.53 -20.16 -10.65
CA ALA B 252 -20.20 -19.38 -9.47
C ALA B 252 -18.85 -19.82 -8.92
N ASN B 253 -18.17 -18.89 -8.25
CA ASN B 253 -16.87 -19.11 -7.63
C ASN B 253 -15.79 -19.50 -8.62
N GLY B 254 -15.91 -19.06 -9.87
CA GLY B 254 -14.99 -19.46 -10.92
C GLY B 254 -13.93 -18.43 -11.28
N ILE B 255 -13.96 -17.28 -10.61
CA ILE B 255 -13.02 -16.21 -10.96
C ILE B 255 -11.67 -16.42 -10.29
N LEU B 256 -11.68 -16.76 -8.99
CA LEU B 256 -10.43 -17.00 -8.25
C LEU B 256 -10.74 -18.07 -7.21
N TYR B 257 -10.25 -19.28 -7.44
CA TYR B 257 -10.63 -20.43 -6.63
C TYR B 257 -9.44 -20.97 -5.85
N VAL B 258 -9.70 -21.37 -4.61
CA VAL B 258 -8.73 -22.05 -3.77
C VAL B 258 -9.42 -23.26 -3.14
N PRO B 259 -8.98 -24.48 -3.43
CA PRO B 259 -9.58 -25.65 -2.77
C PRO B 259 -9.21 -25.70 -1.29
N SER B 260 -10.07 -26.40 -0.53
CA SER B 260 -9.86 -26.53 0.91
C SER B 260 -8.81 -27.56 1.26
N GLY B 261 -8.35 -28.35 0.29
CA GLY B 261 -7.38 -29.40 0.57
C GLY B 261 -5.93 -28.97 0.37
N LEU B 262 -5.71 -27.66 0.27
CA LEU B 262 -4.35 -27.15 0.07
C LEU B 262 -3.49 -27.41 1.30
N ASP B 263 -2.19 -27.60 1.07
CA ASP B 263 -1.22 -27.82 2.12
C ASP B 263 -0.10 -26.79 2.00
N ASP B 264 0.46 -26.42 3.16
CA ASP B 264 1.62 -25.53 3.32
C ASP B 264 1.67 -24.41 2.28
N SER B 265 0.55 -23.73 2.06
CA SER B 265 0.45 -22.69 1.05
C SER B 265 -0.31 -21.51 1.62
N GLY B 266 -0.09 -20.34 1.02
CA GLY B 266 -0.82 -19.15 1.41
C GLY B 266 -0.09 -18.21 2.33
N GLU B 267 1.16 -17.90 2.00
CA GLU B 267 1.97 -16.96 2.79
C GLU B 267 2.01 -15.62 2.06
N ILE B 268 1.13 -14.72 2.49
CA ILE B 268 1.09 -13.31 2.08
C ILE B 268 1.05 -13.14 0.56
N LEU B 269 0.04 -13.72 -0.07
CA LEU B 269 -0.23 -13.44 -1.48
C LEU B 269 -0.58 -11.97 -1.64
N THR B 270 -0.29 -11.42 -2.82
CA THR B 270 -0.53 -10.00 -3.07
C THR B 270 -1.23 -9.79 -4.40
N PHE B 271 -1.98 -8.70 -4.47
CA PHE B 271 -2.59 -8.21 -5.71
C PHE B 271 -2.34 -6.72 -5.80
N TYR B 272 -1.82 -6.28 -6.95
CA TYR B 272 -1.44 -4.90 -7.19
C TYR B 272 -2.31 -4.34 -8.31
N HIS B 273 -3.29 -3.51 -7.93
CA HIS B 273 -4.24 -2.92 -8.87
C HIS B 273 -4.92 -3.99 -9.71
N CYS B 274 -5.32 -5.08 -9.05
CA CYS B 274 -6.03 -6.17 -9.69
C CYS B 274 -7.47 -5.75 -10.01
N GLN B 275 -8.23 -6.67 -10.60
CA GLN B 275 -9.62 -6.38 -10.94
C GLN B 275 -10.38 -7.67 -11.15
N PHE B 276 -11.64 -7.68 -10.72
CA PHE B 276 -12.58 -8.76 -11.00
C PHE B 276 -13.93 -8.11 -11.28
N PHE B 277 -14.42 -8.22 -12.52
CA PHE B 277 -15.63 -7.52 -12.91
C PHE B 277 -16.38 -8.34 -13.95
N ASP B 278 -17.56 -7.84 -14.33
CA ASP B 278 -18.41 -8.47 -15.35
C ASP B 278 -18.68 -9.94 -15.03
N GLY B 279 -18.98 -10.22 -13.77
CA GLY B 279 -19.24 -11.58 -13.34
C GLY B 279 -20.70 -11.98 -13.54
N ALA B 280 -20.97 -12.72 -14.62
CA ALA B 280 -22.31 -13.20 -14.91
C ALA B 280 -22.57 -14.45 -14.08
N GLY B 281 -23.05 -14.26 -12.86
CA GLY B 281 -23.27 -15.38 -11.95
C GLY B 281 -22.00 -16.09 -11.55
N SER B 282 -20.94 -15.34 -11.25
CA SER B 282 -19.68 -15.91 -10.83
C SER B 282 -19.20 -15.21 -9.57
N ASN B 283 -18.52 -15.97 -8.71
CA ASN B 283 -18.10 -15.47 -7.41
C ASN B 283 -16.59 -15.62 -7.21
N ILE B 284 -16.09 -15.21 -6.05
CA ILE B 284 -14.72 -15.48 -5.62
C ILE B 284 -14.78 -16.04 -4.21
N ARG B 285 -14.22 -17.24 -4.03
CA ARG B 285 -14.30 -17.97 -2.78
C ARG B 285 -12.91 -18.21 -2.23
N ILE B 286 -12.76 -18.01 -0.92
CA ILE B 286 -11.52 -18.30 -0.21
C ILE B 286 -11.83 -19.31 0.89
N SER B 287 -11.23 -20.49 0.79
CA SER B 287 -11.44 -21.57 1.74
C SER B 287 -10.11 -22.28 1.96
N CYS B 288 -9.37 -21.83 2.98
CA CYS B 288 -8.09 -22.45 3.32
C CYS B 288 -7.73 -22.05 4.74
N SER B 289 -6.81 -22.81 5.33
CA SER B 289 -6.33 -22.57 6.68
C SER B 289 -4.99 -21.87 6.63
N SER B 290 -4.84 -20.81 7.43
CA SER B 290 -3.62 -20.00 7.49
C SER B 290 -3.27 -19.46 6.11
N PHE B 291 -4.18 -18.64 5.57
CA PHE B 291 -4.07 -18.11 4.22
C PHE B 291 -4.08 -16.59 4.31
N ALA B 292 -3.02 -15.96 3.83
CA ALA B 292 -2.86 -14.51 3.90
C ALA B 292 -2.93 -13.91 2.50
N MET B 293 -3.74 -12.87 2.34
CA MET B 293 -3.90 -12.21 1.06
C MET B 293 -4.01 -10.70 1.26
N THR B 294 -3.38 -9.94 0.36
CA THR B 294 -3.39 -8.48 0.40
C THR B 294 -3.85 -7.95 -0.95
N PHE B 295 -4.68 -6.92 -0.91
CA PHE B 295 -5.09 -6.17 -2.09
C PHE B 295 -4.62 -4.74 -1.94
N VAL B 296 -3.98 -4.20 -2.98
CA VAL B 296 -3.48 -2.84 -2.97
C VAL B 296 -4.07 -2.10 -4.15
N SER B 297 -4.92 -1.11 -3.87
CA SER B 297 -5.43 -0.18 -4.89
C SER B 297 -6.12 -0.91 -6.05
N CYS B 298 -6.90 -1.94 -5.73
CA CYS B 298 -7.64 -2.69 -6.72
C CYS B 298 -9.14 -2.54 -6.46
N SER B 299 -9.93 -2.59 -7.52
CA SER B 299 -11.38 -2.50 -7.44
C SER B 299 -11.99 -3.69 -8.17
N PHE B 300 -12.84 -4.43 -7.49
CA PHE B 300 -13.62 -5.51 -8.11
C PHE B 300 -15.10 -5.21 -7.91
N LEU B 301 -15.87 -5.34 -8.98
CA LEU B 301 -17.26 -4.89 -9.01
C LEU B 301 -18.15 -6.00 -9.55
N ASN B 302 -19.41 -5.99 -9.11
CA ASN B 302 -20.40 -7.01 -9.45
C ASN B 302 -19.96 -8.40 -9.01
N ILE B 303 -19.11 -8.47 -7.99
CA ILE B 303 -18.55 -9.71 -7.50
C ILE B 303 -18.85 -9.84 -6.02
N THR B 304 -19.31 -11.02 -5.60
CA THR B 304 -19.63 -11.30 -4.21
C THR B 304 -18.44 -12.02 -3.60
N PHE B 305 -17.67 -11.29 -2.80
CA PHE B 305 -16.46 -11.86 -2.18
C PHE B 305 -16.88 -12.70 -0.97
N THR B 306 -16.89 -14.01 -1.15
CA THR B 306 -17.35 -14.93 -0.12
C THR B 306 -16.16 -15.65 0.51
N ILE B 307 -16.22 -15.84 1.82
CA ILE B 307 -15.16 -16.50 2.58
C ILE B 307 -15.80 -17.54 3.50
N ASP B 308 -15.39 -18.79 3.35
CA ASP B 308 -15.82 -19.87 4.25
C ASP B 308 -14.62 -20.81 4.44
N ALA B 309 -13.84 -20.56 5.49
CA ALA B 309 -12.61 -21.29 5.75
C ALA B 309 -12.68 -21.95 7.12
N GLY B 310 -12.06 -23.12 7.22
CA GLY B 310 -12.05 -23.84 8.50
C GLY B 310 -11.27 -23.11 9.58
N SER B 311 -10.16 -22.49 9.20
CA SER B 311 -9.31 -21.81 10.17
C SER B 311 -9.08 -20.35 9.80
N SER B 312 -8.17 -19.68 10.49
CA SER B 312 -7.92 -18.25 10.30
C SER B 312 -7.42 -17.93 8.91
N VAL B 313 -8.18 -17.13 8.16
CA VAL B 313 -7.76 -16.58 6.89
C VAL B 313 -7.78 -15.06 7.00
N SER B 314 -6.68 -14.42 6.61
CA SER B 314 -6.53 -12.97 6.76
C SER B 314 -6.42 -12.35 5.38
N VAL B 315 -7.42 -11.55 5.02
CA VAL B 315 -7.41 -10.79 3.77
C VAL B 315 -7.52 -9.32 4.11
N THR B 316 -6.57 -8.53 3.62
CA THR B 316 -6.56 -7.09 3.82
C THR B 316 -6.72 -6.38 2.49
N ALA B 317 -7.32 -5.19 2.53
CA ALA B 317 -7.59 -4.40 1.33
C ALA B 317 -7.28 -2.94 1.62
N LEU B 318 -6.24 -2.41 0.98
CA LEU B 318 -5.86 -1.02 1.09
C LEU B 318 -6.31 -0.28 -0.17
N GLY B 319 -7.22 0.67 -0.01
CA GLY B 319 -7.73 1.40 -1.16
C GLY B 319 -8.52 0.55 -2.13
N CYS B 320 -9.39 -0.30 -1.63
CA CYS B 320 -10.21 -1.17 -2.46
C CYS B 320 -11.59 -0.56 -2.66
N ASN B 321 -12.03 -0.53 -3.91
CA ASN B 321 -13.29 0.09 -4.29
C ASN B 321 -14.34 -0.98 -4.58
N PHE B 322 -15.48 -0.88 -3.91
CA PHE B 322 -16.61 -1.76 -4.13
C PHE B 322 -17.75 -0.96 -4.75
N GLU B 323 -18.30 -1.46 -5.86
CA GLU B 323 -19.31 -0.71 -6.59
C GLU B 323 -20.04 -1.67 -7.54
N ASN B 324 -21.05 -1.11 -8.20
CA ASN B 324 -21.80 -1.83 -9.23
C ASN B 324 -22.33 -0.79 -10.22
N PRO B 325 -21.66 -0.61 -11.37
CA PRO B 325 -22.06 0.45 -12.30
C PRO B 325 -23.47 0.27 -12.84
N GLY B 326 -23.73 -0.88 -13.46
CA GLY B 326 -25.07 -1.19 -13.92
C GLY B 326 -25.49 -2.60 -13.61
N SER B 327 -26.51 -2.74 -12.76
CA SER B 327 -27.05 -4.05 -12.40
C SER B 327 -28.32 -3.84 -11.59
N GLN B 328 -29.31 -4.70 -11.82
CA GLN B 328 -30.53 -4.73 -11.03
C GLN B 328 -30.54 -5.84 -10.00
N SER B 329 -29.43 -6.57 -9.87
CA SER B 329 -29.35 -7.65 -8.90
C SER B 329 -29.24 -7.10 -7.48
N THR B 330 -29.48 -7.97 -6.50
CA THR B 330 -29.41 -7.62 -5.08
C THR B 330 -28.31 -8.38 -4.38
N ARG B 331 -27.21 -8.66 -5.07
CA ARG B 331 -26.11 -9.41 -4.48
C ARG B 331 -25.38 -8.58 -3.43
N ARG B 332 -24.78 -9.27 -2.47
CA ARG B 332 -24.07 -8.65 -1.36
C ARG B 332 -22.58 -8.65 -1.64
N TYR B 333 -21.89 -7.61 -1.17
CA TYR B 333 -20.50 -7.37 -1.57
C TYR B 333 -19.56 -8.43 -0.98
N ILE B 334 -19.44 -8.47 0.34
CA ILE B 334 -18.54 -9.40 1.01
C ILE B 334 -19.31 -10.15 2.10
N GLU B 335 -19.10 -11.46 2.16
CA GLU B 335 -19.76 -12.29 3.15
C GLU B 335 -18.76 -13.29 3.72
N ILE B 336 -18.96 -13.65 4.98
CA ILE B 336 -18.25 -14.76 5.61
C ILE B 336 -19.30 -15.79 5.98
N THR B 337 -19.33 -16.90 5.26
CA THR B 337 -20.38 -17.89 5.45
C THR B 337 -20.19 -18.65 6.76
N ALA B 338 -19.08 -19.37 6.89
CA ALA B 338 -18.83 -20.18 8.08
C ALA B 338 -17.33 -20.25 8.32
N GLY B 339 -16.92 -20.05 9.57
CA GLY B 339 -15.52 -20.13 9.92
C GLY B 339 -15.33 -20.07 11.42
N HIS B 340 -14.13 -20.46 11.85
CA HIS B 340 -13.81 -20.41 13.27
C HIS B 340 -13.49 -18.98 13.70
N THR B 341 -12.41 -18.41 13.17
CA THR B 341 -12.07 -17.02 13.43
C THR B 341 -11.19 -16.45 12.32
N ASN B 342 -11.76 -15.62 11.45
CA ASN B 342 -11.01 -15.00 10.37
C ASN B 342 -11.37 -13.52 10.30
N ILE B 343 -10.52 -12.76 9.61
CA ILE B 343 -10.59 -11.31 9.62
C ILE B 343 -10.66 -10.79 8.18
N PHE B 344 -11.34 -9.65 8.03
CA PHE B 344 -11.42 -8.93 6.76
C PHE B 344 -11.10 -7.47 7.03
N ASN B 345 -10.24 -6.88 6.20
CA ASN B 345 -9.72 -5.54 6.43
C ASN B 345 -9.94 -4.69 5.19
N VAL B 346 -10.63 -3.56 5.37
CA VAL B 346 -10.80 -2.56 4.33
C VAL B 346 -10.23 -1.25 4.87
N VAL B 347 -9.29 -0.66 4.14
CA VAL B 347 -8.61 0.56 4.56
C VAL B 347 -8.61 1.55 3.40
N GLY B 348 -9.26 2.68 3.59
CA GLY B 348 -9.18 3.78 2.64
C GLY B 348 -9.69 3.48 1.24
N GLY B 349 -10.79 2.75 1.14
CA GLY B 349 -11.37 2.46 -0.16
C GLY B 349 -12.84 2.82 -0.22
N SER B 350 -13.19 3.78 -1.06
CA SER B 350 -14.57 4.28 -1.11
C SER B 350 -15.53 3.18 -1.54
N ILE B 351 -16.68 3.13 -0.88
CA ILE B 351 -17.76 2.20 -1.22
C ILE B 351 -18.94 3.03 -1.70
N VAL B 352 -19.42 2.72 -2.90
CA VAL B 352 -20.53 3.45 -3.51
C VAL B 352 -21.54 2.45 -4.05
N THR B 353 -22.82 2.72 -3.80
CA THR B 353 -23.93 1.90 -4.28
C THR B 353 -24.79 2.76 -5.19
N ASN B 354 -25.09 2.24 -6.39
CA ASN B 354 -25.88 2.98 -7.36
C ASN B 354 -27.37 2.72 -7.14
N ALA B 355 -28.18 3.21 -8.08
CA ALA B 355 -29.63 3.06 -7.96
C ALA B 355 -30.03 1.61 -8.21
N ASN B 356 -31.09 1.18 -7.53
CA ASN B 356 -31.60 -0.17 -7.66
C ASN B 356 -33.09 -0.17 -7.32
N ALA B 357 -33.78 -1.22 -7.79
CA ALA B 357 -35.21 -1.38 -7.50
C ALA B 357 -35.37 -2.21 -6.22
N GLY B 358 -34.79 -1.68 -5.15
CA GLY B 358 -34.80 -2.34 -3.86
C GLY B 358 -33.62 -3.28 -3.70
N GLN B 359 -33.28 -3.52 -2.43
CA GLN B 359 -32.17 -4.40 -2.08
C GLN B 359 -32.64 -5.65 -1.35
N THR B 360 -33.37 -5.48 -0.24
CA THR B 360 -33.89 -6.60 0.56
C THR B 360 -32.79 -7.58 0.93
N GLN B 361 -31.60 -7.03 1.22
CA GLN B 361 -30.45 -7.85 1.55
C GLN B 361 -29.45 -6.99 2.31
N ALA B 362 -28.53 -7.65 3.00
CA ALA B 362 -27.44 -6.99 3.71
C ALA B 362 -26.19 -7.00 2.84
N LEU B 363 -25.61 -5.83 2.62
CA LEU B 363 -24.50 -5.71 1.67
C LEU B 363 -23.28 -6.49 2.12
N ILE B 364 -22.97 -6.47 3.42
CA ILE B 364 -21.83 -7.19 3.97
C ILE B 364 -22.30 -8.05 5.12
N HIS B 365 -21.79 -9.27 5.21
CA HIS B 365 -22.33 -10.27 6.12
C HIS B 365 -21.22 -10.94 6.93
N VAL B 366 -21.43 -11.02 8.24
CA VAL B 366 -20.54 -11.70 9.18
C VAL B 366 -21.33 -12.75 9.92
N SER B 367 -20.74 -13.93 10.11
CA SER B 367 -21.40 -15.05 10.76
C SER B 367 -20.52 -15.62 11.86
N ALA B 368 -21.17 -16.22 12.86
CA ALA B 368 -20.52 -16.94 13.96
C ALA B 368 -19.60 -15.98 14.70
N ASN B 369 -18.30 -16.24 14.78
CA ASN B 369 -17.37 -15.40 15.52
C ASN B 369 -16.47 -14.57 14.62
N ASN B 370 -16.84 -14.40 13.36
CA ASN B 370 -15.97 -13.75 12.41
C ASN B 370 -16.10 -12.23 12.52
N GLN B 371 -15.07 -11.53 12.03
CA GLN B 371 -14.96 -10.08 12.22
C GLN B 371 -14.48 -9.41 10.94
N ILE B 372 -15.05 -8.24 10.66
CA ILE B 372 -14.57 -7.34 9.62
C ILE B 372 -14.20 -6.02 10.27
N ASN B 373 -13.01 -5.51 9.96
CA ASN B 373 -12.54 -4.23 10.47
C ASN B 373 -12.48 -3.22 9.33
N LEU B 374 -13.10 -2.06 9.54
CA LEU B 374 -13.10 -0.97 8.57
C LEU B 374 -12.44 0.25 9.18
N SER B 375 -11.67 0.97 8.37
CA SER B 375 -10.97 2.16 8.84
C SER B 375 -10.78 3.11 7.67
N ASN B 376 -10.84 4.41 7.97
CA ASN B 376 -10.72 5.46 6.97
C ASN B 376 -11.74 5.25 5.84
N LEU B 377 -12.99 5.03 6.25
CA LEU B 377 -14.05 4.64 5.34
C LEU B 377 -15.20 5.64 5.41
N THR B 378 -15.97 5.69 4.33
CA THR B 378 -17.22 6.46 4.28
C THR B 378 -18.36 5.49 4.01
N ILE B 379 -19.47 5.67 4.72
CA ILE B 379 -20.63 4.77 4.63
C ILE B 379 -21.70 5.48 3.82
N PRO B 380 -22.01 5.05 2.61
CA PRO B 380 -23.07 5.68 1.83
C PRO B 380 -24.45 5.21 2.26
N TYR B 381 -25.45 6.00 1.85
CA TYR B 381 -26.83 5.66 2.12
C TYR B 381 -27.69 5.99 0.91
N GLY B 382 -28.77 5.22 0.73
CA GLY B 382 -29.71 5.45 -0.34
C GLY B 382 -31.13 5.20 0.12
N ALA B 383 -32.07 5.65 -0.71
CA ALA B 383 -33.49 5.53 -0.39
C ALA B 383 -34.08 4.20 -0.86
N HIS B 384 -33.26 3.27 -1.33
CA HIS B 384 -33.75 2.00 -1.87
C HIS B 384 -33.06 0.80 -1.22
N TYR B 385 -32.70 0.91 0.06
CA TYR B 385 -32.07 -0.22 0.75
C TYR B 385 -33.11 -1.20 1.26
N GLN B 386 -33.97 -0.75 2.19
CA GLN B 386 -34.97 -1.63 2.82
C GLN B 386 -34.31 -2.86 3.45
N GLN B 387 -33.20 -2.63 4.14
CA GLN B 387 -32.45 -3.74 4.74
C GLN B 387 -33.26 -4.46 5.81
N GLU B 388 -34.24 -3.78 6.41
CA GLU B 388 -35.01 -4.37 7.50
C GLU B 388 -35.92 -5.52 7.06
N ALA B 389 -36.13 -5.67 5.76
CA ALA B 389 -37.07 -6.68 5.28
C ALA B 389 -36.57 -8.10 5.53
N ASP B 390 -35.26 -8.32 5.42
CA ASP B 390 -34.70 -9.67 5.47
C ASP B 390 -34.10 -10.03 6.82
N SER B 391 -33.39 -9.11 7.47
CA SER B 391 -32.62 -9.42 8.67
C SER B 391 -33.02 -8.54 9.85
N GLY B 392 -34.33 -8.37 10.06
CA GLY B 392 -34.81 -7.67 11.24
C GLY B 392 -34.47 -6.19 11.26
N TYR B 393 -33.50 -5.82 12.09
CA TYR B 393 -33.14 -4.42 12.27
C TYR B 393 -32.67 -3.81 10.94
N HIS B 394 -32.97 -2.53 10.76
CA HIS B 394 -32.50 -1.77 9.62
C HIS B 394 -31.08 -1.30 9.88
N ALA B 395 -30.11 -1.93 9.22
CA ALA B 395 -28.71 -1.61 9.42
C ALA B 395 -27.94 -1.94 8.15
N PHE B 396 -26.64 -1.63 8.18
CA PHE B 396 -25.77 -1.87 7.04
C PHE B 396 -25.11 -3.25 7.08
N CYS B 397 -25.39 -4.05 8.12
CA CYS B 397 -24.78 -5.37 8.27
C CYS B 397 -25.84 -6.34 8.76
N SER B 398 -25.41 -7.57 9.02
CA SER B 398 -26.29 -8.62 9.53
C SER B 398 -25.44 -9.75 10.07
N GLY B 399 -26.10 -10.69 10.74
CA GLY B 399 -25.45 -11.88 11.26
C GLY B 399 -24.98 -11.71 12.69
N GLN B 400 -24.51 -12.81 13.26
CA GLN B 400 -24.05 -12.84 14.65
C GLN B 400 -22.60 -12.38 14.81
N GLY B 401 -21.91 -12.07 13.72
CA GLY B 401 -20.53 -11.68 13.81
C GLY B 401 -20.36 -10.30 14.44
N TYR B 402 -19.10 -9.95 14.69
CA TYR B 402 -18.74 -8.70 15.33
C TYR B 402 -17.99 -7.81 14.35
N VAL B 403 -18.40 -6.54 14.29
CA VAL B 403 -17.80 -5.57 13.38
C VAL B 403 -17.22 -4.44 14.22
N SER B 404 -15.95 -4.12 13.97
CA SER B 404 -15.26 -3.02 14.63
C SER B 404 -14.77 -2.03 13.59
N THR B 405 -15.08 -0.75 13.81
CA THR B 405 -14.70 0.30 12.86
C THR B 405 -14.12 1.48 13.63
N SER B 406 -13.18 2.17 12.99
CA SER B 406 -12.53 3.34 13.57
C SER B 406 -12.28 4.36 12.48
N ASN B 407 -12.51 5.64 12.79
CA ASN B 407 -12.28 6.79 11.91
C ASN B 407 -13.17 6.77 10.68
N CYS B 408 -14.26 6.01 10.68
CA CYS B 408 -15.16 5.97 9.54
C CYS B 408 -15.87 7.32 9.39
N SER B 409 -16.13 7.70 8.13
CA SER B 409 -16.75 9.00 7.88
C SER B 409 -18.23 8.99 8.19
N LEU B 410 -18.98 8.10 7.53
CA LEU B 410 -20.44 8.00 7.70
C LEU B 410 -21.04 9.35 7.35
N GLN B 411 -20.97 9.73 6.07
CA GLN B 411 -21.44 11.02 5.61
C GLN B 411 -22.84 11.34 6.14
N LEU B 412 -23.05 12.60 6.50
CA LEU B 412 -24.32 13.09 7.01
C LEU B 412 -25.09 13.76 5.89
N LEU B 413 -26.40 13.91 6.09
CA LEU B 413 -27.32 14.57 5.15
C LEU B 413 -27.66 13.62 4.02
N ASN B 414 -27.31 14.00 2.79
CA ASN B 414 -27.44 13.13 1.62
C ASN B 414 -28.89 12.67 1.42
N GLY B 415 -29.79 13.64 1.30
CA GLY B 415 -31.19 13.34 1.04
C GLY B 415 -31.88 12.61 2.16
N ALA B 416 -32.16 11.32 1.98
CA ALA B 416 -32.92 10.56 2.95
C ALA B 416 -32.21 10.52 4.31
N GLY B 417 -30.90 10.31 4.30
CA GLY B 417 -30.16 10.29 5.55
C GLY B 417 -29.03 9.27 5.61
N CYS B 418 -28.94 8.56 6.73
CA CYS B 418 -27.89 7.56 6.94
C CYS B 418 -28.43 6.44 7.83
N CYS B 419 -27.74 5.31 7.80
CA CYS B 419 -28.15 4.13 8.53
C CYS B 419 -27.01 3.61 9.40
N PRO B 420 -27.32 2.94 10.51
CA PRO B 420 -26.27 2.33 11.34
C PRO B 420 -25.55 1.22 10.60
N ILE B 421 -24.29 1.00 10.96
CA ILE B 421 -23.48 -0.01 10.29
C ILE B 421 -23.79 -1.40 10.82
N HIS B 422 -23.59 -1.62 12.12
CA HIS B 422 -23.75 -2.94 12.72
C HIS B 422 -24.27 -2.77 14.14
N PRO B 423 -25.17 -3.65 14.59
CA PRO B 423 -25.73 -3.52 15.94
C PRO B 423 -24.75 -3.82 17.07
N SER B 424 -23.61 -4.45 16.79
CA SER B 424 -22.66 -4.78 17.85
C SER B 424 -22.01 -3.54 18.45
N LEU B 425 -22.11 -2.40 17.79
CA LEU B 425 -21.58 -1.14 18.30
C LEU B 425 -22.62 -0.34 19.07
N SER B 426 -23.78 -0.94 19.33
CA SER B 426 -24.84 -0.24 20.06
C SER B 426 -24.36 0.14 21.46
N VAL B 427 -24.60 1.39 21.85
CA VAL B 427 -24.18 1.86 23.16
C VAL B 427 -25.14 1.38 24.24
N PHE B 428 -26.39 1.15 23.90
CA PHE B 428 -27.36 0.64 24.86
C PHE B 428 -27.19 -0.86 25.03
N THR B 429 -27.20 -1.31 26.28
CA THR B 429 -26.94 -2.72 26.57
C THR B 429 -28.12 -3.62 26.22
N ASN B 430 -29.34 -3.07 26.17
CA ASN B 430 -30.54 -3.84 25.92
C ASN B 430 -31.33 -3.17 24.79
N TRP B 431 -31.04 -3.56 23.55
CA TRP B 431 -31.74 -3.01 22.39
C TRP B 431 -32.75 -3.99 21.80
N ASN B 432 -32.36 -5.25 21.62
CA ASN B 432 -33.24 -6.27 21.06
C ASN B 432 -34.08 -6.99 22.10
N LEU B 433 -34.14 -6.47 23.33
CA LEU B 433 -34.92 -7.07 24.41
C LEU B 433 -34.51 -8.52 24.67
N SER B 434 -33.20 -8.75 24.69
CA SER B 434 -32.67 -10.08 24.95
C SER B 434 -32.61 -10.41 26.43
N TYR B 435 -32.73 -9.40 27.31
CA TYR B 435 -32.68 -9.64 28.75
C TYR B 435 -33.93 -10.32 29.28
N ALA B 436 -34.99 -10.44 28.45
CA ALA B 436 -36.23 -11.10 28.84
C ALA B 436 -36.93 -10.43 30.01
N ASN B 437 -36.69 -9.12 30.19
CA ASN B 437 -37.36 -8.35 31.22
C ASN B 437 -37.20 -6.87 30.88
N LEU B 438 -37.60 -6.02 31.83
CA LEU B 438 -37.57 -4.57 31.66
C LEU B 438 -36.28 -3.94 32.17
N ASN B 439 -35.18 -4.69 32.19
CA ASN B 439 -33.92 -4.16 32.70
C ASN B 439 -33.36 -3.10 31.76
N ALA B 440 -32.59 -2.17 32.34
CA ALA B 440 -31.84 -1.14 31.62
C ALA B 440 -32.76 -0.11 30.97
N TRP B 441 -34.07 -0.27 31.10
CA TRP B 441 -35.05 0.68 30.59
C TRP B 441 -35.81 1.28 31.76
N THR B 442 -35.81 2.61 31.85
CA THR B 442 -36.52 3.31 32.92
C THR B 442 -37.90 3.72 32.42
N VAL B 443 -38.94 3.24 33.09
CA VAL B 443 -40.32 3.51 32.71
C VAL B 443 -40.94 4.47 33.71
N ASP B 444 -41.65 5.47 33.21
CA ASP B 444 -42.31 6.47 34.05
C ASP B 444 -43.73 6.64 33.55
N LYS B 445 -44.71 6.27 34.37
CA LYS B 445 -46.12 6.44 34.06
C LYS B 445 -46.64 7.57 34.92
N GLY B 446 -46.74 8.76 34.33
CA GLY B 446 -47.18 9.92 35.08
C GLY B 446 -48.63 9.82 35.51
N SER B 447 -48.92 10.36 36.69
CA SER B 447 -50.27 10.50 37.23
C SER B 447 -50.88 9.11 37.38
N ALA B 448 -51.89 8.72 36.60
CA ALA B 448 -52.65 7.51 36.88
C ALA B 448 -51.84 6.27 36.56
N PRO B 449 -51.83 5.27 37.45
CA PRO B 449 -51.25 3.97 37.12
C PRO B 449 -52.10 3.18 36.12
N THR B 450 -51.77 1.90 35.94
CA THR B 450 -52.49 0.89 35.15
C THR B 450 -52.15 1.01 33.67
N SER B 451 -51.35 1.98 33.26
CA SER B 451 -50.85 2.00 31.89
C SER B 451 -49.96 0.79 31.65
N VAL B 452 -50.19 0.10 30.53
CA VAL B 452 -49.57 -1.19 30.25
C VAL B 452 -48.29 -0.95 29.47
N ALA B 453 -47.16 -1.42 30.01
CA ALA B 453 -45.86 -1.35 29.35
C ALA B 453 -45.05 -2.62 29.57
N GLU B 454 -45.72 -3.77 29.65
CA GLU B 454 -45.06 -5.03 29.91
C GLU B 454 -44.40 -5.57 28.64
N TYR B 455 -43.61 -6.63 28.79
CA TYR B 455 -42.84 -7.21 27.71
C TYR B 455 -43.33 -8.63 27.45
N LEU B 456 -43.60 -8.94 26.18
CA LEU B 456 -43.95 -10.28 25.75
C LEU B 456 -42.95 -10.76 24.70
N SER B 457 -42.65 -12.06 24.74
CA SER B 457 -41.65 -12.65 23.87
C SER B 457 -42.30 -13.52 22.79
N ALA B 458 -41.44 -14.08 21.93
CA ALA B 458 -41.83 -14.98 20.85
C ALA B 458 -42.75 -14.32 19.82
N GLN B 459 -42.77 -12.99 19.78
CA GLN B 459 -43.56 -12.25 18.80
C GLN B 459 -42.72 -11.09 18.28
N GLY B 460 -42.53 -11.03 16.96
CA GLY B 460 -41.76 -9.96 16.35
C GLY B 460 -41.52 -10.21 14.88
N PRO B 461 -40.78 -9.29 14.24
CA PRO B 461 -40.48 -9.46 12.80
C PRO B 461 -39.70 -10.72 12.50
N LYS B 462 -38.79 -11.10 13.40
CA LYS B 462 -37.97 -12.30 13.22
C LYS B 462 -37.96 -13.20 14.44
N GLY B 463 -38.75 -12.89 15.47
CA GLY B 463 -38.79 -13.70 16.68
C GLY B 463 -38.30 -13.01 17.94
N GLU B 464 -37.65 -11.86 17.85
CA GLU B 464 -37.21 -11.15 19.03
C GLU B 464 -38.40 -10.53 19.75
N GLY B 465 -38.22 -10.29 21.05
CA GLY B 465 -39.29 -9.73 21.85
C GLY B 465 -39.58 -8.28 21.47
N VAL B 466 -40.82 -7.87 21.76
CA VAL B 466 -41.29 -6.52 21.47
C VAL B 466 -41.76 -5.88 22.77
N LEU B 467 -41.39 -4.61 22.97
CA LEU B 467 -41.79 -3.87 24.18
C LEU B 467 -42.91 -2.90 23.80
N HIS B 468 -44.14 -3.40 23.95
CA HIS B 468 -45.31 -2.60 23.60
C HIS B 468 -45.77 -1.78 24.80
N VAL B 469 -46.31 -0.60 24.51
CA VAL B 469 -46.87 0.28 25.54
C VAL B 469 -48.32 0.57 25.19
N ALA B 470 -49.19 0.50 26.19
CA ALA B 470 -50.63 0.76 26.03
C ALA B 470 -51.05 1.76 27.10
N PRO B 471 -50.72 3.04 26.93
CA PRO B 471 -51.06 4.05 27.94
C PRO B 471 -52.48 4.57 27.79
N THR B 472 -53.14 4.79 28.92
CA THR B 472 -54.50 5.30 28.97
C THR B 472 -54.51 6.64 29.70
N THR B 473 -55.24 7.61 29.14
CA THR B 473 -55.54 8.92 29.72
C THR B 473 -54.28 9.67 30.19
N GLN B 474 -53.12 9.21 29.78
CA GLN B 474 -51.85 9.83 30.15
C GLN B 474 -50.73 9.15 29.37
N GLY B 475 -49.65 9.90 29.14
CA GLY B 475 -48.50 9.37 28.44
C GLY B 475 -47.54 8.66 29.35
N VAL B 476 -46.73 7.78 28.74
CA VAL B 476 -45.69 7.04 29.45
C VAL B 476 -44.36 7.34 28.78
N ASN B 477 -43.32 7.51 29.60
CA ASN B 477 -41.99 7.87 29.11
C ASN B 477 -41.01 6.74 29.39
N ILE B 478 -40.27 6.35 28.36
CA ILE B 478 -39.24 5.32 28.47
C ILE B 478 -37.89 5.97 28.21
N SER B 479 -37.02 5.95 29.20
CA SER B 479 -35.76 6.68 29.16
C SER B 479 -34.59 5.77 29.46
N GLN B 480 -33.47 6.05 28.81
CA GLN B 480 -32.22 5.35 29.06
C GLN B 480 -31.06 6.31 28.85
N VAL B 481 -29.93 6.02 29.51
CA VAL B 481 -28.75 6.88 29.46
C VAL B 481 -27.55 6.02 29.10
N ALA B 482 -26.76 6.46 28.13
CA ALA B 482 -25.56 5.78 27.70
C ALA B 482 -24.39 6.76 27.66
N THR B 483 -23.18 6.22 27.60
CA THR B 483 -21.95 7.02 27.59
C THR B 483 -21.33 6.98 26.21
N VAL B 484 -20.82 8.14 25.76
CA VAL B 484 -20.21 8.26 24.44
C VAL B 484 -18.72 7.98 24.55
N SER B 485 -18.12 7.58 23.44
CA SER B 485 -16.69 7.31 23.37
C SER B 485 -16.12 7.95 22.11
N LYS B 486 -14.81 8.22 22.16
CA LYS B 486 -14.06 8.80 21.04
C LYS B 486 -14.58 10.20 20.67
N GLN B 487 -15.10 10.92 21.66
CA GLN B 487 -15.50 12.33 21.53
C GLN B 487 -16.56 12.44 20.44
N ALA B 488 -16.38 13.28 19.42
CA ALA B 488 -17.44 13.52 18.45
C ALA B 488 -17.66 12.29 17.56
N GLY B 489 -18.92 12.06 17.20
CA GLY B 489 -19.26 10.98 16.33
C GLY B 489 -20.56 11.25 15.60
N SER B 490 -21.18 10.18 15.11
CA SER B 490 -22.46 10.23 14.41
C SER B 490 -23.47 9.37 15.15
N MET B 491 -24.75 9.66 14.93
CA MET B 491 -25.80 8.98 15.68
C MET B 491 -26.33 7.75 14.96
N SER B 492 -26.86 7.93 13.74
CA SER B 492 -27.33 6.84 12.88
C SER B 492 -28.40 6.00 13.59
N MET B 493 -29.51 6.67 13.88
CA MET B 493 -30.63 6.02 14.55
C MET B 493 -31.37 5.07 13.62
N SER B 494 -31.94 4.03 14.20
CA SER B 494 -32.80 3.09 13.47
C SER B 494 -33.63 2.25 14.44
N VAL B 495 -34.96 2.32 14.34
CA VAL B 495 -35.86 1.60 15.22
C VAL B 495 -37.01 1.04 14.40
N MET B 496 -37.34 -0.24 14.61
CA MET B 496 -38.54 -0.84 14.04
C MET B 496 -39.74 -0.46 14.90
N VAL B 497 -40.79 0.06 14.28
CA VAL B 497 -41.97 0.50 15.00
C VAL B 497 -43.20 -0.13 14.36
N ASN B 498 -44.08 -0.70 15.19
CA ASN B 498 -45.36 -1.22 14.75
C ASN B 498 -46.48 -0.55 15.52
N ILE B 499 -47.50 -0.11 14.79
CA ILE B 499 -48.64 0.61 15.37
C ILE B 499 -49.89 -0.23 15.09
N ILE B 500 -50.38 -0.93 16.11
CA ILE B 500 -51.59 -1.74 15.94
C ILE B 500 -52.81 -0.85 15.78
N SER B 501 -52.90 0.24 16.56
CA SER B 501 -54.01 1.17 16.49
C SER B 501 -53.45 2.59 16.46
N ALA B 502 -53.98 3.42 15.56
CA ALA B 502 -53.50 4.79 15.40
C ALA B 502 -54.69 5.73 15.34
N SER B 503 -54.70 6.74 16.23
CA SER B 503 -55.72 7.76 16.22
C SER B 503 -55.18 9.17 15.99
N SER B 504 -53.92 9.41 16.32
CA SER B 504 -53.30 10.71 16.14
C SER B 504 -51.80 10.53 15.99
N ASN B 505 -51.06 11.65 16.01
CA ASN B 505 -49.61 11.63 15.88
C ASN B 505 -49.00 11.21 17.21
N ALA B 506 -48.90 9.89 17.41
CA ALA B 506 -48.33 9.34 18.64
C ALA B 506 -46.83 9.13 18.45
N GLY B 507 -46.12 10.26 18.36
CA GLY B 507 -44.70 10.23 18.10
C GLY B 507 -43.82 10.78 19.22
N GLN B 508 -42.97 11.76 18.88
CA GLN B 508 -42.08 12.42 19.82
C GLN B 508 -41.14 11.42 20.50
N ILE B 509 -40.29 10.83 19.67
CA ILE B 509 -39.15 10.04 20.12
C ILE B 509 -37.91 10.93 20.04
N SER B 510 -37.23 11.13 21.16
CA SER B 510 -36.21 12.15 21.27
C SER B 510 -34.87 11.56 21.73
N LEU B 511 -33.79 12.21 21.30
CA LEU B 511 -32.44 11.88 21.70
C LEU B 511 -31.73 13.16 22.08
N ALA B 512 -31.10 13.19 23.25
CA ALA B 512 -30.52 14.40 23.80
C ALA B 512 -29.06 14.17 24.16
N TYR B 513 -28.26 15.22 24.04
CA TYR B 513 -26.85 15.19 24.40
C TYR B 513 -26.63 15.91 25.73
N LEU B 514 -25.81 15.31 26.59
CA LEU B 514 -25.49 15.91 27.89
C LEU B 514 -23.99 15.83 28.10
N ASP B 515 -23.47 16.78 28.89
CA ASP B 515 -22.06 16.78 29.25
C ASP B 515 -21.85 15.97 30.51
N ALA B 516 -20.63 16.02 31.04
CA ALA B 516 -20.29 15.28 32.26
C ALA B 516 -21.00 15.83 33.50
N PHE B 517 -21.57 17.03 33.43
CA PHE B 517 -22.25 17.64 34.57
C PHE B 517 -23.76 17.80 34.33
N ASP B 518 -24.32 17.05 33.38
CA ASP B 518 -25.76 17.03 33.11
C ASP B 518 -26.28 18.41 32.73
N ASN B 519 -25.71 18.96 31.65
CA ASN B 519 -26.17 20.21 31.05
C ASN B 519 -26.56 19.93 29.61
N ASN B 520 -27.74 20.43 29.22
CA ASN B 520 -28.25 20.18 27.88
C ASN B 520 -27.37 20.84 26.83
N LEU B 521 -27.12 20.11 25.74
CA LEU B 521 -26.34 20.61 24.63
C LEU B 521 -27.05 20.53 23.29
N GLY B 522 -28.23 19.90 23.23
CA GLY B 522 -28.96 19.75 21.99
C GLY B 522 -29.63 18.40 21.86
N GLY B 523 -30.38 18.20 20.79
CA GLY B 523 -31.05 16.93 20.59
C GLY B 523 -31.76 16.89 19.25
N VAL B 524 -32.26 15.70 18.93
CA VAL B 524 -33.00 15.45 17.70
C VAL B 524 -34.25 14.65 18.03
N SER B 525 -35.36 14.99 17.37
CA SER B 525 -36.63 14.35 17.63
C SER B 525 -37.26 13.85 16.33
N ALA B 526 -38.03 12.78 16.44
CA ALA B 526 -38.75 12.21 15.32
C ALA B 526 -40.18 11.90 15.73
N ASN B 527 -41.07 11.84 14.74
CA ASN B 527 -42.48 11.59 14.96
C ASN B 527 -42.87 10.25 14.37
N LEU B 528 -43.52 9.42 15.17
CA LEU B 528 -44.06 8.16 14.67
C LEU B 528 -45.21 8.42 13.71
N GLY B 529 -45.25 7.66 12.62
CA GLY B 529 -46.24 7.84 11.59
C GLY B 529 -47.61 7.32 11.98
N THR B 530 -48.40 6.99 10.95
CA THR B 530 -49.76 6.51 11.14
C THR B 530 -49.99 5.13 10.53
N THR B 531 -49.17 4.72 9.57
CA THR B 531 -49.37 3.44 8.89
C THR B 531 -49.25 2.29 9.88
N THR B 532 -50.04 1.24 9.62
CA THR B 532 -50.12 0.11 10.54
C THR B 532 -48.88 -0.76 10.49
N GLY B 533 -48.31 -0.94 9.30
CA GLY B 533 -47.24 -1.90 9.11
C GLY B 533 -45.96 -1.55 9.87
N TRP B 534 -45.03 -2.49 9.85
CA TRP B 534 -43.77 -2.36 10.58
C TRP B 534 -42.84 -1.39 9.87
N LYS B 535 -42.89 -0.11 10.26
CA LYS B 535 -42.07 0.90 9.62
C LYS B 535 -40.73 1.05 10.34
N VAL B 536 -39.84 1.80 9.71
CA VAL B 536 -38.53 2.13 10.28
C VAL B 536 -38.50 3.63 10.56
N ILE B 537 -37.97 3.99 11.74
CA ILE B 537 -37.79 5.38 12.12
C ILE B 537 -36.31 5.60 12.42
N GLY B 538 -35.72 6.59 11.76
CA GLY B 538 -34.31 6.87 11.93
C GLY B 538 -33.62 7.14 10.60
N LYS B 539 -34.38 7.13 9.51
CA LYS B 539 -33.82 7.50 8.21
C LYS B 539 -33.36 8.95 8.22
N ASN B 540 -34.16 9.84 8.78
CA ASN B 540 -33.81 11.26 8.88
C ASN B 540 -34.21 11.76 10.27
N THR B 541 -34.02 13.07 10.46
CA THR B 541 -34.41 13.84 11.66
C THR B 541 -33.96 13.16 12.97
N LEU B 542 -33.00 12.24 12.88
CA LEU B 542 -32.39 11.65 14.07
C LEU B 542 -30.89 11.50 13.92
N ARG B 543 -30.30 12.02 12.85
CA ARG B 543 -28.87 11.96 12.61
C ARG B 543 -28.24 13.29 12.99
N GLY B 544 -26.92 13.27 13.13
CA GLY B 544 -26.19 14.49 13.45
C GLY B 544 -24.79 14.15 13.95
N ARG B 545 -24.04 15.22 14.19
CA ARG B 545 -22.69 15.12 14.72
C ARG B 545 -22.68 15.68 16.14
N LEU B 546 -22.09 14.92 17.05
CA LEU B 546 -22.14 15.27 18.45
C LEU B 546 -21.35 16.55 18.72
N PRO B 547 -21.88 17.46 19.54
CA PRO B 547 -21.12 18.67 19.88
C PRO B 547 -19.86 18.32 20.65
N VAL B 548 -18.84 19.17 20.52
CA VAL B 548 -17.57 18.94 21.18
C VAL B 548 -17.76 19.04 22.69
N GLY B 549 -17.34 18.01 23.41
CA GLY B 549 -17.44 17.98 24.86
C GLY B 549 -18.59 17.19 25.42
N THR B 550 -19.40 16.54 24.58
CA THR B 550 -20.50 15.73 25.08
C THR B 550 -19.97 14.50 25.80
N ALA B 551 -20.75 14.02 26.77
CA ALA B 551 -20.31 12.90 27.60
C ALA B 551 -21.35 11.78 27.62
N LYS B 552 -22.64 12.14 27.59
CA LYS B 552 -23.70 11.16 27.70
C LYS B 552 -24.79 11.42 26.67
N VAL B 553 -25.51 10.36 26.32
CA VAL B 553 -26.60 10.39 25.37
C VAL B 553 -27.84 9.84 26.06
N ARG B 554 -28.94 10.59 26.01
CA ARG B 554 -30.19 10.21 26.67
C ARG B 554 -31.23 9.90 25.61
N LEU B 555 -31.84 8.72 25.71
CA LEU B 555 -32.92 8.29 24.82
C LEU B 555 -34.25 8.39 25.55
N ASN B 556 -35.21 9.07 24.93
CA ASN B 556 -36.56 9.20 25.47
C ASN B 556 -37.57 8.77 24.42
N ILE B 557 -38.56 7.99 24.86
CA ILE B 557 -39.64 7.50 24.02
C ILE B 557 -40.95 7.89 24.69
N GLN B 558 -41.82 8.58 23.94
CA GLN B 558 -43.07 9.09 24.47
C GLN B 558 -44.23 8.61 23.61
N THR B 559 -45.37 8.36 24.25
CA THR B 559 -46.59 7.97 23.56
C THR B 559 -47.75 8.75 24.12
N VAL B 560 -48.54 9.36 23.24
CA VAL B 560 -49.72 10.09 23.68
C VAL B 560 -50.80 9.10 24.11
N ALA B 561 -51.68 9.56 24.99
CA ALA B 561 -52.78 8.73 25.46
C ALA B 561 -53.66 8.29 24.30
N GLY B 562 -54.18 7.07 24.39
CA GLY B 562 -54.97 6.52 23.30
C GLY B 562 -54.24 5.43 22.54
N ALA B 563 -53.72 5.77 21.36
CA ALA B 563 -53.09 4.79 20.48
C ALA B 563 -51.93 4.08 21.20
N ASP B 564 -51.82 2.78 20.96
CA ASP B 564 -50.78 1.95 21.54
C ASP B 564 -49.86 1.44 20.44
N VAL B 565 -48.55 1.43 20.71
CA VAL B 565 -47.54 1.11 19.72
C VAL B 565 -46.60 0.06 20.31
N GLN B 566 -45.58 -0.30 19.53
CA GLN B 566 -44.54 -1.20 20.01
C GLN B 566 -43.26 -0.94 19.22
N TYR B 567 -42.12 -1.07 19.90
CA TYR B 567 -40.82 -0.77 19.33
C TYR B 567 -39.92 -2.00 19.42
N THR B 568 -38.93 -2.06 18.52
CA THR B 568 -37.97 -3.14 18.51
C THR B 568 -36.69 -2.62 17.87
N ASN B 569 -35.56 -3.23 18.23
CA ASN B 569 -34.23 -2.84 17.78
C ASN B 569 -33.97 -1.36 18.02
N ILE B 570 -34.24 -0.92 19.26
CA ILE B 570 -34.00 0.46 19.64
C ILE B 570 -32.52 0.61 19.95
N LEU B 571 -31.72 0.92 18.94
CA LEU B 571 -30.26 0.93 19.07
C LEU B 571 -29.68 2.21 18.50
N CYS B 572 -28.72 2.78 19.21
CA CYS B 572 -27.84 3.81 18.67
C CYS B 572 -26.60 3.14 18.08
N ASN B 573 -25.89 3.89 17.24
CA ASN B 573 -24.65 3.39 16.64
C ASN B 573 -23.72 4.58 16.42
N ILE B 574 -22.83 4.79 17.38
CA ILE B 574 -21.90 5.92 17.31
C ILE B 574 -20.76 5.57 16.37
N ILE B 575 -20.37 6.55 15.54
CA ILE B 575 -19.28 6.46 14.56
C ILE B 575 -19.25 5.12 13.84
N GLY C 14 21.33 -14.45 -55.16
CA GLY C 14 21.17 -13.03 -55.42
C GLY C 14 21.00 -12.20 -54.17
N GLN C 15 22.09 -11.60 -53.71
CA GLN C 15 22.04 -10.78 -52.51
C GLN C 15 21.23 -9.50 -52.76
N PRO C 16 20.51 -9.01 -51.76
CA PRO C 16 19.71 -7.80 -51.96
C PRO C 16 20.56 -6.56 -52.17
N TRP C 17 20.00 -5.60 -52.89
CA TRP C 17 20.66 -4.33 -53.12
C TRP C 17 20.69 -3.50 -51.83
N ARG C 18 21.64 -2.56 -51.77
CA ARG C 18 21.86 -1.75 -50.59
C ARG C 18 21.67 -0.27 -50.92
N PHE C 19 20.97 0.45 -50.04
CA PHE C 19 20.70 1.87 -50.21
C PHE C 19 21.20 2.62 -48.98
N SER C 20 21.95 3.70 -49.22
CA SER C 20 22.45 4.52 -48.11
C SER C 20 21.37 5.43 -47.56
N SER C 21 20.54 6.00 -48.44
CA SER C 21 19.52 6.96 -48.02
C SER C 21 18.22 6.67 -48.75
N VAL C 22 17.11 7.13 -48.16
CA VAL C 22 15.80 6.88 -48.74
C VAL C 22 15.62 7.68 -50.03
N ALA C 23 16.26 8.85 -50.12
CA ALA C 23 16.17 9.64 -51.35
C ALA C 23 16.78 8.89 -52.53
N LYS C 24 17.91 8.24 -52.31
CA LYS C 24 18.54 7.44 -53.35
C LYS C 24 17.64 6.28 -53.77
N MET C 25 17.00 5.64 -52.80
CA MET C 25 16.08 4.55 -53.12
C MET C 25 14.90 5.05 -53.95
N LYS C 26 14.35 6.21 -53.59
CA LYS C 26 13.25 6.78 -54.38
C LYS C 26 13.70 7.14 -55.78
N ALA C 27 14.93 7.66 -55.93
CA ALA C 27 15.42 8.08 -57.24
C ALA C 27 15.61 6.89 -58.18
N PHE C 28 16.13 5.78 -57.66
CA PHE C 28 16.48 4.65 -58.49
C PHE C 28 15.21 4.03 -59.07
N ASN C 29 15.25 3.72 -60.36
CA ASN C 29 14.10 3.17 -61.07
C ASN C 29 14.18 1.65 -61.13
N TYR C 30 13.04 0.99 -60.90
CA TYR C 30 12.98 -0.46 -60.82
C TYR C 30 12.47 -1.10 -62.12
N SER C 31 12.58 -0.40 -63.24
CA SER C 31 12.12 -0.96 -64.51
C SER C 31 12.94 -2.19 -64.90
N CYS C 32 14.26 -2.09 -64.80
CA CYS C 32 15.15 -3.17 -65.20
C CYS C 32 15.74 -3.94 -64.02
N TYR C 33 15.31 -3.64 -62.80
CA TYR C 33 15.85 -4.28 -61.61
C TYR C 33 15.04 -5.53 -61.29
N LEU C 34 15.69 -6.69 -61.35
CA LEU C 34 15.06 -7.98 -61.04
C LEU C 34 15.60 -8.44 -59.70
N GLY C 35 14.94 -8.03 -58.63
CA GLY C 35 15.35 -8.38 -57.29
C GLY C 35 14.16 -8.56 -56.38
N SER C 36 14.35 -9.37 -55.34
CA SER C 36 13.24 -9.68 -54.43
C SER C 36 13.18 -8.69 -53.27
N SER C 37 14.34 -8.22 -52.79
CA SER C 37 14.36 -7.38 -51.60
C SER C 37 15.51 -6.39 -51.71
N VAL C 38 15.39 -5.30 -50.94
CA VAL C 38 16.42 -4.29 -50.81
C VAL C 38 16.59 -3.94 -49.33
N PHE C 39 17.77 -3.42 -48.99
CA PHE C 39 18.15 -3.15 -47.61
C PHE C 39 18.63 -1.71 -47.50
N LEU C 40 18.02 -0.95 -46.60
CA LEU C 40 18.42 0.43 -46.34
C LEU C 40 19.15 0.49 -45.00
N GLU C 41 20.32 1.14 -44.99
CA GLU C 41 21.11 1.28 -43.78
C GLU C 41 20.53 2.35 -42.85
N SER C 42 20.00 3.42 -43.42
CA SER C 42 19.43 4.51 -42.63
C SER C 42 18.47 5.32 -43.49
N TRP C 43 17.40 5.82 -42.88
CA TRP C 43 16.44 6.61 -43.64
C TRP C 43 17.02 7.97 -44.01
N HIS C 44 17.85 8.54 -43.13
CA HIS C 44 18.57 9.77 -43.39
C HIS C 44 20.03 9.45 -43.70
N GLU C 45 20.63 10.22 -44.59
CA GLU C 45 22.03 10.02 -44.94
C GLU C 45 22.92 10.39 -43.77
N GLY C 46 23.77 9.45 -43.35
CA GLY C 46 24.72 9.67 -42.28
C GLY C 46 24.19 9.40 -40.89
N ALA C 47 22.88 9.29 -40.72
CA ALA C 47 22.32 9.04 -39.39
C ALA C 47 22.69 7.64 -38.88
N GLY C 48 22.65 6.65 -39.76
CA GLY C 48 22.94 5.28 -39.35
C GLY C 48 21.93 4.72 -38.37
N LEU C 49 20.65 4.99 -38.59
CA LEU C 49 19.59 4.53 -37.69
C LEU C 49 18.40 4.05 -38.51
N GLY C 50 17.65 3.11 -37.93
CA GLY C 50 16.45 2.62 -38.56
C GLY C 50 16.66 1.85 -39.84
N SER C 51 17.64 0.95 -39.88
CA SER C 51 17.84 0.11 -41.04
C SER C 51 16.63 -0.79 -41.27
N GLY C 52 16.31 -1.01 -42.55
CA GLY C 52 15.09 -1.74 -42.86
C GLY C 52 15.19 -2.54 -44.13
N LEU C 53 14.29 -3.51 -44.25
CA LEU C 53 14.26 -4.42 -45.39
C LEU C 53 12.92 -4.28 -46.11
N PHE C 54 12.98 -4.05 -47.42
CA PHE C 54 11.81 -3.86 -48.27
C PHE C 54 11.74 -4.96 -49.31
N LYS C 55 10.52 -5.26 -49.73
CA LYS C 55 10.27 -6.12 -50.88
C LYS C 55 9.42 -5.36 -51.89
N VAL C 56 9.77 -5.49 -53.17
CA VAL C 56 9.13 -4.72 -54.23
C VAL C 56 7.79 -5.38 -54.59
N SER C 57 6.74 -4.57 -54.64
CA SER C 57 5.44 -5.07 -55.07
C SER C 57 5.32 -5.08 -56.58
N LYS C 58 5.74 -3.99 -57.23
CA LYS C 58 5.82 -3.88 -58.69
C LYS C 58 4.46 -4.13 -59.35
N GLY C 59 3.52 -3.24 -59.03
CA GLY C 59 2.22 -3.27 -59.68
C GLY C 59 1.03 -2.94 -58.79
N THR C 60 1.15 -3.16 -57.49
CA THR C 60 0.04 -2.92 -56.59
C THR C 60 0.01 -1.46 -56.14
N THR C 61 -1.15 -1.03 -55.68
CA THR C 61 -1.36 0.35 -55.25
C THR C 61 -1.88 0.36 -53.81
N GLU C 62 -1.24 1.14 -52.95
CA GLU C 62 -1.67 1.29 -51.56
C GLU C 62 -1.63 2.76 -51.16
N VAL C 63 -1.75 3.03 -49.85
CA VAL C 63 -1.80 4.41 -49.38
C VAL C 63 -0.48 5.12 -49.68
N GLY C 64 0.65 4.45 -49.44
CA GLY C 64 1.94 5.05 -49.75
C GLY C 64 2.55 5.83 -48.61
N ASP C 65 2.55 5.27 -47.41
CA ASP C 65 3.14 5.93 -46.26
C ASP C 65 4.67 5.91 -46.37
N ASP C 66 5.32 6.64 -45.48
CA ASP C 66 6.78 6.75 -45.52
C ASP C 66 7.45 5.50 -44.95
N GLY C 67 7.19 5.20 -43.67
CA GLY C 67 7.84 4.05 -43.05
C GLY C 67 7.41 2.74 -43.66
N SER C 68 6.11 2.57 -43.89
CA SER C 68 5.56 1.36 -44.46
C SER C 68 5.02 1.63 -45.86
N VAL C 69 5.08 0.58 -46.70
CA VAL C 69 4.66 0.61 -48.10
C VAL C 69 5.05 1.94 -48.76
N ILE C 70 6.36 2.24 -48.74
CA ILE C 70 6.84 3.49 -49.31
C ILE C 70 6.63 3.48 -50.82
N VAL C 71 6.53 4.68 -51.40
CA VAL C 71 6.27 4.86 -52.82
C VAL C 71 7.48 5.53 -53.47
N ALA C 72 7.88 5.03 -54.62
CA ALA C 72 9.00 5.57 -55.38
C ALA C 72 8.49 6.50 -56.47
N ALA C 73 9.45 7.13 -57.17
CA ALA C 73 9.09 8.05 -58.25
C ALA C 73 8.49 7.30 -59.43
N ASP C 74 8.97 6.09 -59.72
CA ASP C 74 8.43 5.33 -60.86
C ASP C 74 6.96 4.97 -60.64
N GLY C 75 6.60 4.57 -59.43
CA GLY C 75 5.24 4.19 -59.13
C GLY C 75 5.13 2.94 -58.28
N THR C 76 6.11 2.05 -58.40
CA THR C 76 6.12 0.83 -57.59
C THR C 76 6.30 1.16 -56.12
N ARG C 77 5.66 0.35 -55.27
CA ARG C 77 5.65 0.56 -53.83
C ARG C 77 6.40 -0.57 -53.14
N LEU C 78 7.27 -0.20 -52.20
CA LEU C 78 8.14 -1.14 -51.50
C LEU C 78 7.53 -1.45 -50.13
N ILE C 79 7.06 -2.69 -49.95
CA ILE C 79 6.46 -3.10 -48.69
C ILE C 79 7.55 -3.48 -47.70
N ARG C 80 7.55 -2.85 -46.54
CA ARG C 80 8.51 -3.14 -45.50
C ARG C 80 8.19 -4.47 -44.82
N VAL C 81 9.22 -5.19 -44.40
CA VAL C 81 9.04 -6.40 -43.59
C VAL C 81 9.48 -6.10 -42.17
N PHE C 82 8.67 -6.54 -41.21
CA PHE C 82 8.87 -6.23 -39.80
C PHE C 82 9.33 -7.46 -39.05
N ASP C 83 10.42 -7.32 -38.29
CA ASP C 83 10.94 -8.36 -37.42
C ASP C 83 10.98 -7.84 -36.00
N GLY C 84 10.35 -8.56 -35.08
CA GLY C 84 10.31 -8.16 -33.69
C GLY C 84 9.51 -6.89 -33.47
N PRO C 85 9.98 -6.06 -32.55
CA PRO C 85 9.24 -4.84 -32.21
C PRO C 85 9.30 -3.80 -33.32
N ILE C 86 8.31 -2.91 -33.30
CA ILE C 86 8.22 -1.81 -34.26
C ILE C 86 8.83 -0.57 -33.64
N PHE C 87 9.77 0.05 -34.34
CA PHE C 87 10.48 1.22 -33.85
C PHE C 87 9.93 2.47 -34.50
N ALA C 88 9.64 3.50 -33.68
CA ALA C 88 9.07 4.74 -34.21
C ALA C 88 10.12 5.59 -34.92
N ASP C 89 11.38 5.51 -34.52
CA ASP C 89 12.44 6.24 -35.20
C ASP C 89 12.68 5.73 -36.61
N MET C 90 12.11 4.57 -36.96
CA MET C 90 12.29 3.99 -38.28
C MET C 90 11.66 4.88 -39.36
N TRP C 91 10.50 5.46 -39.08
CA TRP C 91 9.79 6.27 -40.07
C TRP C 91 10.58 7.49 -40.50
N GLY C 92 10.72 8.48 -39.60
CA GLY C 92 11.49 9.66 -39.91
C GLY C 92 12.22 10.27 -38.73
N ALA C 93 12.09 9.67 -37.55
CA ALA C 93 12.54 10.30 -36.32
C ALA C 93 14.02 10.04 -36.09
N LEU C 94 14.76 11.09 -35.75
CA LEU C 94 16.15 11.01 -35.35
C LEU C 94 16.37 11.97 -34.19
N PRO C 95 17.32 11.67 -33.31
CA PRO C 95 17.61 12.59 -32.20
C PRO C 95 18.32 13.84 -32.71
N SER C 96 17.73 15.00 -32.43
CA SER C 96 18.27 16.28 -32.87
C SER C 96 17.69 17.38 -31.98
N SER C 97 18.10 18.62 -32.28
CA SER C 97 17.63 19.78 -31.53
C SER C 97 16.88 20.79 -32.39
N THR C 98 16.94 20.67 -33.72
CA THR C 98 16.26 21.62 -34.60
C THR C 98 15.56 20.94 -35.76
N TYR C 99 15.30 19.64 -35.68
CA TYR C 99 14.63 18.89 -36.74
C TYR C 99 13.29 18.39 -36.24
N ASN C 100 12.24 18.72 -36.97
CA ASN C 100 10.89 18.32 -36.57
C ASN C 100 10.71 16.82 -36.73
N SER C 101 10.01 16.21 -35.77
CA SER C 101 9.76 14.78 -35.80
C SER C 101 8.32 14.39 -35.46
N LEU C 102 7.44 15.37 -35.21
CA LEU C 102 6.05 15.04 -34.89
C LEU C 102 5.32 14.30 -36.01
N PRO C 103 5.40 14.70 -37.28
CA PRO C 103 4.71 13.91 -38.32
C PRO C 103 5.14 12.45 -38.38
N ALA C 104 6.44 12.18 -38.20
CA ALA C 104 6.91 10.81 -38.23
C ALA C 104 6.33 9.99 -37.09
N ILE C 105 6.31 10.56 -35.88
CA ILE C 105 5.74 9.86 -34.73
C ILE C 105 4.26 9.63 -34.93
N LYS C 106 3.54 10.62 -35.44
CA LYS C 106 2.11 10.49 -35.67
C LYS C 106 1.82 9.40 -36.69
N SER C 107 2.58 9.38 -37.79
CA SER C 107 2.38 8.35 -38.81
C SER C 107 2.72 6.97 -38.26
N ALA C 108 3.79 6.86 -37.48
CA ALA C 108 4.15 5.57 -36.90
C ALA C 108 3.07 5.06 -35.96
N TYR C 109 2.51 5.95 -35.13
CA TYR C 109 1.45 5.53 -34.22
C TYR C 109 0.19 5.15 -34.98
N LEU C 110 -0.16 5.91 -36.01
CA LEU C 110 -1.34 5.59 -36.81
C LEU C 110 -1.19 4.25 -37.51
N TYR C 111 0.02 3.93 -37.98
CA TYR C 111 0.24 2.62 -38.59
C TYR C 111 0.24 1.51 -37.54
N ALA C 112 0.76 1.80 -36.34
CA ALA C 112 0.76 0.80 -35.28
C ALA C 112 -0.64 0.52 -34.76
N SER C 113 -1.57 1.46 -34.95
CA SER C 113 -2.95 1.24 -34.54
C SER C 113 -3.56 0.05 -35.27
N SER C 114 -3.31 -0.04 -36.58
CA SER C 114 -3.67 -1.24 -37.32
C SER C 114 -2.79 -2.40 -36.89
N LYS C 115 -3.38 -3.59 -36.85
CA LYS C 115 -2.74 -4.81 -36.33
C LYS C 115 -1.97 -4.49 -35.05
N LEU C 116 -2.75 -4.09 -34.04
CA LEU C 116 -2.24 -3.43 -32.85
C LEU C 116 -1.02 -4.13 -32.26
N GLN C 117 0.00 -3.34 -31.96
CA GLN C 117 1.24 -3.79 -31.35
C GLN C 117 1.75 -2.68 -30.44
N GLN C 118 3.01 -2.78 -30.05
CA GLN C 118 3.63 -1.78 -29.19
C GLN C 118 4.66 -0.97 -29.98
N LEU C 119 4.63 0.34 -29.77
CA LEU C 119 5.52 1.27 -30.48
C LEU C 119 6.62 1.73 -29.53
N PHE C 120 7.86 1.66 -29.99
CA PHE C 120 9.02 1.98 -29.18
C PHE C 120 9.77 3.16 -29.80
N LEU C 121 10.21 4.08 -28.95
CA LEU C 121 11.00 5.23 -29.36
C LEU C 121 12.48 4.95 -29.15
N GLY C 122 13.32 5.51 -30.02
CA GLY C 122 14.74 5.39 -29.87
C GLY C 122 15.31 6.35 -28.84
N GLY C 123 16.62 6.26 -28.63
CA GLY C 123 17.28 7.13 -27.67
C GLY C 123 17.57 8.49 -28.24
N GLY C 124 18.11 9.35 -27.38
CA GLY C 124 18.48 10.70 -27.77
C GLY C 124 17.36 11.69 -27.54
N SER C 125 17.72 12.98 -27.65
CA SER C 125 16.76 14.06 -27.44
C SER C 125 16.05 14.36 -28.76
N TYR C 126 14.72 14.33 -28.74
CA TYR C 126 13.90 14.60 -29.90
C TYR C 126 13.42 16.05 -29.89
N LYS C 127 12.92 16.50 -31.04
CA LYS C 127 12.33 17.82 -31.18
C LYS C 127 11.03 17.70 -31.97
N VAL C 128 9.96 18.27 -31.44
CA VAL C 128 8.64 18.21 -32.05
C VAL C 128 8.05 19.60 -32.11
N THR C 129 7.37 19.91 -33.21
CA THR C 129 6.68 21.18 -33.39
C THR C 129 5.47 20.98 -34.29
N GLY C 130 4.53 21.89 -34.20
CA GLY C 130 3.32 21.81 -35.01
C GLY C 130 2.17 22.50 -34.30
N SER C 131 0.95 22.03 -34.61
CA SER C 131 -0.25 22.60 -34.01
C SER C 131 -1.25 21.53 -33.59
N SER C 132 -0.90 20.25 -33.68
CA SER C 132 -1.80 19.16 -33.31
C SER C 132 -1.12 18.26 -32.29
N GLY C 133 -1.92 17.72 -31.38
CA GLY C 133 -1.43 16.82 -30.36
C GLY C 133 -1.49 15.36 -30.79
N ILE C 134 -1.07 14.48 -29.89
CA ILE C 134 -1.04 13.05 -30.17
C ILE C 134 -2.18 12.38 -29.42
N ASP C 135 -3.02 11.65 -30.15
CA ASP C 135 -4.17 10.95 -29.61
C ASP C 135 -3.72 9.53 -29.27
N ILE C 136 -3.39 9.28 -28.01
CA ILE C 136 -2.94 7.98 -27.55
C ILE C 136 -4.16 7.15 -27.21
N ASP C 137 -4.29 5.99 -27.87
CA ASP C 137 -5.37 5.06 -27.57
C ASP C 137 -4.79 3.90 -26.77
N PRO C 138 -5.12 3.76 -25.48
CA PRO C 138 -4.54 2.67 -24.70
C PRO C 138 -4.87 1.28 -25.22
N SER C 139 -6.06 1.11 -25.81
CA SER C 139 -6.46 -0.20 -26.30
C SER C 139 -5.82 -0.57 -27.62
N LEU C 140 -5.09 0.35 -28.25
CA LEU C 140 -4.48 0.11 -29.56
C LEU C 140 -2.96 0.04 -29.50
N ALA C 141 -2.31 1.09 -29.00
CA ALA C 141 -0.85 1.15 -28.99
C ALA C 141 -0.41 2.10 -27.89
N GLY C 142 0.87 2.46 -27.90
CA GLY C 142 1.43 3.35 -26.90
C GLY C 142 2.70 3.98 -27.40
N ILE C 143 3.27 4.84 -26.56
CA ILE C 143 4.50 5.55 -26.89
C ILE C 143 5.58 5.13 -25.90
N SER C 144 5.53 3.88 -25.46
CA SER C 144 6.51 3.36 -24.51
C SER C 144 7.91 3.44 -25.10
N ALA C 145 8.83 4.05 -24.34
CA ALA C 145 10.22 4.22 -24.77
C ALA C 145 11.13 3.70 -23.65
N LEU C 146 11.89 2.66 -23.96
CA LEU C 146 12.75 2.05 -22.94
C LEU C 146 13.98 2.89 -22.65
N SER C 147 14.63 3.42 -23.69
CA SER C 147 15.95 4.04 -23.55
C SER C 147 15.84 5.55 -23.36
N ARG C 148 15.06 5.94 -22.34
CA ARG C 148 15.04 7.31 -21.82
C ARG C 148 14.88 8.35 -22.93
N ALA C 149 13.74 8.26 -23.63
CA ALA C 149 13.47 9.18 -24.72
C ALA C 149 13.13 10.57 -24.20
N ARG C 150 13.66 11.58 -24.88
CA ARG C 150 13.41 12.97 -24.54
C ARG C 150 12.92 13.71 -25.77
N VAL C 151 11.82 14.45 -25.62
CA VAL C 151 11.26 15.26 -26.69
C VAL C 151 11.22 16.71 -26.22
N ASP C 152 11.28 17.64 -27.18
CA ASP C 152 11.28 19.06 -26.89
C ASP C 152 10.03 19.69 -27.49
N THR C 153 9.32 20.47 -26.67
CA THR C 153 8.07 21.10 -27.08
C THR C 153 8.09 22.62 -26.90
N THR C 154 9.27 23.23 -26.88
CA THR C 154 9.35 24.68 -26.72
C THR C 154 8.75 25.39 -27.93
N GLU C 155 9.15 24.98 -29.14
CA GLU C 155 8.60 25.58 -30.35
C GLU C 155 7.18 25.10 -30.65
N PHE C 156 6.79 23.95 -30.12
CA PHE C 156 5.46 23.40 -30.39
C PHE C 156 4.40 24.26 -29.71
N THR C 157 3.31 24.52 -30.42
CA THR C 157 2.16 25.26 -29.89
C THR C 157 0.92 24.42 -30.06
N GLY C 158 0.06 24.42 -29.05
CA GLY C 158 -1.17 23.65 -29.12
C GLY C 158 -1.80 23.54 -27.76
N ASP C 159 -3.04 23.03 -27.76
CA ASP C 159 -3.77 22.88 -26.50
C ASP C 159 -3.18 21.75 -25.66
N TYR C 160 -2.93 20.59 -26.28
CA TYR C 160 -2.45 19.43 -25.54
C TYR C 160 -1.50 18.64 -26.43
N LEU C 161 -0.33 18.31 -25.90
CA LEU C 161 0.59 17.46 -26.63
C LEU C 161 0.13 16.02 -26.65
N PHE C 162 -0.33 15.51 -25.50
CA PHE C 162 -0.77 14.12 -25.36
C PHE C 162 -2.18 14.12 -24.81
N THR C 163 -3.09 13.43 -25.50
CA THR C 163 -4.43 13.20 -24.98
C THR C 163 -4.74 11.71 -25.06
N ILE C 164 -5.14 11.14 -23.92
CA ILE C 164 -5.31 9.70 -23.79
C ILE C 164 -6.80 9.41 -23.69
N THR C 165 -7.32 8.65 -24.65
CA THR C 165 -8.72 8.25 -24.65
C THR C 165 -8.87 7.00 -25.50
N SER C 166 -9.98 6.30 -25.31
CA SER C 166 -10.28 5.08 -26.05
C SER C 166 -11.58 5.27 -26.82
N SER C 167 -11.56 4.92 -28.10
CA SER C 167 -12.76 5.03 -28.93
C SER C 167 -13.77 3.93 -28.65
N TYR C 168 -13.29 2.75 -28.24
CA TYR C 168 -14.19 1.63 -28.00
C TYR C 168 -15.09 1.92 -26.80
N SER C 169 -16.37 1.52 -26.93
CA SER C 169 -17.33 1.84 -25.88
C SER C 169 -17.26 0.84 -24.72
N TYR C 170 -17.65 -0.42 -24.98
CA TYR C 170 -17.55 -1.44 -23.94
C TYR C 170 -17.09 -2.81 -24.42
N THR C 171 -17.14 -3.11 -25.71
CA THR C 171 -16.94 -4.49 -26.12
C THR C 171 -15.49 -4.92 -26.03
N PRO C 172 -14.53 -4.28 -26.75
CA PRO C 172 -13.17 -4.81 -26.73
C PRO C 172 -12.24 -4.10 -25.75
N ALA C 173 -12.69 -2.99 -25.16
CA ALA C 173 -11.80 -2.21 -24.30
C ALA C 173 -11.42 -2.94 -23.01
N PRO C 174 -12.35 -3.44 -22.19
CA PRO C 174 -11.93 -4.15 -20.97
C PRO C 174 -11.17 -5.43 -21.26
N TYR C 175 -11.41 -6.03 -22.43
CA TYR C 175 -10.77 -7.30 -22.77
C TYR C 175 -9.26 -7.14 -22.90
N TYR C 176 -8.83 -6.11 -23.62
CA TYR C 176 -7.41 -5.85 -23.88
C TYR C 176 -7.12 -4.35 -23.75
N ASN C 177 -6.81 -3.94 -22.53
CA ASN C 177 -6.45 -2.54 -22.27
C ASN C 177 -5.17 -2.46 -21.45
N ASN C 178 -4.96 -3.42 -20.56
CA ASN C 178 -3.85 -3.41 -19.61
C ASN C 178 -2.69 -4.30 -20.05
N LEU C 179 -2.71 -4.79 -21.29
CA LEU C 179 -1.67 -5.71 -21.74
C LEU C 179 -0.30 -5.05 -21.78
N SER C 180 -0.26 -3.73 -21.94
CA SER C 180 1.01 -3.01 -21.98
C SER C 180 0.77 -1.56 -21.57
N VAL C 181 1.87 -0.85 -21.28
CA VAL C 181 1.78 0.52 -20.83
C VAL C 181 1.44 1.44 -22.00
N ALA C 182 0.86 2.59 -21.68
CA ALA C 182 0.45 3.54 -22.72
C ALA C 182 1.55 4.53 -23.04
N LEU C 183 2.38 4.88 -22.05
CA LEU C 183 3.44 5.86 -22.25
C LEU C 183 4.54 5.59 -21.23
N GLU C 184 5.75 5.33 -21.72
CA GLU C 184 6.88 5.00 -20.86
C GLU C 184 8.13 5.68 -21.36
N GLY C 185 8.93 6.22 -20.44
CA GLY C 185 10.22 6.77 -20.77
C GLY C 185 10.22 8.01 -21.65
N LEU C 186 9.35 8.97 -21.36
CA LEU C 186 9.27 10.22 -22.10
C LEU C 186 9.55 11.39 -21.17
N TYR C 187 10.56 12.19 -21.50
CA TYR C 187 10.84 13.44 -20.82
C TYR C 187 10.50 14.58 -21.77
N VAL C 188 9.53 15.40 -21.40
CA VAL C 188 9.08 16.50 -22.25
C VAL C 188 9.65 17.80 -21.70
N PHE C 189 10.14 18.64 -22.60
CA PHE C 189 10.54 20.00 -22.24
C PHE C 189 9.33 20.92 -22.37
N GLY C 190 9.56 22.23 -22.29
CA GLY C 190 8.47 23.18 -22.43
C GLY C 190 8.81 24.58 -21.95
N ASN C 191 7.95 25.53 -22.27
CA ASN C 191 8.10 26.92 -21.84
C ASN C 191 6.83 27.40 -21.16
N LYS C 192 6.98 28.43 -20.33
CA LYS C 192 5.88 28.96 -19.52
C LYS C 192 5.11 29.97 -20.36
N THR C 193 4.09 29.49 -21.08
CA THR C 193 3.20 30.33 -21.84
C THR C 193 1.76 29.92 -21.59
N GLU C 194 0.85 30.87 -21.73
CA GLU C 194 -0.57 30.61 -21.52
C GLU C 194 -1.13 29.72 -22.64
N GLY C 195 -2.05 28.83 -22.27
CA GLY C 195 -2.77 28.02 -23.21
C GLY C 195 -2.08 26.74 -23.65
N ARG C 196 -0.85 26.50 -23.22
CA ARG C 196 -0.10 25.32 -23.61
C ARG C 196 0.11 24.45 -22.37
N SER C 197 -0.34 23.19 -22.46
CA SER C 197 -0.29 22.27 -21.33
C SER C 197 0.30 20.95 -21.81
N GLY C 198 0.23 19.93 -20.96
CA GLY C 198 0.85 18.65 -21.26
C GLY C 198 -0.11 17.52 -21.56
N LEU C 199 -0.27 16.61 -20.60
CA LEU C 199 -1.01 15.37 -20.81
C LEU C 199 -2.42 15.50 -20.24
N LEU C 200 -3.41 15.18 -21.06
CA LEU C 200 -4.81 15.12 -20.65
C LEU C 200 -5.28 13.67 -20.70
N THR C 201 -6.00 13.25 -19.67
CA THR C 201 -6.58 11.92 -19.61
C THR C 201 -8.07 12.00 -19.92
N GLY C 202 -8.52 11.23 -20.91
CA GLY C 202 -9.91 11.23 -21.29
C GLY C 202 -10.19 12.08 -22.51
N ARG C 203 -11.35 12.75 -22.53
CA ARG C 203 -11.75 13.59 -23.64
C ARG C 203 -12.01 15.01 -23.14
N ARG C 204 -11.58 15.99 -23.93
CA ARG C 204 -11.75 17.38 -23.55
C ARG C 204 -13.19 17.86 -23.69
N THR C 205 -13.99 17.18 -24.51
CA THR C 205 -15.36 17.55 -24.75
C THR C 205 -16.30 16.46 -24.25
N THR C 206 -17.48 16.88 -23.77
CA THR C 206 -18.43 15.95 -23.20
C THR C 206 -19.16 15.12 -24.25
N ASP C 207 -19.40 15.69 -25.44
CA ASP C 207 -20.14 14.97 -26.47
C ASP C 207 -19.25 13.90 -27.11
N GLY C 208 -19.90 12.88 -27.64
CA GLY C 208 -19.23 11.76 -28.28
C GLY C 208 -19.60 10.45 -27.62
N VAL C 209 -18.75 9.46 -27.81
CA VAL C 209 -18.97 8.13 -27.24
C VAL C 209 -18.35 8.07 -25.85
N LYS C 210 -19.04 7.43 -24.92
CA LYS C 210 -18.53 7.29 -23.56
C LYS C 210 -17.34 6.35 -23.55
N SER C 211 -16.15 6.91 -23.38
CA SER C 211 -14.91 6.14 -23.45
C SER C 211 -14.77 5.22 -22.25
N TYR C 212 -14.06 4.11 -22.46
CA TYR C 212 -13.73 3.15 -21.41
C TYR C 212 -12.22 2.93 -21.46
N ASN C 213 -11.48 3.75 -20.71
CA ASN C 213 -10.03 3.65 -20.63
C ASN C 213 -9.67 3.28 -19.19
N GLY C 214 -9.67 1.97 -18.92
CA GLY C 214 -9.35 1.49 -17.59
C GLY C 214 -8.03 0.74 -17.55
N GLN C 215 -7.39 0.74 -16.38
CA GLN C 215 -6.10 0.09 -16.16
C GLN C 215 -5.01 0.62 -17.09
N THR C 216 -5.12 1.89 -17.48
CA THR C 216 -4.14 2.50 -18.37
C THR C 216 -2.92 2.93 -17.55
N GLU C 217 -1.74 2.47 -17.98
CA GLU C 217 -0.50 2.75 -17.25
C GLU C 217 0.20 3.96 -17.85
N ILE C 218 0.80 4.76 -16.97
CA ILE C 218 1.69 5.85 -17.34
C ILE C 218 2.86 5.78 -16.37
N ARG C 219 4.03 5.35 -16.84
CA ARG C 219 5.15 5.04 -15.97
C ARG C 219 6.43 5.68 -16.51
N ASN C 220 7.27 6.12 -15.58
CA ASN C 220 8.62 6.61 -15.88
C ASN C 220 8.61 7.72 -16.93
N CYS C 221 7.77 8.73 -16.69
CA CYS C 221 7.67 9.87 -17.58
C CYS C 221 7.73 11.16 -16.78
N THR C 222 8.21 12.22 -17.42
CA THR C 222 8.45 13.50 -16.76
C THR C 222 7.92 14.65 -17.59
N PHE C 223 7.15 15.51 -16.93
CA PHE C 223 6.56 16.71 -17.53
C PHE C 223 7.02 17.92 -16.71
N ASP C 224 7.29 19.04 -17.40
CA ASP C 224 7.67 20.25 -16.69
C ASP C 224 7.42 21.46 -17.57
N LYS C 225 7.38 22.63 -16.91
CA LYS C 225 7.29 23.93 -17.60
C LYS C 225 6.06 24.02 -18.48
N PHE C 226 4.92 23.60 -17.93
CA PHE C 226 3.63 23.65 -18.61
C PHE C 226 2.63 24.44 -17.77
N ASP C 227 1.60 24.96 -18.45
CA ASP C 227 0.52 25.63 -17.73
C ASP C 227 -0.28 24.64 -16.91
N TYR C 228 -0.56 23.47 -17.48
CA TYR C 228 -1.22 22.38 -16.76
C TYR C 228 -0.43 21.10 -17.05
N ASN C 229 0.36 20.66 -16.06
CA ASN C 229 1.22 19.50 -16.27
C ASN C 229 0.40 18.24 -16.58
N ILE C 230 -0.59 17.95 -15.73
CA ILE C 230 -1.47 16.80 -15.91
C ILE C 230 -2.89 17.28 -15.68
N ARG C 231 -3.78 17.02 -16.64
CA ARG C 231 -5.18 17.40 -16.53
C ARG C 231 -6.06 16.18 -16.76
N MET C 232 -7.12 16.06 -15.96
CA MET C 232 -8.05 14.95 -16.06
C MET C 232 -9.29 15.40 -16.82
N GLY C 233 -9.68 14.64 -17.83
CA GLY C 233 -10.84 14.99 -18.63
C GLY C 233 -12.02 14.07 -18.42
N HIS C 234 -13.03 14.19 -19.26
CA HIS C 234 -14.23 13.37 -19.14
C HIS C 234 -13.92 11.92 -19.45
N ASN C 235 -14.58 11.01 -18.72
CA ASN C 235 -14.46 9.56 -18.92
C ASN C 235 -13.02 9.09 -18.73
N SER C 236 -12.42 9.48 -17.61
CA SER C 236 -11.11 8.99 -17.18
C SER C 236 -11.28 8.58 -15.72
N TRP C 237 -11.69 7.34 -15.50
CA TRP C 237 -12.12 6.91 -14.17
C TRP C 237 -11.05 6.16 -13.39
N ARG C 238 -10.13 5.46 -14.06
CA ARG C 238 -9.01 4.83 -13.38
C ARG C 238 -7.77 4.92 -14.26
N ILE C 239 -6.66 5.34 -13.65
CA ILE C 239 -5.35 5.47 -14.32
C ILE C 239 -4.28 5.12 -13.31
N VAL C 240 -3.24 4.42 -13.76
CA VAL C 240 -2.14 4.01 -12.89
C VAL C 240 -0.92 4.84 -13.26
N PHE C 241 -0.58 5.81 -12.40
CA PHE C 241 0.61 6.63 -12.55
C PHE C 241 1.71 5.98 -11.72
N TYR C 242 2.70 5.39 -12.38
CA TYR C 242 3.79 4.70 -11.70
C TYR C 242 5.03 5.58 -11.77
N LYS C 243 5.34 6.26 -10.65
CA LYS C 243 6.53 7.09 -10.52
C LYS C 243 6.60 8.16 -11.61
N VAL C 244 5.66 9.08 -11.55
CA VAL C 244 5.63 10.26 -12.40
C VAL C 244 5.83 11.49 -11.52
N ASN C 245 6.61 12.44 -11.99
CA ASN C 245 6.82 13.69 -11.28
C ASN C 245 6.70 14.87 -12.23
N SER C 246 5.97 15.88 -11.80
CA SER C 246 5.78 17.11 -12.57
C SER C 246 6.19 18.29 -11.72
N LEU C 247 6.88 19.26 -12.33
CA LEU C 247 7.45 20.37 -11.58
C LEU C 247 7.45 21.62 -12.45
N ASN C 248 7.56 22.76 -11.78
CA ASN C 248 7.70 24.08 -12.41
C ASN C 248 6.52 24.38 -13.33
N ALA C 249 5.33 24.40 -12.74
CA ALA C 249 4.15 24.81 -13.49
C ALA C 249 4.10 26.33 -13.60
N LEU C 250 3.23 26.81 -14.51
CA LEU C 250 3.16 28.24 -14.76
C LEU C 250 2.39 28.96 -13.65
N ASN C 251 1.11 28.64 -13.51
CA ASN C 251 0.22 29.28 -12.56
C ASN C 251 -0.10 28.33 -11.41
N ALA C 252 -0.89 28.83 -10.46
CA ALA C 252 -1.35 28.00 -9.36
C ALA C 252 -2.30 26.92 -9.88
N ASN C 253 -2.33 25.80 -9.16
CA ASN C 253 -3.19 24.66 -9.47
C ASN C 253 -2.90 24.05 -10.83
N GLY C 254 -1.66 24.16 -11.31
CA GLY C 254 -1.31 23.69 -12.63
C GLY C 254 -0.59 22.35 -12.68
N ILE C 255 -0.34 21.75 -11.52
CA ILE C 255 0.41 20.50 -11.49
C ILE C 255 -0.49 19.31 -11.78
N LEU C 256 -1.67 19.26 -11.16
CA LEU C 256 -2.61 18.17 -11.38
C LEU C 256 -4.01 18.74 -11.24
N TYR C 257 -4.70 18.91 -12.36
CA TYR C 257 -5.96 19.62 -12.40
C TYR C 257 -7.12 18.69 -12.75
N VAL C 258 -8.25 18.91 -12.09
CA VAL C 258 -9.50 18.23 -12.41
C VAL C 258 -10.61 19.29 -12.45
N PRO C 259 -11.25 19.50 -13.60
CA PRO C 259 -12.37 20.44 -13.64
C PRO C 259 -13.58 19.92 -12.89
N SER C 260 -14.43 20.86 -12.46
CA SER C 260 -15.63 20.50 -11.70
C SER C 260 -16.75 19.99 -12.59
N GLY C 261 -16.62 20.10 -13.91
CA GLY C 261 -17.67 19.68 -14.81
C GLY C 261 -17.52 18.26 -15.31
N LEU C 262 -16.66 17.48 -14.65
CA LEU C 262 -16.45 16.09 -15.05
C LEU C 262 -17.71 15.25 -14.80
N ASP C 263 -17.89 14.24 -15.64
CA ASP C 263 -19.01 13.31 -15.52
C ASP C 263 -18.47 11.89 -15.45
N ASP C 264 -19.21 11.04 -14.72
CA ASP C 264 -18.99 9.60 -14.56
C ASP C 264 -17.52 9.20 -14.56
N SER C 265 -16.71 9.92 -13.78
CA SER C 265 -15.27 9.70 -13.74
C SER C 265 -14.81 9.74 -12.29
N GLY C 266 -13.66 9.12 -12.05
CA GLY C 266 -13.05 9.16 -10.73
C GLY C 266 -13.29 7.94 -9.87
N GLU C 267 -13.08 6.74 -10.44
CA GLU C 267 -13.23 5.50 -9.70
C GLU C 267 -11.84 4.98 -9.34
N ILE C 268 -11.41 5.27 -8.11
CA ILE C 268 -10.21 4.73 -7.47
C ILE C 268 -8.95 4.93 -8.34
N LEU C 269 -8.66 6.19 -8.66
CA LEU C 269 -7.38 6.51 -9.27
C LEU C 269 -6.25 6.19 -8.30
N THR C 270 -5.07 5.87 -8.84
CA THR C 270 -3.94 5.48 -8.01
C THR C 270 -2.67 6.21 -8.43
N PHE C 271 -1.78 6.39 -7.45
CA PHE C 271 -0.44 6.89 -7.68
C PHE C 271 0.53 6.01 -6.92
N TYR C 272 1.56 5.54 -7.61
CA TYR C 272 2.56 4.62 -7.06
C TYR C 272 3.91 5.32 -7.05
N HIS C 273 4.34 5.74 -5.86
CA HIS C 273 5.61 6.45 -5.67
C HIS C 273 5.69 7.68 -6.58
N CYS C 274 4.58 8.40 -6.67
CA CYS C 274 4.50 9.63 -7.45
C CYS C 274 5.27 10.75 -6.76
N GLN C 275 5.29 11.93 -7.39
CA GLN C 275 5.98 13.06 -6.81
C GLN C 275 5.47 14.36 -7.42
N PHE C 276 5.37 15.40 -6.60
CA PHE C 276 5.09 16.76 -7.03
C PHE C 276 5.96 17.70 -6.22
N PHE C 277 6.92 18.36 -6.87
CA PHE C 277 7.88 19.18 -6.15
C PHE C 277 8.28 20.37 -7.01
N ASP C 278 9.11 21.24 -6.42
CA ASP C 278 9.64 22.43 -7.10
C ASP C 278 8.53 23.28 -7.69
N GLY C 279 7.46 23.46 -6.92
CA GLY C 279 6.33 24.25 -7.38
C GLY C 279 6.50 25.74 -7.13
N ALA C 280 6.89 26.48 -8.16
CA ALA C 280 7.05 27.92 -8.07
C ALA C 280 5.69 28.58 -8.20
N GLY C 281 4.99 28.72 -7.08
CA GLY C 281 3.65 29.28 -7.10
C GLY C 281 2.65 28.43 -7.85
N SER C 282 2.69 27.11 -7.64
CA SER C 282 1.78 26.19 -8.29
C SER C 282 1.19 25.25 -7.25
N ASN C 283 -0.07 24.86 -7.47
CA ASN C 283 -0.81 24.06 -6.50
C ASN C 283 -1.34 22.78 -7.13
N ILE C 284 -2.04 21.97 -6.35
CA ILE C 284 -2.79 20.82 -6.84
C ILE C 284 -4.20 20.90 -6.27
N ARG C 285 -5.21 20.92 -7.15
CA ARG C 285 -6.58 21.12 -6.76
C ARG C 285 -7.42 19.92 -7.17
N ILE C 286 -8.30 19.49 -6.27
CA ILE C 286 -9.25 18.41 -6.54
C ILE C 286 -10.64 18.97 -6.32
N SER C 287 -11.44 18.99 -7.39
CA SER C 287 -12.81 19.52 -7.37
C SER C 287 -13.67 18.63 -8.25
N CYS C 288 -14.29 17.62 -7.65
CA CYS C 288 -15.19 16.72 -8.37
C CYS C 288 -16.07 16.00 -7.37
N SER C 289 -17.16 15.46 -7.87
CA SER C 289 -18.11 14.70 -7.05
C SER C 289 -17.89 13.20 -7.24
N SER C 290 -17.84 12.48 -6.13
CA SER C 290 -17.61 11.03 -6.12
C SER C 290 -16.29 10.70 -6.82
N PHE C 291 -15.20 11.21 -6.26
CA PHE C 291 -13.88 11.09 -6.84
C PHE C 291 -12.98 10.40 -5.83
N ALA C 292 -12.41 9.26 -6.21
CA ALA C 292 -11.58 8.45 -5.32
C ALA C 292 -10.14 8.46 -5.82
N MET C 293 -9.20 8.74 -4.91
CA MET C 293 -7.78 8.77 -5.25
C MET C 293 -6.96 8.15 -4.13
N THR C 294 -5.93 7.41 -4.51
CA THR C 294 -5.03 6.75 -3.57
C THR C 294 -3.60 7.12 -3.90
N PHE C 295 -2.81 7.39 -2.86
CA PHE C 295 -1.37 7.60 -2.97
C PHE C 295 -0.67 6.50 -2.19
N VAL C 296 0.33 5.87 -2.80
CA VAL C 296 1.09 4.81 -2.16
C VAL C 296 2.57 5.18 -2.20
N SER C 297 3.14 5.44 -1.02
CA SER C 297 4.59 5.63 -0.87
C SER C 297 5.12 6.74 -1.77
N CYS C 298 4.38 7.84 -1.86
CA CYS C 298 4.79 9.00 -2.65
C CYS C 298 4.98 10.19 -1.73
N SER C 299 5.90 11.08 -2.09
CA SER C 299 6.16 12.30 -1.35
C SER C 299 6.08 13.49 -2.30
N PHE C 300 5.25 14.47 -1.96
CA PHE C 300 5.19 15.73 -2.68
C PHE C 300 5.50 16.87 -1.72
N LEU C 301 6.37 17.78 -2.15
CA LEU C 301 6.94 18.79 -1.27
C LEU C 301 6.82 20.16 -1.93
N ASN C 302 6.74 21.20 -1.08
CA ASN C 302 6.53 22.58 -1.51
C ASN C 302 5.24 22.75 -2.28
N ILE C 303 4.26 21.87 -2.05
CA ILE C 303 3.00 21.87 -2.76
C ILE C 303 1.87 21.95 -1.75
N THR C 304 0.90 22.82 -2.02
CA THR C 304 -0.26 23.02 -1.16
C THR C 304 -1.41 22.19 -1.75
N PHE C 305 -1.69 21.06 -1.11
CA PHE C 305 -2.74 20.15 -1.59
C PHE C 305 -4.09 20.72 -1.16
N THR C 306 -4.80 21.35 -2.10
CA THR C 306 -6.07 21.99 -1.81
C THR C 306 -7.22 21.18 -2.37
N ILE C 307 -8.31 21.10 -1.62
CA ILE C 307 -9.50 20.36 -2.02
C ILE C 307 -10.72 21.24 -1.79
N ASP C 308 -11.49 21.48 -2.86
CA ASP C 308 -12.77 22.20 -2.76
C ASP C 308 -13.73 21.53 -3.75
N ALA C 309 -14.51 20.57 -3.26
CA ALA C 309 -15.40 19.79 -4.09
C ALA C 309 -16.83 19.92 -3.59
N GLY C 310 -17.78 19.89 -4.54
CA GLY C 310 -19.18 20.00 -4.17
C GLY C 310 -19.67 18.82 -3.36
N SER C 311 -19.21 17.62 -3.70
CA SER C 311 -19.67 16.41 -3.02
C SER C 311 -18.51 15.61 -2.45
N SER C 312 -18.78 14.39 -1.99
CA SER C 312 -17.78 13.57 -1.32
C SER C 312 -16.62 13.20 -2.24
N VAL C 313 -15.42 13.62 -1.88
CA VAL C 313 -14.19 13.21 -2.54
C VAL C 313 -13.31 12.53 -1.51
N SER C 314 -12.82 11.34 -1.84
CA SER C 314 -12.05 10.53 -0.91
C SER C 314 -10.63 10.36 -1.45
N VAL C 315 -9.66 10.94 -0.75
CA VAL C 315 -8.25 10.79 -1.08
C VAL C 315 -7.55 10.15 0.11
N THR C 316 -6.86 9.04 -0.13
CA THR C 316 -6.10 8.36 0.90
C THR C 316 -4.61 8.39 0.56
N ALA C 317 -3.78 8.37 1.59
CA ALA C 317 -2.33 8.45 1.44
C ALA C 317 -1.68 7.46 2.40
N LEU C 318 -1.07 6.42 1.86
CA LEU C 318 -0.34 5.42 2.65
C LEU C 318 1.16 5.69 2.49
N GLY C 319 1.82 6.03 3.59
CA GLY C 319 3.24 6.33 3.53
C GLY C 319 3.58 7.56 2.72
N CYS C 320 2.82 8.64 2.89
CA CYS C 320 3.05 9.88 2.17
C CYS C 320 3.86 10.84 3.03
N ASN C 321 4.90 11.43 2.44
CA ASN C 321 5.81 12.31 3.14
C ASN C 321 5.55 13.75 2.74
N PHE C 322 5.34 14.61 3.74
CA PHE C 322 5.15 16.04 3.54
C PHE C 322 6.35 16.77 4.14
N GLU C 323 6.96 17.65 3.36
CA GLU C 323 8.17 18.32 3.80
C GLU C 323 8.43 19.54 2.92
N ASN C 324 9.46 20.29 3.28
CA ASN C 324 9.94 21.43 2.50
C ASN C 324 11.43 21.59 2.74
N PRO C 325 12.27 21.09 1.83
CA PRO C 325 13.72 21.11 2.07
C PRO C 325 14.28 22.52 2.22
N GLY C 326 14.07 23.37 1.22
CA GLY C 326 14.47 24.76 1.32
C GLY C 326 13.43 25.71 0.82
N SER C 327 12.89 26.55 1.72
CA SER C 327 11.89 27.54 1.37
C SER C 327 11.66 28.44 2.58
N GLN C 328 11.47 29.73 2.33
CA GLN C 328 11.11 30.68 3.36
C GLN C 328 9.63 31.03 3.32
N SER C 329 8.85 30.37 2.47
CA SER C 329 7.43 30.64 2.39
C SER C 329 6.69 30.06 3.59
N THR C 330 5.46 30.51 3.78
CA THR C 330 4.61 30.07 4.88
C THR C 330 3.37 29.33 4.37
N ARG C 331 3.51 28.60 3.28
CA ARG C 331 2.39 27.88 2.70
C ARG C 331 1.99 26.70 3.57
N ARG C 332 0.71 26.34 3.50
CA ARG C 332 0.14 25.26 4.28
C ARG C 332 0.06 23.98 3.45
N TYR C 333 0.24 22.83 4.10
CA TYR C 333 0.42 21.58 3.38
C TYR C 333 -0.87 21.14 2.69
N ILE C 334 -1.91 20.84 3.46
CA ILE C 334 -3.17 20.37 2.91
C ILE C 334 -4.32 21.20 3.48
N GLU C 335 -5.23 21.60 2.60
CA GLU C 335 -6.38 22.40 3.01
C GLU C 335 -7.63 21.89 2.31
N ILE C 336 -8.76 22.02 2.99
CA ILE C 336 -10.07 21.80 2.39
C ILE C 336 -10.80 23.13 2.45
N THR C 337 -10.96 23.78 1.29
CA THR C 337 -11.54 25.11 1.26
C THR C 337 -13.03 25.09 1.54
N ALA C 338 -13.80 24.41 0.68
CA ALA C 338 -15.25 24.36 0.83
C ALA C 338 -15.76 23.05 0.29
N GLY C 339 -16.65 22.40 1.03
CA GLY C 339 -17.24 21.15 0.60
C GLY C 339 -18.35 20.72 1.51
N HIS C 340 -19.14 19.77 1.02
CA HIS C 340 -20.25 19.23 1.83
C HIS C 340 -19.71 18.25 2.86
N THR C 341 -19.16 17.12 2.40
CA THR C 341 -18.54 16.15 3.29
C THR C 341 -17.52 15.30 2.54
N ASN C 342 -16.23 15.56 2.75
CA ASN C 342 -15.17 14.80 2.12
C ASN C 342 -14.11 14.45 3.15
N ILE C 343 -13.27 13.47 2.81
CA ILE C 343 -12.35 12.88 3.76
C ILE C 343 -10.93 12.94 3.19
N PHE C 344 -9.96 13.04 4.11
CA PHE C 344 -8.54 12.99 3.78
C PHE C 344 -7.88 12.00 4.73
N ASN C 345 -7.05 11.12 4.18
CA ASN C 345 -6.47 10.01 4.94
C ASN C 345 -4.95 10.02 4.77
N VAL C 346 -4.24 10.10 5.89
CA VAL C 346 -2.79 9.95 5.93
C VAL C 346 -2.47 8.77 6.85
N VAL C 347 -1.73 7.80 6.34
CA VAL C 347 -1.41 6.58 7.07
C VAL C 347 0.09 6.32 6.94
N GLY C 348 0.79 6.35 8.06
CA GLY C 348 2.18 5.93 8.10
C GLY C 348 3.13 6.72 7.24
N GLY C 349 2.96 8.04 7.20
CA GLY C 349 3.86 8.90 6.44
C GLY C 349 4.41 10.04 7.26
N SER C 350 5.73 10.04 7.49
CA SER C 350 6.34 11.02 8.37
C SER C 350 6.16 12.43 7.83
N ILE C 351 5.85 13.36 8.73
CA ILE C 351 5.72 14.78 8.40
C ILE C 351 6.82 15.52 9.12
N VAL C 352 7.62 16.28 8.37
CA VAL C 352 8.74 17.02 8.92
C VAL C 352 8.72 18.45 8.40
N THR C 353 8.94 19.40 9.29
CA THR C 353 9.00 20.82 8.95
C THR C 353 10.38 21.34 9.28
N ASN C 354 11.01 22.02 8.32
CA ASN C 354 12.36 22.53 8.50
C ASN C 354 12.31 23.92 9.14
N ALA C 355 13.48 24.56 9.20
CA ALA C 355 13.57 25.89 9.81
C ALA C 355 12.92 26.93 8.93
N ASN C 356 12.34 27.95 9.56
CA ASN C 356 11.68 29.03 8.85
C ASN C 356 11.70 30.28 9.72
N ALA C 357 11.53 31.43 9.07
CA ALA C 357 11.48 32.72 9.78
C ALA C 357 10.03 33.03 10.16
N GLY C 358 9.46 32.11 10.93
CA GLY C 358 8.08 32.22 11.34
C GLY C 358 7.12 31.57 10.34
N GLN C 359 5.95 31.18 10.85
CA GLN C 359 4.92 30.55 10.05
C GLN C 359 3.67 31.43 9.94
N THR C 360 3.09 31.80 11.08
CA THR C 360 1.89 32.64 11.12
C THR C 360 0.77 32.05 10.26
N GLN C 361 0.67 30.72 10.26
CA GLN C 361 -0.32 30.03 9.46
C GLN C 361 -0.53 28.64 10.05
N ALA C 362 -1.64 28.02 9.67
CA ALA C 362 -1.96 26.66 10.07
C ALA C 362 -1.56 25.70 8.95
N LEU C 363 -0.76 24.69 9.29
CA LEU C 363 -0.17 23.82 8.27
C LEU C 363 -1.25 23.02 7.53
N ILE C 364 -2.27 22.55 8.25
CA ILE C 364 -3.35 21.78 7.64
C ILE C 364 -4.67 22.40 8.06
N HIS C 365 -5.61 22.49 7.12
CA HIS C 365 -6.83 23.27 7.32
C HIS C 365 -8.06 22.47 6.93
N VAL C 366 -9.06 22.48 7.82
CA VAL C 366 -10.36 21.86 7.60
C VAL C 366 -11.43 22.92 7.77
N SER C 367 -12.43 22.90 6.89
CA SER C 367 -13.51 23.87 6.90
C SER C 367 -14.86 23.18 6.86
N ALA C 368 -15.87 23.87 7.42
CA ALA C 368 -17.26 23.45 7.39
C ALA C 368 -17.39 22.09 8.07
N ASN C 369 -17.87 21.05 7.39
CA ASN C 369 -18.08 19.73 7.97
C ASN C 369 -17.04 18.72 7.52
N ASN C 370 -15.91 19.17 6.98
CA ASN C 370 -14.95 18.26 6.39
C ASN C 370 -14.05 17.66 7.47
N GLN C 371 -13.43 16.53 7.15
CA GLN C 371 -12.69 15.75 8.12
C GLN C 371 -11.39 15.22 7.51
N ILE C 372 -10.33 15.24 8.31
CA ILE C 372 -9.06 14.58 7.99
C ILE C 372 -8.78 13.56 9.08
N ASN C 373 -8.46 12.33 8.67
CA ASN C 373 -8.11 11.25 9.60
C ASN C 373 -6.63 10.93 9.47
N LEU C 374 -5.94 10.91 10.60
CA LEU C 374 -4.52 10.58 10.67
C LEU C 374 -4.33 9.34 11.53
N SER C 375 -3.41 8.48 11.12
CA SER C 375 -3.15 7.25 11.87
C SER C 375 -1.70 6.84 11.62
N ASN C 376 -1.09 6.25 12.66
CA ASN C 376 0.31 5.83 12.62
C ASN C 376 1.21 7.00 12.21
N LEU C 377 1.01 8.13 12.88
CA LEU C 377 1.64 9.38 12.52
C LEU C 377 2.44 9.93 13.69
N THR C 378 3.44 10.75 13.38
CA THR C 378 4.19 11.51 14.37
C THR C 378 4.00 13.00 14.10
N ILE C 379 3.80 13.78 15.15
CA ILE C 379 3.51 15.21 15.04
C ILE C 379 4.78 15.96 15.44
N PRO C 380 5.46 16.62 14.51
CA PRO C 380 6.66 17.38 14.88
C PRO C 380 6.30 18.73 15.47
N TYR C 381 7.29 19.33 16.14
CA TYR C 381 7.14 20.66 16.70
C TYR C 381 8.43 21.45 16.51
N GLY C 382 8.28 22.77 16.39
CA GLY C 382 9.41 23.66 16.26
C GLY C 382 9.17 24.95 17.02
N ALA C 383 10.26 25.70 17.19
CA ALA C 383 10.21 26.96 17.94
C ALA C 383 9.84 28.15 17.06
N HIS C 384 9.43 27.93 15.81
CA HIS C 384 9.13 29.02 14.88
C HIS C 384 7.75 28.86 14.24
N TYR C 385 6.80 28.28 14.98
CA TYR C 385 5.45 28.13 14.45
C TYR C 385 4.64 29.41 14.61
N GLN C 386 4.39 29.81 15.86
CA GLN C 386 3.55 30.98 16.16
C GLN C 386 2.18 30.86 15.51
N GLN C 387 1.58 29.67 15.60
CA GLN C 387 0.29 29.42 14.97
C GLN C 387 -0.81 30.29 15.56
N GLU C 388 -0.65 30.74 16.80
CA GLU C 388 -1.69 31.51 17.48
C GLU C 388 -1.90 32.89 16.88
N ALA C 389 -0.99 33.37 16.03
CA ALA C 389 -1.10 34.72 15.50
C ALA C 389 -2.28 34.88 14.56
N ASP C 390 -2.59 33.85 13.77
CA ASP C 390 -3.59 33.96 12.71
C ASP C 390 -4.95 33.38 13.09
N SER C 391 -4.99 32.24 13.77
CA SER C 391 -6.23 31.51 14.01
C SER C 391 -6.47 31.29 15.50
N GLY C 392 -6.27 32.32 16.32
CA GLY C 392 -6.63 32.22 17.72
C GLY C 392 -5.76 31.27 18.52
N TYR C 393 -6.33 30.11 18.86
CA TYR C 393 -5.64 29.13 19.69
C TYR C 393 -4.35 28.65 19.01
N HIS C 394 -3.35 28.36 19.84
CA HIS C 394 -2.09 27.80 19.37
C HIS C 394 -2.27 26.29 19.21
N ALA C 395 -2.36 25.84 17.96
CA ALA C 395 -2.57 24.42 17.68
C ALA C 395 -1.98 24.11 16.31
N PHE C 396 -2.05 22.83 15.95
CA PHE C 396 -1.53 22.34 14.68
C PHE C 396 -2.56 22.38 13.56
N CYS C 397 -3.78 22.82 13.85
CA CYS C 397 -4.85 22.86 12.85
C CYS C 397 -5.64 24.15 13.02
N SER C 398 -6.70 24.29 12.23
CA SER C 398 -7.57 25.46 12.30
C SER C 398 -8.86 25.14 11.55
N GLY C 399 -9.82 26.03 11.68
CA GLY C 399 -11.09 25.92 10.99
C GLY C 399 -12.15 25.20 11.81
N GLN C 400 -13.37 25.20 11.28
CA GLN C 400 -14.51 24.59 11.96
C GLN C 400 -14.62 23.09 11.71
N GLY C 401 -13.74 22.52 10.89
CA GLY C 401 -13.81 21.10 10.60
C GLY C 401 -13.45 20.24 11.79
N TYR C 402 -13.65 18.93 11.62
CA TYR C 402 -13.41 17.94 12.65
C TYR C 402 -12.26 17.04 12.26
N VAL C 403 -11.32 16.84 13.18
CA VAL C 403 -10.14 16.02 12.95
C VAL C 403 -10.16 14.86 13.94
N SER C 404 -10.01 13.64 13.42
CA SER C 404 -9.95 12.44 14.23
C SER C 404 -8.63 11.72 13.97
N THR C 405 -7.92 11.38 15.05
CA THR C 405 -6.62 10.72 14.93
C THR C 405 -6.56 9.55 15.91
N SER C 406 -5.82 8.53 15.52
CA SER C 406 -5.64 7.33 16.34
C SER C 406 -4.21 6.82 16.17
N ASN C 407 -3.60 6.39 17.27
CA ASN C 407 -2.26 5.82 17.32
C ASN C 407 -1.17 6.80 16.91
N CYS C 408 -1.45 8.11 16.91
CA CYS C 408 -0.44 9.09 16.55
C CYS C 408 0.66 9.13 17.60
N SER C 409 1.89 9.38 17.15
CA SER C 409 3.03 9.37 18.07
C SER C 409 3.07 10.63 18.91
N LEU C 410 3.14 11.80 18.26
CA LEU C 410 3.23 13.09 18.95
C LEU C 410 4.46 13.07 19.84
N GLN C 411 5.64 13.05 19.22
CA GLN C 411 6.90 12.94 19.94
C GLN C 411 6.98 13.95 21.09
N LEU C 412 7.54 13.50 22.21
CA LEU C 412 7.71 14.32 23.40
C LEU C 412 9.13 14.86 23.44
N LEU C 413 9.33 15.92 24.24
CA LEU C 413 10.62 16.57 24.46
C LEU C 413 10.94 17.48 23.28
N ASN C 414 12.03 17.20 22.57
CA ASN C 414 12.38 17.89 21.33
C ASN C 414 12.52 19.40 21.55
N GLY C 415 13.39 19.77 22.48
CA GLY C 415 13.66 21.17 22.73
C GLY C 415 12.49 21.93 23.31
N ALA C 416 11.86 22.79 22.50
CA ALA C 416 10.79 23.64 22.98
C ALA C 416 9.62 22.83 23.53
N GLY C 417 9.24 21.77 22.81
CA GLY C 417 8.15 20.93 23.27
C GLY C 417 7.24 20.40 22.18
N CYS C 418 5.93 20.46 22.41
CA CYS C 418 4.94 19.96 21.46
C CYS C 418 3.68 20.79 21.58
N CYS C 419 2.84 20.70 20.54
CA CYS C 419 1.62 21.48 20.45
C CYS C 419 0.42 20.58 20.18
N PRO C 420 -0.76 20.98 20.62
CA PRO C 420 -1.97 20.20 20.31
C PRO C 420 -2.26 20.19 18.82
N ILE C 421 -2.92 19.13 18.35
CA ILE C 421 -3.21 18.99 16.94
C ILE C 421 -4.44 19.79 16.55
N HIS C 422 -5.58 19.50 17.16
CA HIS C 422 -6.84 20.16 16.78
C HIS C 422 -7.70 20.31 18.03
N PRO C 423 -8.41 21.43 18.17
CA PRO C 423 -9.25 21.64 19.36
C PRO C 423 -10.47 20.74 19.47
N SER C 424 -10.88 20.07 18.39
CA SER C 424 -12.06 19.22 18.45
C SER C 424 -11.85 17.98 19.33
N LEU C 425 -10.60 17.67 19.67
CA LEU C 425 -10.30 16.54 20.55
C LEU C 425 -10.17 16.98 22.00
N SER C 426 -10.51 18.22 22.31
CA SER C 426 -10.41 18.72 23.68
C SER C 426 -11.31 17.90 24.61
N VAL C 427 -10.76 17.49 25.75
CA VAL C 427 -11.53 16.70 26.70
C VAL C 427 -12.46 17.58 27.51
N PHE C 428 -12.10 18.85 27.70
CA PHE C 428 -12.96 19.78 28.43
C PHE C 428 -14.07 20.28 27.52
N THR C 429 -15.29 20.29 28.05
CA THR C 429 -16.45 20.65 27.24
C THR C 429 -16.53 22.15 26.97
N ASN C 430 -15.92 22.97 27.82
CA ASN C 430 -16.00 24.42 27.70
C ASN C 430 -14.58 24.98 27.74
N TRP C 431 -13.95 25.11 26.57
CA TRP C 431 -12.60 25.66 26.47
C TRP C 431 -12.59 27.08 25.93
N ASN C 432 -13.32 27.34 24.85
CA ASN C 432 -13.38 28.66 24.23
C ASN C 432 -14.46 29.56 24.83
N LEU C 433 -15.03 29.18 25.97
CA LEU C 433 -16.07 29.97 26.63
C LEU C 433 -17.26 30.22 25.71
N SER C 434 -17.68 29.16 25.00
CA SER C 434 -18.82 29.26 24.10
C SER C 434 -20.15 29.12 24.83
N TYR C 435 -20.14 28.64 26.07
CA TYR C 435 -21.38 28.47 26.82
C TYR C 435 -21.97 29.80 27.29
N ALA C 436 -21.23 30.89 27.15
CA ALA C 436 -21.70 32.24 27.53
C ALA C 436 -22.02 32.35 29.01
N ASN C 437 -21.37 31.53 29.84
CA ASN C 437 -21.52 31.59 31.28
C ASN C 437 -20.36 30.84 31.92
N LEU C 438 -20.45 30.66 33.24
CA LEU C 438 -19.40 30.01 34.03
C LEU C 438 -19.64 28.51 34.18
N ASN C 439 -20.34 27.87 33.25
CA ASN C 439 -20.63 26.46 33.34
C ASN C 439 -19.36 25.63 33.16
N ALA C 440 -19.35 24.44 33.78
CA ALA C 440 -18.30 23.44 33.63
C ALA C 440 -16.98 23.87 34.27
N TRP C 441 -16.93 25.08 34.82
CA TRP C 441 -15.76 25.59 35.52
C TRP C 441 -16.10 25.79 36.99
N THR C 442 -15.33 25.18 37.88
CA THR C 442 -15.55 25.32 39.31
C THR C 442 -14.66 26.43 39.85
N VAL C 443 -15.26 27.46 40.44
CA VAL C 443 -14.54 28.60 40.97
C VAL C 443 -14.57 28.55 42.49
N ASP C 444 -13.42 28.80 43.10
CA ASP C 444 -13.29 28.80 44.56
C ASP C 444 -12.52 30.04 44.97
N LYS C 445 -13.19 30.93 45.71
CA LYS C 445 -12.59 32.15 46.23
C LYS C 445 -12.41 31.96 47.72
N GLY C 446 -11.19 31.61 48.13
CA GLY C 446 -10.93 31.33 49.54
C GLY C 446 -11.04 32.59 50.38
N SER C 447 -11.52 32.41 51.61
CA SER C 447 -11.58 33.46 52.64
C SER C 447 -12.46 34.59 52.13
N ALA C 448 -11.93 35.77 51.83
CA ALA C 448 -12.76 36.94 51.58
C ALA C 448 -13.47 36.85 50.24
N PRO C 449 -14.77 37.15 50.19
CA PRO C 449 -15.46 37.28 48.90
C PRO C 449 -15.05 38.54 48.14
N THR C 450 -15.78 38.86 47.08
CA THR C 450 -15.71 40.07 46.25
C THR C 450 -14.58 39.95 45.22
N SER C 451 -13.81 38.88 45.22
CA SER C 451 -12.87 38.64 44.13
C SER C 451 -13.62 38.46 42.82
N VAL C 452 -13.18 39.15 41.77
CA VAL C 452 -13.91 39.22 40.51
C VAL C 452 -13.42 38.13 39.59
N ALA C 453 -14.34 37.26 39.15
CA ALA C 453 -14.05 36.20 38.21
C ALA C 453 -15.18 36.02 37.20
N GLU C 454 -15.83 37.12 36.82
CA GLU C 454 -16.95 37.06 35.90
C GLU C 454 -16.47 36.93 34.46
N TYR C 455 -17.41 36.70 33.55
CA TYR C 455 -17.13 36.45 32.15
C TYR C 455 -17.73 37.57 31.30
N LEU C 456 -16.93 38.14 30.41
CA LEU C 456 -17.38 39.14 29.45
C LEU C 456 -17.10 38.63 28.04
N SER C 457 -18.01 38.95 27.11
CA SER C 457 -17.93 38.47 25.74
C SER C 457 -17.55 39.61 24.79
N ALA C 458 -17.41 39.26 23.51
CA ALA C 458 -17.11 40.17 22.42
C ALA C 458 -15.74 40.84 22.57
N GLN C 459 -14.86 40.27 23.39
CA GLN C 459 -13.51 40.79 23.56
C GLN C 459 -12.55 39.60 23.60
N GLY C 460 -11.56 39.61 22.70
CA GLY C 460 -10.57 38.56 22.64
C GLY C 460 -9.67 38.69 21.43
N PRO C 461 -8.76 37.73 21.26
CA PRO C 461 -7.84 37.77 20.11
C PRO C 461 -8.56 37.70 18.78
N LYS C 462 -9.65 36.94 18.72
CA LYS C 462 -10.43 36.79 17.49
C LYS C 462 -11.92 36.99 17.71
N GLY C 463 -12.35 37.38 18.91
CA GLY C 463 -13.75 37.60 19.20
C GLY C 463 -14.35 36.65 20.23
N GLU C 464 -13.67 35.57 20.61
CA GLU C 464 -14.20 34.68 21.61
C GLU C 464 -14.12 35.33 22.99
N GLY C 465 -14.97 34.85 23.90
CA GLY C 465 -15.01 35.41 25.24
C GLY C 465 -13.76 35.07 26.02
N VAL C 466 -13.47 35.91 27.02
CA VAL C 466 -12.30 35.76 27.88
C VAL C 466 -12.79 35.68 29.32
N LEU C 467 -12.20 34.76 30.09
CA LEU C 467 -12.56 34.58 31.50
C LEU C 467 -11.45 35.19 32.36
N HIS C 468 -11.63 36.46 32.68
CA HIS C 468 -10.65 37.19 33.47
C HIS C 468 -10.93 37.03 34.96
N VAL C 469 -9.87 37.02 35.75
CA VAL C 469 -9.98 36.94 37.21
C VAL C 469 -9.25 38.14 37.80
N ALA C 470 -9.87 38.78 38.79
CA ALA C 470 -9.31 39.94 39.49
C ALA C 470 -9.39 39.70 40.99
N PRO C 471 -8.51 38.86 41.53
CA PRO C 471 -8.57 38.54 42.96
C PRO C 471 -7.85 39.58 43.82
N THR C 472 -8.44 39.88 44.97
CA THR C 472 -7.88 40.83 45.92
C THR C 472 -7.58 40.12 47.23
N THR C 473 -6.41 40.41 47.81
CA THR C 473 -5.95 39.98 49.13
C THR C 473 -6.07 38.47 49.35
N GLN C 474 -6.29 37.71 48.28
CA GLN C 474 -6.41 36.26 48.36
C GLN C 474 -6.47 35.71 46.94
N GLY C 475 -6.02 34.47 46.78
CA GLY C 475 -6.05 33.81 45.49
C GLY C 475 -7.38 33.13 45.20
N VAL C 476 -7.63 32.93 43.91
CA VAL C 476 -8.83 32.24 43.44
C VAL C 476 -8.40 31.03 42.62
N ASN C 477 -9.10 29.91 42.80
CA ASN C 477 -8.76 28.66 42.13
C ASN C 477 -9.87 28.28 41.16
N ILE C 478 -9.49 27.96 39.93
CA ILE C 478 -10.42 27.50 38.90
C ILE C 478 -10.07 26.07 38.55
N SER C 479 -11.00 25.15 38.79
CA SER C 479 -10.73 23.73 38.67
C SER C 479 -11.77 23.07 37.78
N GLN C 480 -11.31 22.06 37.04
CA GLN C 480 -12.19 21.24 36.21
C GLN C 480 -11.65 19.82 36.17
N VAL C 481 -12.54 18.86 35.93
CA VAL C 481 -12.19 17.43 35.91
C VAL C 481 -12.70 16.83 34.61
N ALA C 482 -11.83 16.09 33.92
CA ALA C 482 -12.18 15.41 32.68
C ALA C 482 -11.75 13.96 32.76
N THR C 483 -12.28 13.15 31.85
CA THR C 483 -12.00 11.71 31.81
C THR C 483 -11.10 11.39 30.62
N VAL C 484 -10.13 10.50 30.83
CA VAL C 484 -9.18 10.12 29.79
C VAL C 484 -9.72 8.91 29.03
N SER C 485 -9.26 8.76 27.79
CA SER C 485 -9.65 7.63 26.96
C SER C 485 -8.41 7.03 26.30
N LYS C 486 -8.53 5.76 25.92
CA LYS C 486 -7.47 5.01 25.24
C LYS C 486 -6.21 4.90 26.10
N GLN C 487 -6.39 4.87 27.42
CA GLN C 487 -5.32 4.60 28.40
C GLN C 487 -4.24 5.66 28.23
N ALA C 488 -2.97 5.29 28.02
CA ALA C 488 -1.89 6.26 28.01
C ALA C 488 -1.96 7.14 26.77
N GLY C 489 -1.59 8.41 26.95
CA GLY C 489 -1.56 9.35 25.85
C GLY C 489 -0.59 10.48 26.13
N SER C 490 -0.80 11.58 25.40
CA SER C 490 0.00 12.79 25.55
C SER C 490 -0.90 13.95 25.93
N MET C 491 -0.30 14.99 26.54
CA MET C 491 -1.11 16.09 27.06
C MET C 491 -1.24 17.23 26.05
N SER C 492 -0.11 17.80 25.61
CA SER C 492 -0.06 18.84 24.59
C SER C 492 -0.93 20.05 24.99
N MET C 493 -0.51 20.68 26.08
CA MET C 493 -1.21 21.84 26.60
C MET C 493 -0.97 23.07 25.73
N SER C 494 -1.96 23.95 25.70
CA SER C 494 -1.84 25.25 25.02
C SER C 494 -2.95 26.20 25.48
N VAL C 495 -2.57 27.35 26.05
CA VAL C 495 -3.51 28.33 26.56
C VAL C 495 -3.03 29.72 26.18
N MET C 496 -3.94 30.55 25.67
CA MET C 496 -3.66 31.96 25.45
C MET C 496 -3.85 32.72 26.76
N VAL C 497 -2.85 33.50 27.15
CA VAL C 497 -2.87 34.22 28.42
C VAL C 497 -2.56 35.69 28.15
N ASN C 498 -3.37 36.58 28.72
CA ASN C 498 -3.13 38.02 28.66
C ASN C 498 -3.07 38.57 30.07
N ILE C 499 -2.05 39.39 30.33
CA ILE C 499 -1.81 39.97 31.65
C ILE C 499 -1.89 41.48 31.50
N ILE C 500 -3.00 42.07 31.93
CA ILE C 500 -3.16 43.53 31.84
C ILE C 500 -2.24 44.22 32.84
N SER C 501 -2.11 43.68 34.06
CA SER C 501 -1.26 44.24 35.09
C SER C 501 -0.45 43.12 35.71
N ALA C 502 0.85 43.35 35.88
CA ALA C 502 1.75 42.34 36.43
C ALA C 502 2.63 42.97 37.50
N SER C 503 2.60 42.39 38.70
CA SER C 503 3.45 42.82 39.79
C SER C 503 4.41 41.74 40.29
N SER C 504 4.08 40.46 40.10
CA SER C 504 4.93 39.36 40.53
C SER C 504 4.63 38.15 39.65
N ASN C 505 5.18 37.01 40.05
CA ASN C 505 4.99 35.76 39.31
C ASN C 505 3.61 35.21 39.63
N ALA C 506 2.61 35.68 38.90
CA ALA C 506 1.23 35.23 39.09
C ALA C 506 0.95 34.04 38.18
N GLY C 507 1.60 32.91 38.52
CA GLY C 507 1.50 31.72 37.70
C GLY C 507 0.85 30.53 38.39
N GLN C 508 1.56 29.40 38.40
CA GLN C 508 1.10 28.16 39.04
C GLN C 508 -0.22 27.68 38.44
N ILE C 509 -0.14 27.34 37.15
CA ILE C 509 -1.20 26.62 36.45
C ILE C 509 -0.80 25.15 36.41
N SER C 510 -1.65 24.28 36.96
CA SER C 510 -1.28 22.90 37.21
C SER C 510 -2.25 21.92 36.55
N LEU C 511 -1.72 20.76 36.21
CA LEU C 511 -2.49 19.65 35.67
C LEU C 511 -2.09 18.39 36.41
N ALA C 512 -3.08 17.64 36.90
CA ALA C 512 -2.83 16.49 37.75
C ALA C 512 -3.53 15.25 37.20
N TYR C 513 -2.92 14.09 37.43
CA TYR C 513 -3.48 12.81 37.02
C TYR C 513 -4.05 12.09 38.24
N LEU C 514 -5.24 11.50 38.06
CA LEU C 514 -5.90 10.75 39.12
C LEU C 514 -6.40 9.42 38.55
N ASP C 515 -6.48 8.42 39.42
CA ASP C 515 -7.02 7.13 39.04
C ASP C 515 -8.53 7.10 39.24
N ALA C 516 -9.12 5.92 39.09
CA ALA C 516 -10.56 5.76 39.26
C ALA C 516 -11.01 5.95 40.71
N PHE C 517 -10.09 5.92 41.66
CA PHE C 517 -10.41 6.06 43.08
C PHE C 517 -9.85 7.34 43.70
N ASP C 518 -9.51 8.32 42.86
CA ASP C 518 -9.04 9.64 43.30
C ASP C 518 -7.77 9.53 44.16
N ASN C 519 -6.74 8.96 43.55
CA ASN C 519 -5.41 8.89 44.15
C ASN C 519 -4.42 9.59 43.23
N ASN C 520 -3.59 10.46 43.80
CA ASN C 520 -2.65 11.24 43.01
C ASN C 520 -1.61 10.33 42.36
N LEU C 521 -1.31 10.62 41.09
CA LEU C 521 -0.31 9.87 40.35
C LEU C 521 0.77 10.76 39.74
N GLY C 522 0.65 12.08 39.83
CA GLY C 522 1.61 12.98 39.26
C GLY C 522 0.98 14.21 38.62
N GLY C 523 1.80 15.13 38.14
CA GLY C 523 1.28 16.32 37.51
C GLY C 523 2.39 17.17 36.94
N VAL C 524 1.97 18.21 36.20
CA VAL C 524 2.88 19.16 35.58
C VAL C 524 2.36 20.57 35.84
N SER C 525 3.28 21.49 36.11
CA SER C 525 2.93 22.87 36.44
C SER C 525 3.70 23.83 35.57
N ALA C 526 3.10 24.98 35.31
CA ALA C 526 3.70 26.06 34.54
C ALA C 526 3.47 27.39 35.24
N ASN C 527 4.34 28.34 34.96
CA ASN C 527 4.29 29.66 35.57
C ASN C 527 3.96 30.71 34.52
N LEU C 528 2.94 31.53 34.79
CA LEU C 528 2.63 32.65 33.92
C LEU C 528 3.74 33.69 33.97
N GLY C 529 4.07 34.24 32.81
CA GLY C 529 5.15 35.20 32.69
C GLY C 529 4.80 36.57 33.22
N THR C 530 5.51 37.58 32.70
CA THR C 530 5.32 38.96 33.12
C THR C 530 4.95 39.88 31.96
N THR C 531 5.24 39.49 30.73
CA THR C 531 4.98 40.36 29.58
C THR C 531 3.49 40.62 29.44
N THR C 532 3.17 41.83 28.97
CA THR C 532 1.78 42.27 28.89
C THR C 532 1.03 41.57 27.76
N GLY C 533 1.69 41.34 26.63
CA GLY C 533 1.02 40.86 25.44
C GLY C 533 0.43 39.46 25.59
N TRP C 534 -0.34 39.08 24.57
CA TRP C 534 -1.04 37.80 24.57
C TRP C 534 -0.07 36.65 24.31
N LYS C 535 0.46 36.06 25.39
CA LYS C 535 1.43 34.99 25.25
C LYS C 535 0.73 33.63 25.22
N VAL C 536 1.50 32.60 24.89
CA VAL C 536 1.04 31.22 24.89
C VAL C 536 1.76 30.47 25.99
N ILE C 537 1.02 29.66 26.74
CA ILE C 537 1.57 28.80 27.78
C ILE C 537 1.21 27.36 27.46
N GLY C 538 2.22 26.50 27.40
CA GLY C 538 2.01 25.10 27.07
C GLY C 538 3.03 24.59 26.07
N LYS C 539 3.99 25.44 25.70
CA LYS C 539 5.09 24.99 24.85
C LYS C 539 5.92 23.92 25.56
N ASN C 540 6.21 24.13 26.84
CA ASN C 540 6.97 23.18 27.63
C ASN C 540 6.34 23.07 29.02
N THR C 541 6.98 22.28 29.88
CA THR C 541 6.64 22.09 31.30
C THR C 541 5.15 21.80 31.52
N LEU C 542 4.44 21.38 30.47
CA LEU C 542 3.06 20.93 30.60
C LEU C 542 2.79 19.69 29.75
N ARG C 543 3.81 19.11 29.12
CA ARG C 543 3.67 17.93 28.30
C ARG C 543 4.11 16.70 29.10
N GLY C 544 3.75 15.53 28.60
CA GLY C 544 4.13 14.30 29.24
C GLY C 544 3.29 13.14 28.74
N ARG C 545 3.65 11.96 29.24
CA ARG C 545 2.92 10.74 28.92
C ARG C 545 2.21 10.24 30.18
N LEU C 546 0.93 9.92 30.03
CA LEU C 546 0.12 9.59 31.18
C LEU C 546 0.59 8.28 31.81
N PRO C 547 0.65 8.19 33.14
CA PRO C 547 1.01 6.93 33.78
C PRO C 547 -0.04 5.86 33.50
N VAL C 548 0.42 4.60 33.50
CA VAL C 548 -0.47 3.49 33.22
C VAL C 548 -1.50 3.37 34.34
N GLY C 549 -2.77 3.36 33.98
CA GLY C 549 -3.86 3.22 34.93
C GLY C 549 -4.56 4.51 35.30
N THR C 550 -4.18 5.64 34.71
CA THR C 550 -4.86 6.89 35.01
C THR C 550 -6.28 6.87 34.47
N ALA C 551 -7.16 7.61 35.14
CA ALA C 551 -8.58 7.61 34.77
C ALA C 551 -9.10 9.02 34.55
N LYS C 552 -8.61 9.99 35.31
CA LYS C 552 -9.12 11.36 35.24
C LYS C 552 -7.96 12.35 35.22
N VAL C 553 -8.25 13.52 34.64
CA VAL C 553 -7.30 14.62 34.53
C VAL C 553 -7.93 15.84 35.18
N ARG C 554 -7.21 16.48 36.10
CA ARG C 554 -7.70 17.64 36.83
C ARG C 554 -6.90 18.86 36.41
N LEU C 555 -7.61 19.92 36.01
CA LEU C 555 -7.01 21.19 35.64
C LEU C 555 -7.25 22.20 36.75
N ASN C 556 -6.16 22.84 37.21
CA ASN C 556 -6.22 23.87 38.23
C ASN C 556 -5.53 25.13 37.72
N ILE C 557 -6.16 26.27 37.95
CA ILE C 557 -5.62 27.57 37.59
C ILE C 557 -5.63 28.45 38.84
N GLN C 558 -4.47 29.01 39.16
CA GLN C 558 -4.30 29.79 40.37
C GLN C 558 -3.74 31.17 40.03
N THR C 559 -4.16 32.18 40.78
CA THR C 559 -3.66 33.54 40.63
C THR C 559 -3.36 34.12 41.99
N VAL C 560 -2.16 34.67 42.16
CA VAL C 560 -1.80 35.30 43.42
C VAL C 560 -2.55 36.63 43.55
N ALA C 561 -2.74 37.07 44.79
CA ALA C 561 -3.42 38.33 45.05
C ALA C 561 -2.66 39.48 44.43
N GLY C 562 -3.40 40.47 43.94
CA GLY C 562 -2.79 41.59 43.24
C GLY C 562 -3.05 41.56 41.75
N ALA C 563 -2.05 41.14 40.98
CA ALA C 563 -2.14 41.17 39.52
C ALA C 563 -3.33 40.36 39.03
N ASP C 564 -4.01 40.89 38.01
CA ASP C 564 -5.17 40.26 37.41
C ASP C 564 -4.84 39.87 35.97
N VAL C 565 -5.30 38.67 35.57
CA VAL C 565 -4.96 38.08 34.29
C VAL C 565 -6.24 37.64 33.59
N GLN C 566 -6.09 37.04 32.41
CA GLN C 566 -7.21 36.45 31.71
C GLN C 566 -6.71 35.34 30.79
N TYR C 567 -7.51 34.29 30.65
CA TYR C 567 -7.14 33.10 29.89
C TYR C 567 -8.16 32.86 28.79
N THR C 568 -7.72 32.16 27.74
CA THR C 568 -8.58 31.80 26.63
C THR C 568 -8.01 30.54 25.98
N ASN C 569 -8.90 29.77 25.34
CA ASN C 569 -8.56 28.50 24.71
C ASN C 569 -7.85 27.57 25.68
N ILE C 570 -8.44 27.41 26.87
CA ILE C 570 -7.90 26.51 27.87
C ILE C 570 -8.33 25.09 27.52
N LEU C 571 -7.52 24.41 26.72
CA LEU C 571 -7.89 23.12 26.15
C LEU C 571 -6.77 22.12 26.34
N CYS C 572 -7.12 20.90 26.72
CA CYS C 572 -6.23 19.75 26.64
C CYS C 572 -6.44 19.06 25.30
N ASN C 573 -5.49 18.22 24.91
CA ASN C 573 -5.58 17.46 23.67
C ASN C 573 -4.85 16.13 23.86
N ILE C 574 -5.59 15.10 24.22
CA ILE C 574 -5.02 13.78 24.47
C ILE C 574 -4.74 13.09 23.15
N ILE C 575 -3.58 12.44 23.07
CA ILE C 575 -3.11 11.67 21.90
C ILE C 575 -3.43 12.38 20.58
#